data_2YP1
#
_entry.id   2YP1
#
_cell.length_a   112.750
_cell.length_b   144.880
_cell.length_c   134.460
_cell.angle_alpha   90.00
_cell.angle_beta   90.00
_cell.angle_gamma   90.00
#
_symmetry.space_group_name_H-M   'P 21 21 2'
#
loop_
_entity.id
_entity.type
_entity.pdbx_description
1 polymer 'AROMATIC PEROXYGENASE'
2 branched alpha-D-mannopyranose-(1-2)-alpha-D-mannopyranose-(1-3)-[alpha-D-mannopyranose-(1-6)]beta-D-mannopyranose-(1-4)-2-acetamido-2-deoxy-beta-D-glucopyranose-(1-4)-2-acetamido-2-deoxy-beta-D-glucopyranose
3 branched alpha-D-mannopyranose-(1-6)-alpha-D-mannopyranose-(1-6)-beta-D-mannopyranose-(1-4)-2-acetamido-2-deoxy-beta-D-glucopyranose-(1-4)-2-acetamido-2-deoxy-beta-D-glucopyranose
4 branched 2-acetamido-2-deoxy-beta-D-glucopyranose-(1-4)-2-acetamido-2-deoxy-beta-D-glucopyranose
5 branched alpha-D-mannopyranose-(1-2)-alpha-D-mannopyranose-(1-3)-[alpha-D-mannopyranose-(1-3)-[alpha-D-mannopyranose-(1-6)]alpha-D-mannopyranose-(1-6)]beta-D-mannopyranose-(1-4)-2-acetamido-2-deoxy-beta-D-glucopyranose-(1-4)-2-acetamido-2-deoxy-beta-D-glucopyranose
6 branched beta-D-mannopyranose-(1-4)-2-acetamido-2-deoxy-beta-D-glucopyranose-(1-4)-2-acetamido-2-deoxy-beta-D-glucopyranose
7 non-polymer 'PROTOPORPHYRIN IX CONTAINING FE'
8 non-polymer 'MAGNESIUM ION'
9 non-polymer 'ACETATE ION'
10 non-polymer 'SULFATE ION'
11 non-polymer 2-acetamido-2-deoxy-beta-D-glucopyranose
12 water water
#
_entity_poly.entity_id   1
_entity_poly.type   'polypeptide(L)'
_entity_poly.pdbx_seq_one_letter_code
;LPPGPLENSSAKLVNDEAHPWKPLRPGDIRGPCPGLNTLASHGYLPRNGVATPVQIINAVQEGLNFDNQAAVFATYAAHL
VDGNLITDLLSIGRKTRLTGPDPPPPASVGGLNEHGTFEGDASMTRGDAFFGNNHDFNETLFEQLVDYSNRFGGGKYNLT
VAGELRFKRIQDSIATNPNFSFVDFRFFTAYGETTFPANLFVDGRRDDGQLDMDAARSFFQFSRMPDDFFRAPSPRSGTG
VEVVIQAHPMQPGRNVGKINSYTVDPTSSDFSTPCLMYEKFVNITVKSLYPNPTVQLRKALNTNLDFFFQGVAAGCTQVF
PYGRD
;
_entity_poly.pdbx_strand_id   A,B,C,D
#
loop_
_chem_comp.id
_chem_comp.type
_chem_comp.name
_chem_comp.formula
ACT non-polymer 'ACETATE ION' 'C2 H3 O2 -1'
BMA D-saccharide, beta linking beta-D-mannopyranose 'C6 H12 O6'
HEM non-polymer 'PROTOPORPHYRIN IX CONTAINING FE' 'C34 H32 Fe N4 O4'
MAN D-saccharide, alpha linking alpha-D-mannopyranose 'C6 H12 O6'
MG non-polymer 'MAGNESIUM ION' 'Mg 2'
NAG D-saccharide, beta linking 2-acetamido-2-deoxy-beta-D-glucopyranose 'C8 H15 N O6'
SO4 non-polymer 'SULFATE ION' 'O4 S -2'
#
# COMPACT_ATOMS: atom_id res chain seq x y z
N LEU A 1 -31.55 -0.78 30.28
CA LEU A 1 -32.09 -0.63 28.89
C LEU A 1 -31.02 -0.14 27.92
N PRO A 2 -31.03 -0.68 26.69
CA PRO A 2 -30.21 -0.18 25.60
C PRO A 2 -30.55 1.27 25.32
N PRO A 3 -29.54 2.12 25.22
CA PRO A 3 -29.73 3.46 24.71
C PRO A 3 -30.62 3.38 23.47
N GLY A 4 -31.44 4.40 23.25
CA GLY A 4 -32.09 4.57 21.96
C GLY A 4 -31.25 5.43 21.04
N PRO A 5 -31.80 5.80 19.88
CA PRO A 5 -31.11 6.52 18.81
C PRO A 5 -30.63 7.88 19.29
N LEU A 6 -29.61 8.44 18.65
CA LEU A 6 -29.19 9.81 18.95
C LEU A 6 -30.39 10.75 18.80
N GLU A 7 -30.41 11.83 19.59
CA GLU A 7 -31.43 12.86 19.44
C GLU A 7 -31.09 13.74 18.25
N ASN A 8 -29.81 14.11 18.13
CA ASN A 8 -29.33 14.85 16.98
C ASN A 8 -28.27 14.06 16.22
N SER A 9 -28.64 13.49 15.07
CA SER A 9 -27.72 12.61 14.32
C SER A 9 -26.93 13.25 13.15
N SER A 10 -26.90 14.58 13.06
CA SER A 10 -26.09 15.19 12.00
C SER A 10 -24.59 15.00 12.17
N ALA A 11 -23.86 15.22 11.07
CA ALA A 11 -22.41 15.23 11.06
C ALA A 11 -21.86 16.24 12.07
N LYS A 12 -20.79 15.87 12.76
CA LYS A 12 -20.06 16.80 13.61
C LYS A 12 -18.62 16.34 13.81
N LEU A 13 -17.76 17.24 14.28
CA LEU A 13 -16.39 16.88 14.60
C LEU A 13 -16.39 15.84 15.70
N VAL A 14 -15.74 14.70 15.47
CA VAL A 14 -15.64 13.72 16.54
C VAL A 14 -14.21 13.49 16.99
N ASN A 15 -13.26 13.93 16.17
CA ASN A 15 -11.89 13.96 16.63
C ASN A 15 -11.65 15.28 17.34
N ASP A 16 -12.14 15.39 18.58
CA ASP A 16 -12.22 16.68 19.26
C ASP A 16 -11.45 16.76 20.56
N GLU A 17 -11.48 17.95 21.16
CA GLU A 17 -10.71 18.26 22.37
C GLU A 17 -11.08 17.29 23.47
N ALA A 18 -12.37 16.97 23.56
CA ALA A 18 -12.87 15.99 24.51
C ALA A 18 -12.38 14.56 24.23
N HIS A 19 -12.01 14.28 22.98
CA HIS A 19 -11.77 12.90 22.54
C HIS A 19 -10.52 12.78 21.68
N PRO A 20 -9.35 13.02 22.30
CA PRO A 20 -8.07 12.95 21.61
C PRO A 20 -7.58 11.51 21.49
N TRP A 21 -6.89 11.22 20.40
CA TRP A 21 -6.20 9.96 20.29
C TRP A 21 -5.07 9.88 21.32
N LYS A 22 -4.80 8.70 21.86
CA LYS A 22 -3.69 8.50 22.80
C LYS A 22 -3.09 7.12 22.58
N PRO A 23 -1.76 7.04 22.56
CA PRO A 23 -1.12 5.76 22.33
C PRO A 23 -1.50 4.74 23.42
N LEU A 24 -1.36 3.46 23.10
CA LEU A 24 -1.58 2.41 24.09
C LEU A 24 -0.62 2.48 25.28
N ARG A 25 -1.17 2.43 26.49
CA ARG A 25 -0.49 1.88 27.66
C ARG A 25 -0.29 0.36 27.47
N PRO A 26 0.60 -0.25 28.28
CA PRO A 26 0.68 -1.71 28.32
C PRO A 26 -0.49 -2.29 29.13
N GLY A 27 -1.03 -3.43 28.66
CA GLY A 27 -2.31 -3.93 29.17
C GLY A 27 -3.57 -3.19 28.70
N ASP A 28 -3.40 -2.27 27.77
CA ASP A 28 -4.57 -1.70 27.10
C ASP A 28 -5.07 -2.66 26.06
N ILE A 29 -6.38 -2.85 26.01
CA ILE A 29 -6.94 -3.92 25.19
C ILE A 29 -7.52 -3.43 23.85
N ARG A 30 -7.02 -4.03 22.76
CA ARG A 30 -7.57 -3.76 21.43
C ARG A 30 -7.80 -5.09 20.70
N GLY A 31 -8.83 -5.15 19.87
CA GLY A 31 -9.30 -6.40 19.30
C GLY A 31 -9.52 -6.33 17.80
N PRO A 32 -10.40 -7.20 17.28
CA PRO A 32 -10.38 -7.40 15.83
C PRO A 32 -11.27 -6.37 15.14
N CYS A 33 -11.88 -5.47 15.92
CA CYS A 33 -12.80 -4.47 15.39
C CYS A 33 -12.14 -3.11 15.35
N PRO A 34 -11.96 -2.57 14.14
CA PRO A 34 -11.39 -1.23 14.00
C PRO A 34 -12.35 -0.19 14.57
N GLY A 35 -13.65 -0.43 14.48
CA GLY A 35 -14.59 0.54 15.01
C GLY A 35 -14.50 0.73 16.53
N LEU A 36 -14.67 -0.36 17.29
CA LEU A 36 -14.46 -0.28 18.74
C LEU A 36 -13.02 0.11 19.09
N ASN A 37 -12.05 -0.42 18.37
CA ASN A 37 -10.67 -0.01 18.66
C ASN A 37 -10.48 1.51 18.66
N THR A 38 -11.08 2.18 17.69
CA THR A 38 -10.84 3.58 17.44
C THR A 38 -11.59 4.40 18.49
N LEU A 39 -12.75 3.91 18.91
CA LEU A 39 -13.50 4.61 19.92
C LEU A 39 -12.81 4.53 21.27
N ALA A 40 -12.18 3.40 21.56
CA ALA A 40 -11.43 3.23 22.81
C ALA A 40 -10.18 4.12 22.85
N SER A 41 -9.49 4.25 21.71
CA SER A 41 -8.27 5.05 21.60
C SER A 41 -8.55 6.55 21.52
N HIS A 42 -9.83 6.91 21.45
CA HIS A 42 -10.26 8.31 21.50
C HIS A 42 -11.04 8.65 22.75
N GLY A 43 -11.22 7.67 23.63
CA GLY A 43 -11.91 7.91 24.90
C GLY A 43 -13.42 7.99 24.73
N TYR A 44 -13.94 7.55 23.58
CA TYR A 44 -15.38 7.33 23.50
C TYR A 44 -15.79 6.09 24.31
N LEU A 45 -14.91 5.10 24.33
CA LEU A 45 -15.03 3.96 25.22
C LEU A 45 -13.92 4.05 26.28
N PRO A 46 -14.01 3.21 27.32
CA PRO A 46 -12.88 3.22 28.23
C PRO A 46 -11.59 2.82 27.54
N ARG A 47 -10.52 3.56 27.82
CA ARG A 47 -9.31 3.46 27.02
C ARG A 47 -8.60 2.12 27.16
N ASN A 48 -8.89 1.39 28.23
CA ASN A 48 -8.26 0.10 28.45
C ASN A 48 -8.97 -1.06 27.73
N GLY A 49 -10.13 -0.79 27.16
CA GLY A 49 -10.76 -1.75 26.24
C GLY A 49 -11.77 -2.68 26.90
N VAL A 50 -12.39 -2.23 27.97
CA VAL A 50 -13.38 -3.03 28.67
C VAL A 50 -14.56 -2.14 28.95
N ALA A 51 -15.75 -2.60 28.57
CA ALA A 51 -16.89 -1.69 28.52
C ALA A 51 -18.20 -2.41 28.77
N THR A 52 -19.21 -1.66 29.20
CA THR A 52 -20.58 -2.18 29.22
C THR A 52 -21.24 -2.12 27.85
N PRO A 53 -22.24 -2.99 27.61
CA PRO A 53 -23.15 -2.83 26.49
C PRO A 53 -23.60 -1.39 26.29
N VAL A 54 -24.04 -0.75 27.36
CA VAL A 54 -24.60 0.59 27.24
C VAL A 54 -23.51 1.59 26.84
N GLN A 55 -22.31 1.38 27.35
CA GLN A 55 -21.16 2.20 26.96
C GLN A 55 -20.78 2.05 25.48
N ILE A 56 -20.66 0.80 25.03
CA ILE A 56 -20.39 0.46 23.63
C ILE A 56 -21.43 1.03 22.65
N ILE A 57 -22.70 0.87 22.98
CA ILE A 57 -23.77 1.40 22.14
C ILE A 57 -23.79 2.93 22.05
N ASN A 58 -23.40 3.61 23.13
CA ASN A 58 -23.40 5.07 23.10
C ASN A 58 -22.21 5.51 22.31
N ALA A 59 -21.08 4.86 22.56
CA ALA A 59 -19.85 5.10 21.80
C ALA A 59 -20.06 5.03 20.30
N VAL A 60 -20.55 3.89 19.80
CA VAL A 60 -20.61 3.70 18.34
C VAL A 60 -21.55 4.74 17.71
N GLN A 61 -22.62 5.06 18.42
CA GLN A 61 -23.57 6.06 17.94
C GLN A 61 -22.97 7.46 17.98
N GLU A 62 -22.28 7.80 19.07
CA GLU A 62 -21.84 9.18 19.26
C GLU A 62 -20.60 9.41 18.44
N GLY A 63 -19.73 8.42 18.44
CA GLY A 63 -18.44 8.54 17.80
C GLY A 63 -18.49 8.40 16.29
N LEU A 64 -19.42 7.59 15.80
CA LEU A 64 -19.37 7.14 14.40
C LEU A 64 -20.73 7.11 13.68
N ASN A 65 -21.81 7.37 14.41
CA ASN A 65 -23.16 7.29 13.87
C ASN A 65 -23.55 5.91 13.36
N PHE A 66 -23.05 4.87 14.00
CA PHE A 66 -23.66 3.55 13.87
C PHE A 66 -25.15 3.64 14.21
N ASP A 67 -26.00 3.00 13.43
CA ASP A 67 -27.43 3.06 13.67
C ASP A 67 -27.88 2.22 14.87
N ASN A 68 -28.97 2.64 15.51
CA ASN A 68 -29.34 2.09 16.83
C ASN A 68 -29.67 0.59 16.82
N GLN A 69 -30.44 0.12 15.85
CA GLN A 69 -30.67 -1.34 15.73
C GLN A 69 -29.41 -2.17 15.46
N ALA A 70 -28.54 -1.69 14.57
CA ALA A 70 -27.33 -2.45 14.31
C ALA A 70 -26.43 -2.46 15.55
N ALA A 71 -26.43 -1.37 16.30
CA ALA A 71 -25.64 -1.28 17.52
C ALA A 71 -26.12 -2.26 18.59
N VAL A 72 -27.43 -2.33 18.79
CA VAL A 72 -28.04 -3.26 19.72
C VAL A 72 -27.81 -4.71 19.30
N PHE A 73 -28.04 -5.00 18.03
CA PHE A 73 -27.84 -6.36 17.50
C PHE A 73 -26.40 -6.86 17.71
N ALA A 74 -25.43 -6.05 17.31
CA ALA A 74 -24.03 -6.46 17.35
C ALA A 74 -23.51 -6.48 18.80
N THR A 75 -23.95 -5.52 19.59
CA THR A 75 -23.41 -5.34 20.93
C THR A 75 -23.89 -6.45 21.88
N TYR A 76 -25.18 -6.76 21.81
CA TYR A 76 -25.74 -7.84 22.61
C TYR A 76 -25.46 -9.26 22.10
N ALA A 77 -25.22 -9.43 20.80
CA ALA A 77 -24.66 -10.71 20.35
C ALA A 77 -23.29 -10.93 20.97
N ALA A 78 -22.42 -9.94 20.86
CA ALA A 78 -21.05 -10.09 21.35
C ALA A 78 -21.03 -10.38 22.85
N HIS A 79 -21.83 -9.64 23.60
CA HIS A 79 -21.80 -9.73 25.05
C HIS A 79 -22.29 -11.11 25.46
N LEU A 80 -23.39 -11.54 24.86
CA LEU A 80 -23.95 -12.87 25.09
C LEU A 80 -22.87 -13.95 25.02
N VAL A 81 -22.06 -13.92 23.96
CA VAL A 81 -21.10 -15.00 23.71
C VAL A 81 -19.68 -14.74 24.22
N ASP A 82 -19.32 -13.48 24.43
CA ASP A 82 -17.92 -13.09 24.74
C ASP A 82 -17.75 -12.29 26.04
N GLY A 83 -18.86 -11.78 26.58
CA GLY A 83 -18.79 -10.91 27.76
C GLY A 83 -19.24 -11.62 29.04
N ASN A 84 -19.11 -10.91 30.15
CA ASN A 84 -19.56 -11.42 31.44
C ASN A 84 -20.95 -10.89 31.77
N LEU A 85 -21.94 -11.76 31.71
CA LEU A 85 -23.33 -11.34 31.89
C LEU A 85 -23.64 -10.90 33.35
N ILE A 86 -22.85 -11.41 34.29
CA ILE A 86 -23.01 -11.01 35.69
C ILE A 86 -22.38 -9.63 35.96
N THR A 87 -21.15 -9.42 35.51
CA THR A 87 -20.49 -8.13 35.77
C THR A 87 -20.91 -7.08 34.75
N ASP A 88 -21.41 -7.54 33.61
CA ASP A 88 -21.91 -6.67 32.52
C ASP A 88 -20.77 -6.01 31.77
N LEU A 89 -19.67 -6.75 31.63
CA LEU A 89 -18.46 -6.19 31.08
C LEU A 89 -17.96 -7.09 29.95
N LEU A 90 -17.50 -6.47 28.87
CA LEU A 90 -16.97 -7.18 27.71
C LEU A 90 -15.63 -6.56 27.32
N SER A 91 -14.66 -7.41 26.98
CA SER A 91 -13.37 -6.96 26.50
C SER A 91 -13.45 -6.85 24.98
N ILE A 92 -13.01 -5.72 24.43
CA ILE A 92 -13.09 -5.53 22.99
C ILE A 92 -11.97 -6.30 22.33
N GLY A 93 -11.25 -7.08 23.16
CA GLY A 93 -10.07 -7.81 22.72
C GLY A 93 -9.90 -9.15 23.43
N ARG A 94 -8.74 -9.34 24.07
CA ARG A 94 -8.37 -10.63 24.65
C ARG A 94 -9.21 -10.99 25.89
N LYS A 95 -9.22 -12.27 26.25
CA LYS A 95 -9.77 -12.66 27.55
C LYS A 95 -9.01 -11.90 28.63
N THR A 96 -9.73 -11.19 29.49
CA THR A 96 -9.08 -10.52 30.61
C THR A 96 -9.81 -10.76 31.93
N ARG A 97 -9.04 -11.06 32.96
CA ARG A 97 -9.60 -11.24 34.29
C ARG A 97 -10.27 -9.92 34.72
N LEU A 98 -10.00 -8.84 33.99
CA LEU A 98 -10.67 -7.58 34.30
C LEU A 98 -12.19 -7.55 34.02
N THR A 99 -12.75 -8.58 33.40
CA THR A 99 -14.23 -8.65 33.31
C THR A 99 -14.90 -9.28 34.53
N GLY A 100 -14.09 -9.76 35.45
CA GLY A 100 -14.61 -10.25 36.73
C GLY A 100 -14.66 -11.75 36.82
N PRO A 101 -15.32 -12.27 37.87
CA PRO A 101 -15.33 -13.69 38.15
C PRO A 101 -16.02 -14.45 37.02
N ASP A 102 -15.34 -15.45 36.51
CA ASP A 102 -15.83 -16.16 35.34
C ASP A 102 -17.03 -17.02 35.73
N PRO A 103 -17.99 -17.17 34.80
CA PRO A 103 -19.01 -18.18 35.00
C PRO A 103 -18.35 -19.51 34.69
N PRO A 104 -19.09 -20.61 34.82
CA PRO A 104 -18.48 -21.93 34.66
C PRO A 104 -18.50 -22.40 33.21
N PRO A 105 -17.69 -23.40 32.89
CA PRO A 105 -17.58 -23.98 31.56
C PRO A 105 -18.92 -24.56 31.09
N PRO A 106 -19.15 -24.61 29.77
CA PRO A 106 -18.14 -24.36 28.77
C PRO A 106 -18.14 -22.92 28.25
N ALA A 107 -18.77 -22.00 28.98
CA ALA A 107 -18.68 -20.58 28.68
C ALA A 107 -17.25 -20.06 28.84
N SER A 108 -16.79 -19.26 27.88
CA SER A 108 -15.39 -18.89 27.85
C SER A 108 -15.13 -17.44 28.29
N VAL A 109 -16.10 -16.56 28.09
CA VAL A 109 -15.88 -15.12 28.25
C VAL A 109 -14.51 -14.70 27.72
N GLY A 110 -14.23 -15.07 26.48
CA GLY A 110 -12.94 -14.83 25.86
C GLY A 110 -12.79 -13.46 25.21
N GLY A 111 -13.78 -12.58 25.41
CA GLY A 111 -13.74 -11.27 24.78
C GLY A 111 -13.84 -11.34 23.27
N LEU A 112 -13.79 -10.19 22.60
CA LEU A 112 -13.96 -10.15 21.14
C LEU A 112 -12.98 -11.03 20.37
N ASN A 113 -11.77 -11.22 20.89
CA ASN A 113 -10.76 -12.08 20.24
C ASN A 113 -11.18 -13.56 20.13
N GLU A 114 -12.23 -13.95 20.85
CA GLU A 114 -12.62 -15.37 20.92
C GLU A 114 -13.07 -15.88 19.55
N HIS A 115 -12.23 -16.69 18.93
CA HIS A 115 -12.55 -17.25 17.62
C HIS A 115 -13.81 -18.10 17.60
N GLY A 116 -14.75 -17.76 16.72
CA GLY A 116 -15.80 -18.69 16.36
C GLY A 116 -17.11 -18.32 17.01
N THR A 117 -17.07 -17.37 17.94
CA THR A 117 -18.31 -16.87 18.53
C THR A 117 -18.87 -15.64 17.79
N PHE A 118 -18.17 -14.52 17.87
CA PHE A 118 -18.41 -13.39 16.96
C PHE A 118 -17.29 -13.31 15.92
N GLU A 119 -16.03 -13.23 16.37
CA GLU A 119 -14.86 -13.20 15.48
C GLU A 119 -14.83 -14.39 14.54
N GLY A 120 -14.35 -14.17 13.32
CA GLY A 120 -14.32 -15.24 12.33
C GLY A 120 -13.40 -15.00 11.15
N ASP A 121 -13.40 -15.98 10.25
CA ASP A 121 -12.41 -16.07 9.20
C ASP A 121 -12.69 -15.05 8.08
N ALA A 122 -11.72 -14.93 7.18
CA ALA A 122 -11.83 -14.07 6.01
C ALA A 122 -12.04 -12.61 6.42
N SER A 123 -11.38 -12.17 7.48
CA SER A 123 -11.37 -10.74 7.78
C SER A 123 -10.54 -9.93 6.78
N MET A 124 -10.81 -8.64 6.68
CA MET A 124 -10.11 -7.83 5.67
C MET A 124 -8.64 -7.61 6.02
N THR A 125 -8.39 -7.36 7.30
CA THR A 125 -7.10 -6.88 7.73
C THR A 125 -6.55 -7.69 8.91
N ARG A 126 -7.24 -8.77 9.28
CA ARG A 126 -6.79 -9.66 10.35
C ARG A 126 -6.68 -11.07 9.79
N GLY A 127 -5.62 -11.79 10.17
CA GLY A 127 -5.49 -13.19 9.80
C GLY A 127 -6.52 -14.10 10.43
N ASP A 128 -6.77 -15.25 9.80
CA ASP A 128 -7.67 -16.24 10.38
C ASP A 128 -7.01 -16.80 11.65
N ALA A 129 -7.82 -17.19 12.64
CA ALA A 129 -7.29 -17.77 13.89
C ALA A 129 -6.41 -18.99 13.67
N PHE A 130 -6.73 -19.81 12.69
CA PHE A 130 -5.90 -20.97 12.39
C PHE A 130 -4.41 -20.64 12.30
N PHE A 131 -4.09 -19.52 11.66
CA PHE A 131 -2.69 -19.13 11.48
C PHE A 131 -2.05 -18.54 12.74
N GLY A 132 -2.86 -18.10 13.70
CA GLY A 132 -2.34 -17.93 15.06
C GLY A 132 -2.47 -16.58 15.73
N ASN A 133 -3.04 -15.61 15.02
CA ASN A 133 -3.31 -14.28 15.58
C ASN A 133 -4.46 -13.69 14.81
N ASN A 134 -5.64 -13.67 15.44
CA ASN A 134 -6.88 -13.32 14.76
C ASN A 134 -7.30 -11.89 15.03
N HIS A 135 -6.41 -11.11 15.62
CA HIS A 135 -6.83 -9.80 16.16
C HIS A 135 -5.94 -8.61 15.79
N ASP A 136 -4.64 -8.83 15.64
CA ASP A 136 -3.71 -7.75 15.33
C ASP A 136 -3.90 -7.29 13.89
N PHE A 137 -3.69 -6.01 13.64
CA PHE A 137 -3.53 -5.49 12.28
C PHE A 137 -2.48 -6.28 11.56
N ASN A 138 -2.82 -6.69 10.36
CA ASN A 138 -1.91 -7.48 9.56
C ASN A 138 -1.59 -6.74 8.25
N GLU A 139 -0.32 -6.47 8.02
CA GLU A 139 0.11 -5.47 7.06
C GLU A 139 -0.03 -5.97 5.62
N THR A 140 0.31 -7.24 5.41
CA THR A 140 0.16 -7.89 4.10
C THR A 140 -1.28 -7.85 3.56
N LEU A 141 -2.25 -8.06 4.45
CA LEU A 141 -3.66 -8.03 4.07
C LEU A 141 -4.13 -6.59 3.78
N PHE A 142 -3.68 -5.64 4.60
CA PHE A 142 -3.97 -4.26 4.35
C PHE A 142 -3.40 -3.79 2.99
N GLU A 143 -2.20 -4.25 2.66
CA GLU A 143 -1.61 -4.05 1.35
C GLU A 143 -2.47 -4.63 0.22
N GLN A 144 -3.12 -5.76 0.46
CA GLN A 144 -4.09 -6.28 -0.53
C GLN A 144 -5.31 -5.34 -0.64
N LEU A 145 -5.76 -4.82 0.49
CA LEU A 145 -6.85 -3.85 0.51
C LEU A 145 -6.44 -2.56 -0.25
N VAL A 146 -5.21 -2.13 -0.08
CA VAL A 146 -4.73 -0.96 -0.82
C VAL A 146 -4.69 -1.25 -2.33
N ASP A 147 -4.16 -2.42 -2.69
CA ASP A 147 -4.14 -2.87 -4.08
C ASP A 147 -5.52 -2.96 -4.71
N TYR A 148 -6.46 -3.58 -4.01
CA TYR A 148 -7.81 -3.72 -4.55
C TYR A 148 -8.52 -2.35 -4.65
N SER A 149 -8.13 -1.41 -3.80
CA SER A 149 -8.70 -0.06 -3.88
C SER A 149 -8.19 0.69 -5.11
N ASN A 150 -6.90 0.49 -5.42
CA ASN A 150 -6.35 0.95 -6.67
C ASN A 150 -6.99 0.28 -7.88
N ARG A 151 -7.24 -1.02 -7.81
CA ARG A 151 -7.75 -1.72 -8.98
C ARG A 151 -9.26 -1.48 -9.24
N PHE A 152 -10.06 -1.31 -8.20
CA PHE A 152 -11.52 -1.29 -8.39
C PHE A 152 -12.17 -0.02 -7.89
N GLY A 153 -11.38 0.86 -7.29
CA GLY A 153 -11.93 1.96 -6.53
C GLY A 153 -11.30 3.28 -6.97
N GLY A 154 -10.51 3.23 -8.03
CA GLY A 154 -9.71 4.37 -8.47
C GLY A 154 -8.76 4.92 -7.41
N GLY A 155 -8.25 4.04 -6.54
CA GLY A 155 -7.40 4.51 -5.48
C GLY A 155 -8.11 4.57 -4.14
N LYS A 156 -9.43 4.47 -4.14
CA LYS A 156 -10.20 4.59 -2.91
C LYS A 156 -10.95 3.29 -2.58
N TYR A 157 -11.26 3.08 -1.31
CA TYR A 157 -12.08 1.95 -0.92
C TYR A 157 -13.55 2.32 -1.04
N ASN A 158 -14.32 1.55 -1.80
CA ASN A 158 -15.75 1.80 -1.94
C ASN A 158 -16.49 0.49 -2.08
N LEU A 159 -17.83 0.52 -2.21
CA LEU A 159 -18.60 -0.74 -2.23
C LEU A 159 -18.17 -1.70 -3.32
N THR A 160 -17.72 -1.17 -4.45
CA THR A 160 -17.25 -2.05 -5.53
C THR A 160 -15.96 -2.78 -5.09
N VAL A 161 -15.09 -2.08 -4.36
CA VAL A 161 -13.89 -2.70 -3.81
C VAL A 161 -14.24 -3.74 -2.72
N ALA A 162 -15.24 -3.41 -1.93
CA ALA A 162 -15.73 -4.29 -0.88
C ALA A 162 -16.20 -5.61 -1.48
N GLY A 163 -16.90 -5.54 -2.61
CA GLY A 163 -17.36 -6.72 -3.34
C GLY A 163 -16.24 -7.64 -3.82
N GLU A 164 -15.18 -7.06 -4.36
CA GLU A 164 -14.07 -7.86 -4.85
C GLU A 164 -13.23 -8.39 -3.69
N LEU A 165 -13.01 -7.56 -2.68
CA LEU A 165 -12.15 -7.95 -1.55
C LEU A 165 -12.79 -9.02 -0.67
N ARG A 166 -14.09 -8.91 -0.46
CA ARG A 166 -14.80 -9.91 0.34
C ARG A 166 -14.69 -11.32 -0.27
N PHE A 167 -14.82 -11.39 -1.58
CA PHE A 167 -14.71 -12.67 -2.30
C PHE A 167 -13.28 -13.19 -2.30
N LYS A 168 -12.35 -12.29 -2.54
CA LYS A 168 -10.97 -12.70 -2.52
C LYS A 168 -10.48 -13.24 -1.15
N ARG A 169 -10.91 -12.63 -0.04
CA ARG A 169 -10.55 -13.10 1.29
C ARG A 169 -11.15 -14.50 1.58
N ILE A 170 -12.37 -14.71 1.12
CA ILE A 170 -12.96 -16.06 1.10
C ILE A 170 -12.11 -17.09 0.33
N GLN A 171 -11.88 -16.82 -0.95
CA GLN A 171 -10.97 -17.63 -1.75
C GLN A 171 -9.62 -17.84 -1.05
N ASP A 172 -9.03 -16.77 -0.52
CA ASP A 172 -7.75 -16.91 0.20
C ASP A 172 -7.86 -17.98 1.30
N SER A 173 -8.86 -17.85 2.15
CA SER A 173 -9.00 -18.78 3.27
C SER A 173 -9.29 -20.22 2.82
N ILE A 174 -10.15 -20.38 1.83
CA ILE A 174 -10.41 -21.71 1.29
C ILE A 174 -9.10 -22.35 0.83
N ALA A 175 -8.22 -21.53 0.25
CA ALA A 175 -7.02 -22.08 -0.39
C ALA A 175 -5.92 -22.36 0.62
N THR A 176 -6.03 -21.82 1.84
CA THR A 176 -4.91 -21.86 2.77
C THR A 176 -5.30 -22.29 4.19
N ASN A 177 -6.58 -22.28 4.51
CA ASN A 177 -6.96 -22.56 5.88
C ASN A 177 -7.82 -23.82 5.99
N PRO A 178 -7.19 -24.94 6.38
CA PRO A 178 -7.87 -26.22 6.33
C PRO A 178 -9.02 -26.25 7.30
N ASN A 179 -9.06 -25.25 8.17
CA ASN A 179 -10.09 -25.11 9.18
C ASN A 179 -11.11 -24.02 8.88
N PHE A 180 -11.03 -23.47 7.67
CA PHE A 180 -11.93 -22.37 7.25
C PHE A 180 -13.36 -22.70 7.64
N SER A 181 -13.99 -21.78 8.35
CA SER A 181 -15.42 -21.88 8.59
C SER A 181 -16.09 -20.56 8.29
N PHE A 182 -17.20 -20.66 7.57
CA PHE A 182 -17.86 -19.50 6.99
C PHE A 182 -19.34 -19.77 6.90
N VAL A 183 -19.99 -19.94 8.06
CA VAL A 183 -21.40 -20.33 8.10
C VAL A 183 -22.13 -19.45 9.09
N ASP A 184 -23.46 -19.43 9.00
CA ASP A 184 -24.25 -18.87 10.10
C ASP A 184 -23.82 -17.44 10.45
N PHE A 185 -23.44 -17.20 11.70
CA PHE A 185 -23.29 -15.83 12.16
C PHE A 185 -22.14 -15.12 11.44
N ARG A 186 -21.08 -15.86 11.15
CA ARG A 186 -19.87 -15.26 10.60
C ARG A 186 -20.11 -14.98 9.13
N PHE A 187 -20.87 -15.86 8.51
CA PHE A 187 -21.31 -15.65 7.14
C PHE A 187 -22.13 -14.35 7.02
N PHE A 188 -22.94 -14.05 8.01
CA PHE A 188 -23.77 -12.86 7.94
C PHE A 188 -22.96 -11.59 8.19
N THR A 189 -22.13 -11.59 9.23
CA THR A 189 -21.45 -10.34 9.59
C THR A 189 -20.26 -10.02 8.70
N ALA A 190 -19.74 -11.03 7.98
CA ALA A 190 -18.51 -10.80 7.27
C ALA A 190 -18.80 -9.92 6.06
N TYR A 191 -20.04 -9.99 5.56
CA TYR A 191 -20.49 -9.14 4.49
C TYR A 191 -20.78 -7.72 4.95
N GLY A 192 -21.61 -7.55 5.98
CA GLY A 192 -21.97 -6.22 6.45
C GLY A 192 -20.68 -5.44 6.76
N GLU A 193 -19.73 -6.12 7.38
CA GLU A 193 -18.49 -5.46 7.82
C GLU A 193 -17.71 -4.80 6.68
N THR A 194 -17.76 -5.38 5.48
CA THR A 194 -17.02 -4.79 4.38
C THR A 194 -17.70 -3.53 3.83
N THR A 195 -18.93 -3.24 4.27
CA THR A 195 -19.55 -1.98 3.91
C THR A 195 -19.18 -0.88 4.89
N PHE A 196 -18.82 -1.26 6.12
CA PHE A 196 -18.62 -0.27 7.16
C PHE A 196 -17.61 0.84 6.80
N PRO A 197 -16.44 0.47 6.27
CA PRO A 197 -15.40 1.49 6.02
C PRO A 197 -15.86 2.59 5.06
N ALA A 198 -16.68 2.20 4.09
CA ALA A 198 -17.18 3.08 3.06
C ALA A 198 -18.36 3.89 3.61
N ASN A 199 -19.11 3.29 4.53
CA ASN A 199 -20.33 3.96 5.06
C ASN A 199 -20.01 4.86 6.25
N LEU A 200 -18.93 4.55 6.97
CA LEU A 200 -18.73 5.06 8.32
C LEU A 200 -17.39 5.75 8.55
N PHE A 201 -16.38 5.32 7.83
CA PHE A 201 -15.01 5.84 8.04
C PHE A 201 -14.78 7.03 7.13
N VAL A 202 -15.77 7.32 6.30
CA VAL A 202 -15.68 8.38 5.32
C VAL A 202 -16.17 9.71 5.94
N ASP A 203 -15.30 10.71 5.93
CA ASP A 203 -15.67 11.97 6.55
C ASP A 203 -17.10 12.35 6.23
N GLY A 204 -17.84 12.78 7.25
CA GLY A 204 -19.26 13.02 7.14
C GLY A 204 -19.65 14.21 6.29
N ARG A 205 -18.69 15.11 6.03
CA ARG A 205 -18.98 16.28 5.21
C ARG A 205 -19.02 15.95 3.72
N ARG A 206 -18.40 14.83 3.34
CA ARG A 206 -18.51 14.30 1.99
C ARG A 206 -19.59 13.22 1.89
N ASP A 207 -19.55 12.28 2.83
CA ASP A 207 -20.37 11.06 2.75
C ASP A 207 -20.51 10.50 1.35
N ASP A 208 -19.40 10.32 0.63
CA ASP A 208 -19.48 10.01 -0.79
C ASP A 208 -19.08 8.57 -1.10
N GLY A 209 -18.94 7.75 -0.05
CA GLY A 209 -18.69 6.33 -0.19
C GLY A 209 -17.28 5.97 -0.70
N GLN A 210 -16.37 6.95 -0.72
CA GLN A 210 -15.02 6.72 -1.25
C GLN A 210 -13.99 6.99 -0.16
N LEU A 211 -13.47 5.93 0.46
CA LEU A 211 -12.53 6.11 1.55
C LEU A 211 -11.06 6.10 1.08
N ASP A 212 -10.30 7.11 1.48
CA ASP A 212 -8.92 7.27 1.03
C ASP A 212 -8.00 6.38 1.87
N MET A 213 -6.84 6.01 1.32
CA MET A 213 -5.96 5.05 1.98
C MET A 213 -5.26 5.59 3.26
N ASP A 214 -5.04 6.89 3.34
CA ASP A 214 -4.55 7.56 4.57
CA ASP A 214 -4.52 7.47 4.57
C ASP A 214 -5.51 7.30 5.73
N ALA A 215 -6.80 7.54 5.47
CA ALA A 215 -7.80 7.40 6.50
C ALA A 215 -8.05 5.91 6.86
N ALA A 216 -7.98 5.04 5.85
CA ALA A 216 -8.17 3.60 6.05
C ALA A 216 -7.09 3.00 6.96
N ARG A 217 -5.82 3.34 6.70
CA ARG A 217 -4.72 2.90 7.56
C ARG A 217 -4.87 3.44 8.98
N SER A 218 -5.14 4.72 9.09
CA SER A 218 -5.40 5.31 10.38
C SER A 218 -6.34 4.46 11.25
N PHE A 219 -7.57 4.31 10.78
CA PHE A 219 -8.57 3.48 11.44
C PHE A 219 -8.11 2.04 11.68
N PHE A 220 -7.65 1.37 10.64
CA PHE A 220 -7.47 -0.09 10.71
C PHE A 220 -6.21 -0.46 11.49
N GLN A 221 -5.17 0.37 11.38
CA GLN A 221 -3.88 0.10 12.04
C GLN A 221 -3.74 0.80 13.39
N PHE A 222 -4.05 2.10 13.44
CA PHE A 222 -3.69 2.90 14.60
C PHE A 222 -4.88 3.25 15.45
N SER A 223 -6.05 2.76 15.04
CA SER A 223 -7.27 3.08 15.74
C SER A 223 -7.33 4.58 16.01
N ARG A 224 -7.06 5.35 14.95
CA ARG A 224 -7.07 6.80 15.01
C ARG A 224 -7.93 7.45 13.92
N MET A 225 -8.82 8.33 14.34
CA MET A 225 -9.53 9.18 13.40
C MET A 225 -8.60 10.15 12.68
N PRO A 226 -8.90 10.42 11.41
CA PRO A 226 -8.13 11.46 10.70
C PRO A 226 -8.26 12.78 11.45
N ASP A 227 -7.28 13.66 11.31
CA ASP A 227 -7.46 15.05 11.75
C ASP A 227 -8.78 15.59 11.29
N ASP A 228 -9.54 16.14 12.23
CA ASP A 228 -10.73 16.92 11.91
C ASP A 228 -11.84 16.07 11.31
N PHE A 229 -11.77 14.76 11.57
CA PHE A 229 -12.80 13.83 11.14
C PHE A 229 -14.19 14.19 11.66
N PHE A 230 -15.11 14.45 10.75
CA PHE A 230 -16.53 14.44 11.08
C PHE A 230 -17.13 13.03 10.92
N ARG A 231 -18.03 12.68 11.82
CA ARG A 231 -18.84 11.47 11.65
C ARG A 231 -19.85 11.62 10.53
N ALA A 232 -20.47 10.51 10.18
CA ALA A 232 -21.41 10.45 9.08
C ALA A 232 -22.61 11.33 9.41
N PRO A 233 -23.33 11.82 8.38
CA PRO A 233 -24.41 12.80 8.55
C PRO A 233 -25.75 12.20 8.93
N SER A 234 -25.80 10.88 9.09
CA SER A 234 -27.01 10.21 9.58
C SER A 234 -26.65 8.82 10.13
N PRO A 235 -27.62 8.15 10.77
CA PRO A 235 -27.21 6.87 11.35
C PRO A 235 -27.25 5.78 10.26
N ARG A 236 -26.21 4.96 10.19
CA ARG A 236 -26.22 3.86 9.22
C ARG A 236 -25.33 2.72 9.69
N SER A 237 -25.48 1.56 9.07
CA SER A 237 -24.47 0.53 9.22
C SER A 237 -24.15 -0.12 7.89
N GLY A 238 -24.94 -1.13 7.54
CA GLY A 238 -24.62 -1.98 6.41
C GLY A 238 -25.32 -1.62 5.12
N THR A 239 -25.66 -0.34 4.94
CA THR A 239 -26.20 0.10 3.65
C THR A 239 -25.34 -0.34 2.47
N GLY A 240 -25.95 -1.00 1.49
CA GLY A 240 -25.24 -1.50 0.31
C GLY A 240 -24.75 -2.94 0.42
N VAL A 241 -25.14 -3.65 1.46
CA VAL A 241 -24.62 -5.01 1.64
C VAL A 241 -25.01 -5.89 0.44
N GLU A 242 -26.17 -5.62 -0.16
CA GLU A 242 -26.64 -6.43 -1.29
C GLU A 242 -25.68 -6.36 -2.46
N VAL A 243 -25.00 -5.21 -2.60
CA VAL A 243 -23.99 -5.03 -3.64
C VAL A 243 -22.82 -5.99 -3.44
N VAL A 244 -22.42 -6.13 -2.19
CA VAL A 244 -21.26 -6.96 -1.88
C VAL A 244 -21.64 -8.43 -2.05
N ILE A 245 -22.86 -8.77 -1.65
CA ILE A 245 -23.33 -10.14 -1.73
C ILE A 245 -23.45 -10.63 -3.18
N GLN A 246 -24.11 -9.84 -4.02
CA GLN A 246 -24.29 -10.14 -5.43
C GLN A 246 -23.02 -10.05 -6.27
N ALA A 247 -22.05 -9.23 -5.88
CA ALA A 247 -20.79 -9.14 -6.66
C ALA A 247 -20.19 -10.52 -6.92
N HIS A 248 -20.22 -11.38 -5.90
CA HIS A 248 -19.68 -12.74 -6.04
C HIS A 248 -20.48 -13.72 -5.18
N PRO A 249 -21.56 -14.27 -5.76
CA PRO A 249 -22.45 -15.14 -4.96
C PRO A 249 -21.68 -16.26 -4.26
N MET A 250 -22.00 -16.49 -3.00
CA MET A 250 -21.32 -17.53 -2.21
C MET A 250 -22.38 -18.20 -1.33
N GLN A 251 -22.29 -19.52 -1.15
CA GLN A 251 -23.09 -20.16 -0.13
C GLN A 251 -22.25 -20.36 1.10
N PRO A 252 -22.90 -20.49 2.25
CA PRO A 252 -22.23 -20.79 3.50
C PRO A 252 -21.62 -22.20 3.48
N GLY A 253 -20.44 -22.34 4.10
CA GLY A 253 -19.74 -23.62 4.12
C GLY A 253 -18.44 -23.56 4.88
N ARG A 254 -17.64 -24.62 4.75
CA ARG A 254 -16.39 -24.67 5.46
C ARG A 254 -15.47 -25.64 4.76
N ASN A 255 -14.16 -25.48 5.00
CA ASN A 255 -13.27 -26.56 4.67
C ASN A 255 -13.49 -27.69 5.66
N VAL A 256 -13.24 -28.91 5.20
CA VAL A 256 -13.44 -30.11 6.00
C VAL A 256 -12.13 -30.86 6.15
N GLY A 257 -11.22 -30.32 6.94
CA GLY A 257 -10.02 -31.07 7.32
C GLY A 257 -8.78 -30.77 6.49
N LYS A 258 -8.97 -30.01 5.42
CA LYS A 258 -7.91 -29.74 4.46
C LYS A 258 -8.26 -28.54 3.56
N ILE A 259 -7.24 -27.89 3.01
CA ILE A 259 -7.44 -26.79 2.06
C ILE A 259 -8.17 -27.26 0.80
N ASN A 260 -8.70 -26.31 0.05
CA ASN A 260 -9.46 -26.60 -1.15
C ASN A 260 -10.46 -27.73 -0.99
N SER A 261 -11.22 -27.66 0.09
CA SER A 261 -12.30 -28.60 0.29
C SER A 261 -13.58 -27.92 0.76
N TYR A 262 -13.88 -26.76 0.17
CA TYR A 262 -15.01 -25.96 0.63
C TYR A 262 -16.29 -26.70 0.42
N THR A 263 -16.99 -26.97 1.50
CA THR A 263 -18.16 -27.81 1.44
C THR A 263 -19.34 -27.00 1.93
N VAL A 264 -20.25 -26.73 1.01
CA VAL A 264 -21.42 -25.96 1.34
C VAL A 264 -22.19 -26.66 2.46
N ASP A 265 -22.75 -25.84 3.35
CA ASP A 265 -23.59 -26.34 4.42
C ASP A 265 -25.05 -25.91 4.25
N PRO A 266 -25.89 -26.86 3.80
CA PRO A 266 -27.31 -26.59 3.58
C PRO A 266 -28.12 -26.38 4.87
N THR A 267 -27.51 -26.63 6.03
CA THR A 267 -28.21 -26.32 7.27
C THR A 267 -27.94 -24.91 7.79
N SER A 268 -26.97 -24.21 7.18
CA SER A 268 -26.62 -22.85 7.62
C SER A 268 -27.75 -21.91 7.26
N SER A 269 -27.91 -20.85 8.03
CA SER A 269 -28.66 -19.71 7.53
C SER A 269 -27.89 -19.09 6.36
N ASP A 270 -28.57 -18.22 5.61
CA ASP A 270 -27.91 -17.29 4.71
C ASP A 270 -28.74 -16.02 4.65
N PHE A 271 -28.52 -15.20 3.62
CA PHE A 271 -29.13 -13.88 3.64
C PHE A 271 -30.63 -13.93 3.35
N SER A 272 -31.09 -14.99 2.70
CA SER A 272 -32.53 -15.21 2.54
C SER A 272 -33.25 -15.61 3.85
N THR A 273 -32.50 -16.02 4.87
CA THR A 273 -33.11 -16.53 6.13
C THR A 273 -32.48 -15.93 7.38
N PRO A 274 -32.73 -14.63 7.61
CA PRO A 274 -32.12 -13.97 8.75
C PRO A 274 -32.75 -14.39 10.08
N CYS A 275 -34.00 -14.84 10.04
CA CYS A 275 -34.66 -15.27 11.27
C CYS A 275 -34.11 -16.60 11.73
N LEU A 276 -33.78 -17.47 10.79
CA LEU A 276 -33.02 -18.68 11.09
C LEU A 276 -31.61 -18.38 11.63
N MET A 277 -30.97 -17.33 11.14
CA MET A 277 -29.67 -16.95 11.68
C MET A 277 -29.82 -16.53 13.15
N TYR A 278 -30.80 -15.65 13.41
CA TYR A 278 -31.08 -15.21 14.77
C TYR A 278 -31.37 -16.42 15.66
N GLU A 279 -32.26 -17.28 15.17
CA GLU A 279 -32.67 -18.50 15.88
C GLU A 279 -31.46 -19.32 16.26
N LYS A 280 -30.68 -19.73 15.27
CA LYS A 280 -29.49 -20.56 15.51
C LYS A 280 -28.46 -19.91 16.46
N PHE A 281 -28.35 -18.59 16.44
CA PHE A 281 -27.45 -17.88 17.35
C PHE A 281 -27.85 -18.04 18.81
N VAL A 282 -29.09 -17.65 19.10
CA VAL A 282 -29.72 -17.89 20.39
C VAL A 282 -29.80 -19.39 20.78
N ASN A 283 -30.34 -20.23 19.92
CA ASN A 283 -30.70 -21.58 20.33
C ASN A 283 -29.60 -22.61 20.32
N ILE A 284 -28.52 -22.31 19.61
CA ILE A 284 -27.42 -23.23 19.49
C ILE A 284 -26.12 -22.62 20.02
N THR A 285 -25.80 -21.41 19.59
CA THR A 285 -24.55 -20.79 19.97
C THR A 285 -24.53 -20.38 21.45
N VAL A 286 -25.40 -19.44 21.82
CA VAL A 286 -25.52 -19.02 23.22
C VAL A 286 -25.87 -20.20 24.14
N LYS A 287 -26.88 -20.98 23.76
CA LYS A 287 -27.30 -22.11 24.55
C LYS A 287 -26.14 -23.04 24.87
N SER A 288 -25.26 -23.27 23.90
CA SER A 288 -24.20 -24.22 24.11
C SER A 288 -23.10 -23.68 25.04
N LEU A 289 -22.99 -22.36 25.14
CA LEU A 289 -22.07 -21.74 26.10
C LEU A 289 -22.66 -21.77 27.51
N TYR A 290 -23.97 -21.86 27.60
CA TYR A 290 -24.68 -21.77 28.87
C TYR A 290 -25.82 -22.78 28.87
N PRO A 291 -25.47 -24.08 28.87
CA PRO A 291 -26.48 -25.14 28.69
C PRO A 291 -27.44 -25.20 29.88
N ASN A 292 -26.97 -24.80 31.06
CA ASN A 292 -27.72 -24.98 32.30
C ASN A 292 -27.54 -23.90 33.34
N PRO A 293 -27.78 -22.64 32.95
CA PRO A 293 -27.41 -21.54 33.82
C PRO A 293 -27.99 -21.72 35.23
N THR A 294 -27.26 -21.27 36.25
CA THR A 294 -27.86 -21.09 37.57
C THR A 294 -28.94 -20.03 37.41
N VAL A 295 -29.64 -19.73 38.51
CA VAL A 295 -30.82 -18.86 38.46
C VAL A 295 -30.40 -17.44 38.14
N GLN A 296 -29.25 -17.04 38.67
CA GLN A 296 -28.72 -15.71 38.44
C GLN A 296 -28.26 -15.50 36.97
N LEU A 297 -27.43 -16.42 36.50
CA LEU A 297 -27.02 -16.47 35.11
C LEU A 297 -28.22 -16.48 34.17
N ARG A 298 -29.21 -17.30 34.46
CA ARG A 298 -30.36 -17.47 33.57
C ARG A 298 -31.12 -16.16 33.44
N LYS A 299 -31.20 -15.43 34.55
CA LYS A 299 -31.80 -14.11 34.57
C LYS A 299 -31.07 -13.14 33.64
N ALA A 300 -29.75 -13.14 33.70
CA ALA A 300 -28.95 -12.18 32.97
C ALA A 300 -28.99 -12.53 31.47
N LEU A 301 -28.96 -13.83 31.19
CA LEU A 301 -29.13 -14.32 29.85
C LEU A 301 -30.43 -13.80 29.24
N ASN A 302 -31.56 -14.07 29.88
CA ASN A 302 -32.84 -13.67 29.32
C ASN A 302 -32.91 -12.17 29.09
N THR A 303 -32.42 -11.41 30.05
CA THR A 303 -32.40 -9.95 29.91
C THR A 303 -31.61 -9.50 28.68
N ASN A 304 -30.42 -10.07 28.50
CA ASN A 304 -29.61 -9.76 27.32
C ASN A 304 -30.15 -10.38 26.02
N LEU A 305 -30.79 -11.53 26.11
CA LEU A 305 -31.48 -12.11 24.94
C LEU A 305 -32.63 -11.21 24.44
N ASP A 306 -33.39 -10.66 25.38
CA ASP A 306 -34.43 -9.70 25.07
C ASP A 306 -33.85 -8.54 24.27
N PHE A 307 -32.77 -7.96 24.79
CA PHE A 307 -32.16 -6.80 24.15
C PHE A 307 -31.63 -7.20 22.76
N PHE A 308 -30.94 -8.32 22.67
CA PHE A 308 -30.46 -8.80 21.38
C PHE A 308 -31.61 -8.85 20.36
N PHE A 309 -32.73 -9.45 20.75
CA PHE A 309 -33.89 -9.52 19.84
C PHE A 309 -34.40 -8.15 19.34
N GLN A 310 -34.50 -7.17 20.22
CA GLN A 310 -34.83 -5.81 19.80
C GLN A 310 -34.02 -5.37 18.57
N GLY A 311 -32.81 -5.90 18.41
CA GLY A 311 -31.89 -5.38 17.42
C GLY A 311 -32.05 -6.04 16.07
N VAL A 312 -32.87 -7.08 16.01
CA VAL A 312 -33.03 -7.88 14.79
C VAL A 312 -33.95 -7.17 13.79
N ALA A 313 -33.33 -6.46 12.83
CA ALA A 313 -34.00 -5.50 11.96
C ALA A 313 -35.04 -6.10 11.03
N ALA A 314 -34.88 -7.36 10.66
CA ALA A 314 -35.90 -8.04 9.87
C ALA A 314 -37.19 -8.35 10.66
N GLY A 315 -37.13 -8.21 11.98
CA GLY A 315 -38.32 -8.51 12.79
C GLY A 315 -38.19 -9.87 13.46
N CYS A 316 -38.76 -10.89 12.83
CA CYS A 316 -38.62 -12.27 13.28
C CYS A 316 -39.47 -12.57 14.51
N THR A 317 -39.65 -13.86 14.78
CA THR A 317 -40.28 -14.29 16.02
C THR A 317 -39.21 -14.50 17.11
N GLN A 318 -39.39 -13.87 18.27
CA GLN A 318 -38.45 -14.09 19.37
C GLN A 318 -38.41 -15.57 19.77
N VAL A 319 -37.22 -16.04 20.11
CA VAL A 319 -36.93 -17.44 20.43
C VAL A 319 -36.41 -17.53 21.88
N PHE A 320 -36.65 -18.66 22.53
CA PHE A 320 -36.44 -18.76 23.98
C PHE A 320 -35.70 -20.01 24.39
N PRO A 321 -34.37 -19.93 24.46
CA PRO A 321 -33.55 -21.06 24.90
C PRO A 321 -33.84 -21.49 26.34
N TYR A 322 -34.20 -20.55 27.22
CA TYR A 322 -34.46 -20.89 28.62
C TYR A 322 -35.90 -20.62 29.03
N GLY A 323 -36.82 -20.79 28.08
CA GLY A 323 -38.25 -20.64 28.36
C GLY A 323 -38.72 -19.19 28.30
N LEU B 1 29.57 26.18 -12.03
CA LEU B 1 30.11 24.89 -11.51
C LEU B 1 29.07 24.16 -10.66
N PRO B 2 29.10 22.82 -10.71
CA PRO B 2 28.22 21.97 -9.89
C PRO B 2 28.44 22.24 -8.41
N PRO B 3 27.37 22.16 -7.61
CA PRO B 3 27.56 22.18 -6.17
C PRO B 3 28.56 21.11 -5.75
N GLY B 4 29.34 21.42 -4.72
CA GLY B 4 30.15 20.43 -4.04
C GLY B 4 29.30 19.65 -3.03
N PRO B 5 29.92 18.70 -2.31
CA PRO B 5 29.23 17.91 -1.29
C PRO B 5 28.58 18.79 -0.21
N LEU B 6 27.47 18.32 0.35
CA LEU B 6 26.95 18.80 1.64
C LEU B 6 28.09 19.01 2.65
N GLU B 7 28.01 20.11 3.40
CA GLU B 7 28.97 20.34 4.49
C GLU B 7 28.59 19.50 5.69
N ASN B 8 27.29 19.49 5.99
CA ASN B 8 26.81 18.62 7.04
C ASN B 8 25.88 17.54 6.49
N SER B 9 26.38 16.31 6.41
CA SER B 9 25.68 15.23 5.70
C SER B 9 24.96 14.27 6.64
N SER B 10 24.67 14.74 7.85
CA SER B 10 23.96 13.95 8.84
C SER B 10 22.53 13.74 8.37
N ALA B 11 21.89 12.69 8.87
CA ALA B 11 20.44 12.55 8.77
C ALA B 11 19.74 13.69 9.51
N LYS B 12 18.66 14.18 8.92
CA LYS B 12 17.85 15.23 9.55
C LYS B 12 16.44 15.08 8.98
N LEU B 13 15.47 15.73 9.62
CA LEU B 13 14.13 15.86 9.06
C LEU B 13 14.17 16.57 7.71
N VAL B 14 13.79 15.86 6.64
CA VAL B 14 13.57 16.50 5.35
C VAL B 14 12.11 16.75 4.95
N ASN B 15 11.17 16.03 5.56
CA ASN B 15 9.75 16.38 5.40
C ASN B 15 9.31 17.48 6.39
N ASP B 16 9.83 18.69 6.21
CA ASP B 16 9.73 19.70 7.26
C ASP B 16 8.78 20.86 6.90
N GLU B 17 8.75 21.90 7.73
CA GLU B 17 7.75 22.94 7.54
CA GLU B 17 7.79 22.99 7.57
C GLU B 17 8.04 23.74 6.27
N ALA B 18 9.29 23.73 5.82
CA ALA B 18 9.66 24.49 4.64
C ALA B 18 9.53 23.69 3.34
N HIS B 19 9.31 22.38 3.47
CA HIS B 19 9.25 21.51 2.30
C HIS B 19 8.07 20.55 2.43
N PRO B 20 6.85 21.10 2.50
CA PRO B 20 5.64 20.29 2.64
C PRO B 20 5.27 19.67 1.30
N TRP B 21 4.67 18.49 1.33
CA TRP B 21 4.05 17.92 0.13
C TRP B 21 2.84 18.74 -0.35
N LYS B 22 2.72 18.90 -1.65
CA LYS B 22 1.56 19.58 -2.22
C LYS B 22 1.09 18.81 -3.45
N PRO B 23 -0.19 18.93 -3.80
CA PRO B 23 -0.68 18.21 -4.98
C PRO B 23 -0.26 18.89 -6.26
N LEU B 24 -0.26 18.15 -7.36
CA LEU B 24 0.04 18.72 -8.66
C LEU B 24 -0.92 19.84 -9.05
N ARG B 25 -0.38 21.01 -9.39
CA ARG B 25 -1.12 21.99 -10.17
C ARG B 25 -1.05 21.64 -11.66
N PRO B 26 -1.96 22.21 -12.45
CA PRO B 26 -2.36 21.59 -13.72
C PRO B 26 -1.23 21.45 -14.75
N GLY B 27 -0.33 22.43 -14.79
CA GLY B 27 0.89 22.27 -15.61
C GLY B 27 2.15 21.74 -14.92
N ASP B 28 2.00 21.14 -13.74
CA ASP B 28 3.14 20.57 -13.02
C ASP B 28 3.61 19.31 -13.71
N ILE B 29 4.93 19.14 -13.86
CA ILE B 29 5.46 17.95 -14.55
C ILE B 29 6.13 16.96 -13.58
N ARG B 30 5.70 15.70 -13.68
CA ARG B 30 6.38 14.59 -12.99
C ARG B 30 6.72 13.55 -14.04
N GLY B 31 7.77 12.76 -13.81
CA GLY B 31 8.15 11.74 -14.78
C GLY B 31 8.49 10.40 -14.16
N PRO B 32 9.53 9.76 -14.69
CA PRO B 32 9.81 8.35 -14.40
C PRO B 32 10.74 8.14 -13.21
N CYS B 33 11.21 9.23 -12.61
CA CYS B 33 12.05 9.15 -11.41
C CYS B 33 11.28 9.51 -10.16
N PRO B 34 11.12 8.53 -9.26
CA PRO B 34 10.45 8.77 -7.97
C PRO B 34 11.25 9.71 -7.07
N GLY B 35 12.57 9.78 -7.28
CA GLY B 35 13.44 10.66 -6.53
C GLY B 35 13.23 12.14 -6.86
N LEU B 36 13.52 12.54 -8.08
CA LEU B 36 13.14 13.87 -8.55
C LEU B 36 11.64 14.17 -8.36
N ASN B 37 10.76 13.22 -8.65
CA ASN B 37 9.32 13.51 -8.47
C ASN B 37 9.01 13.95 -7.05
N THR B 38 9.56 13.20 -6.09
CA THR B 38 9.34 13.46 -4.68
C THR B 38 9.95 14.80 -4.30
N LEU B 39 11.16 15.06 -4.77
CA LEU B 39 11.83 16.33 -4.44
C LEU B 39 11.07 17.53 -4.96
N ALA B 40 10.39 17.36 -6.10
CA ALA B 40 9.63 18.43 -6.73
C ALA B 40 8.31 18.66 -5.97
N SER B 41 7.66 17.57 -5.56
CA SER B 41 6.41 17.65 -4.86
C SER B 41 6.58 18.12 -3.41
N HIS B 42 7.80 18.13 -2.92
CA HIS B 42 8.10 18.73 -1.61
C HIS B 42 8.75 20.12 -1.74
N GLY B 43 8.85 20.62 -2.96
CA GLY B 43 9.50 21.93 -3.18
C GLY B 43 11.02 21.97 -2.99
N TYR B 44 11.70 20.83 -2.96
CA TYR B 44 13.16 20.87 -3.05
C TYR B 44 13.58 21.26 -4.46
N LEU B 45 12.82 20.81 -5.44
CA LEU B 45 12.92 21.27 -6.83
C LEU B 45 11.74 22.20 -7.15
N PRO B 46 11.90 23.11 -8.10
CA PRO B 46 10.70 23.80 -8.59
C PRO B 46 9.52 22.82 -8.69
N ARG B 47 8.36 23.24 -8.18
CA ARG B 47 7.23 22.32 -8.09
C ARG B 47 6.66 21.97 -9.45
N ASN B 48 7.03 22.73 -10.47
CA ASN B 48 6.50 22.44 -11.78
C ASN B 48 7.37 21.46 -12.55
N GLY B 49 8.48 21.08 -11.93
CA GLY B 49 9.36 20.04 -12.43
C GLY B 49 10.26 20.46 -13.58
N VAL B 50 10.46 21.76 -13.75
CA VAL B 50 11.44 22.24 -14.71
C VAL B 50 12.58 22.90 -13.94
N ALA B 51 13.79 22.36 -14.07
CA ALA B 51 14.88 22.69 -13.14
C ALA B 51 16.20 22.80 -13.87
N THR B 52 17.14 23.53 -13.26
CA THR B 52 18.51 23.62 -13.77
C THR B 52 19.32 22.48 -13.16
N PRO B 53 20.47 22.14 -13.78
CA PRO B 53 21.28 21.09 -13.20
C PRO B 53 21.72 21.39 -11.77
N VAL B 54 21.97 22.67 -11.48
CA VAL B 54 22.41 23.05 -10.13
C VAL B 54 21.28 22.90 -9.12
N GLN B 55 20.06 23.29 -9.49
CA GLN B 55 18.91 23.03 -8.61
C GLN B 55 18.75 21.52 -8.32
N ILE B 56 19.01 20.69 -9.34
CA ILE B 56 18.79 19.24 -9.21
C ILE B 56 19.81 18.61 -8.26
N ILE B 57 21.09 18.98 -8.41
CA ILE B 57 22.15 18.46 -7.54
C ILE B 57 21.93 18.90 -6.09
N ASN B 58 21.63 20.18 -5.88
CA ASN B 58 21.33 20.62 -4.52
C ASN B 58 20.14 19.87 -3.91
N ALA B 59 19.10 19.63 -4.70
CA ALA B 59 17.88 18.98 -4.22
C ALA B 59 18.15 17.58 -3.76
N VAL B 60 18.85 16.80 -4.60
CA VAL B 60 19.02 15.39 -4.28
C VAL B 60 19.98 15.23 -3.10
N GLN B 61 20.85 16.23 -2.90
CA GLN B 61 21.79 16.20 -1.78
C GLN B 61 21.05 16.61 -0.53
N GLU B 62 20.31 17.72 -0.61
CA GLU B 62 19.62 18.23 0.56
C GLU B 62 18.50 17.29 0.99
N GLY B 63 17.69 16.87 0.03
CA GLY B 63 16.46 16.14 0.35
C GLY B 63 16.70 14.69 0.72
N LEU B 64 17.68 14.06 0.07
CA LEU B 64 17.78 12.61 0.12
C LEU B 64 19.19 12.07 0.41
N ASN B 65 20.15 12.97 0.58
CA ASN B 65 21.57 12.62 0.74
C ASN B 65 22.12 11.72 -0.36
N PHE B 66 21.74 12.00 -1.60
CA PHE B 66 22.45 11.43 -2.75
C PHE B 66 23.88 11.87 -2.70
N ASP B 67 24.82 10.99 -3.05
CA ASP B 67 26.21 11.42 -3.06
C ASP B 67 26.54 12.33 -4.25
N ASN B 68 27.53 13.20 -4.06
CA ASN B 68 27.85 14.28 -4.99
C ASN B 68 28.23 13.79 -6.39
N GLN B 69 29.15 12.83 -6.46
CA GLN B 69 29.55 12.28 -7.74
C GLN B 69 28.44 11.58 -8.47
N ALA B 70 27.62 10.83 -7.77
CA ALA B 70 26.52 10.18 -8.45
C ALA B 70 25.55 11.23 -8.97
N ALA B 71 25.43 12.33 -8.22
CA ALA B 71 24.49 13.38 -8.54
C ALA B 71 24.91 14.18 -9.78
N VAL B 72 26.21 14.41 -9.86
CA VAL B 72 26.78 15.13 -10.98
C VAL B 72 26.70 14.22 -12.19
N PHE B 73 27.07 12.96 -12.01
CA PHE B 73 27.03 12.00 -13.12
C PHE B 73 25.62 11.95 -13.73
N ALA B 74 24.61 11.73 -12.88
CA ALA B 74 23.26 11.51 -13.40
C ALA B 74 22.66 12.79 -13.97
N THR B 75 22.90 13.91 -13.32
CA THR B 75 22.24 15.15 -13.68
C THR B 75 22.74 15.68 -15.01
N TYR B 76 24.07 15.59 -15.23
CA TYR B 76 24.63 16.07 -16.48
C TYR B 76 24.37 15.12 -17.63
N ALA B 77 24.38 13.82 -17.33
CA ALA B 77 23.98 12.83 -18.34
C ALA B 77 22.59 13.14 -18.87
N ALA B 78 21.64 13.42 -17.98
CA ALA B 78 20.27 13.65 -18.42
C ALA B 78 20.14 14.97 -19.14
N HIS B 79 20.83 15.98 -18.61
CA HIS B 79 20.75 17.31 -19.19
C HIS B 79 21.34 17.26 -20.59
N LEU B 80 22.49 16.60 -20.72
CA LEU B 80 23.12 16.35 -22.01
C LEU B 80 22.15 15.79 -23.05
N VAL B 81 21.43 14.71 -22.70
CA VAL B 81 20.60 14.04 -23.69
C VAL B 81 19.15 14.50 -23.74
N ASP B 82 18.64 15.13 -22.67
CA ASP B 82 17.20 15.44 -22.53
C ASP B 82 16.96 16.94 -22.23
N GLY B 83 18.01 17.67 -21.84
CA GLY B 83 17.85 19.05 -21.39
C GLY B 83 18.18 20.06 -22.48
N ASN B 84 17.90 21.33 -22.20
CA ASN B 84 18.25 22.41 -23.08
C ASN B 84 19.53 23.07 -22.62
N LEU B 85 20.58 22.88 -23.39
CA LEU B 85 21.94 23.18 -22.96
C LEU B 85 22.15 24.69 -22.97
N ILE B 86 21.41 25.36 -23.83
CA ILE B 86 21.48 26.81 -23.98
C ILE B 86 20.77 27.58 -22.86
N THR B 87 19.58 27.13 -22.48
CA THR B 87 18.85 27.80 -21.40
C THR B 87 19.18 27.21 -20.04
N ASP B 88 19.78 26.01 -20.04
CA ASP B 88 20.20 25.37 -18.80
C ASP B 88 19.02 24.77 -18.03
N LEU B 89 17.99 24.34 -18.76
CA LEU B 89 16.78 23.85 -18.14
C LEU B 89 16.52 22.43 -18.57
N LEU B 90 16.05 21.63 -17.61
CA LEU B 90 15.63 20.28 -17.89
C LEU B 90 14.30 19.97 -17.21
N SER B 91 13.41 19.35 -17.97
CA SER B 91 12.14 18.89 -17.45
C SER B 91 12.31 17.47 -16.90
N ILE B 92 11.85 17.26 -15.67
CA ILE B 92 11.88 15.93 -15.06
C ILE B 92 10.81 14.98 -15.61
N GLY B 93 10.13 15.41 -16.67
CA GLY B 93 9.11 14.58 -17.28
C GLY B 93 8.96 14.83 -18.78
N ARG B 94 7.79 15.33 -19.16
CA ARG B 94 7.47 15.41 -20.58
C ARG B 94 8.18 16.61 -21.23
N LYS B 95 8.36 16.54 -22.54
CA LYS B 95 8.80 17.72 -23.28
C LYS B 95 7.93 18.88 -22.89
N THR B 96 8.53 20.03 -22.58
CA THR B 96 7.78 21.27 -22.38
C THR B 96 8.39 22.45 -23.16
N ARG B 97 7.53 23.32 -23.69
CA ARG B 97 7.95 24.59 -24.28
C ARG B 97 8.70 25.46 -23.26
N LEU B 98 8.55 25.14 -21.98
CA LEU B 98 9.13 25.96 -20.92
C LEU B 98 10.67 25.88 -20.85
N THR B 99 11.27 24.92 -21.56
CA THR B 99 12.72 24.80 -21.51
C THR B 99 13.39 25.70 -22.58
N GLY B 100 12.57 26.34 -23.42
CA GLY B 100 13.07 27.41 -24.30
C GLY B 100 13.21 26.97 -25.75
N PRO B 101 13.92 27.75 -26.57
CA PRO B 101 14.05 27.42 -28.02
C PRO B 101 14.91 26.16 -28.21
N ASP B 102 14.40 25.24 -29.02
CA ASP B 102 15.02 23.94 -29.19
C ASP B 102 16.22 24.08 -30.12
N PRO B 103 17.19 23.16 -29.99
CA PRO B 103 18.30 23.02 -30.92
C PRO B 103 17.83 22.26 -32.15
N PRO B 104 18.64 22.20 -33.22
CA PRO B 104 18.25 21.38 -34.37
C PRO B 104 18.14 19.90 -33.98
N PRO B 105 17.29 19.14 -34.67
CA PRO B 105 17.32 17.69 -34.60
C PRO B 105 18.69 17.12 -35.01
N PRO B 106 19.08 15.94 -34.49
CA PRO B 106 18.27 14.92 -33.81
C PRO B 106 18.04 15.13 -32.32
N ALA B 107 18.76 16.06 -31.70
CA ALA B 107 18.48 16.45 -30.33
C ALA B 107 16.98 16.75 -30.16
N SER B 108 16.35 16.21 -29.13
CA SER B 108 14.91 16.38 -29.02
C SER B 108 14.46 17.14 -27.78
N VAL B 109 15.39 17.34 -26.85
CA VAL B 109 15.10 18.03 -25.59
C VAL B 109 13.73 17.60 -25.06
N GLY B 110 13.58 16.30 -24.87
CA GLY B 110 12.28 15.70 -24.58
C GLY B 110 12.01 15.48 -23.10
N GLY B 111 12.90 16.01 -22.25
CA GLY B 111 12.84 15.74 -20.83
C GLY B 111 13.11 14.29 -20.45
N LEU B 112 13.01 13.99 -19.16
CA LEU B 112 13.31 12.64 -18.64
C LEU B 112 12.39 11.56 -19.21
N ASN B 113 11.24 11.95 -19.78
CA ASN B 113 10.29 11.00 -20.38
C ASN B 113 10.77 10.47 -21.71
N GLU B 114 11.71 11.16 -22.34
CA GLU B 114 12.24 10.72 -23.63
C GLU B 114 12.78 9.30 -23.54
N HIS B 115 12.13 8.37 -24.25
CA HIS B 115 12.54 6.98 -24.26
C HIS B 115 13.91 6.77 -24.88
N GLY B 116 14.76 6.01 -24.19
CA GLY B 116 15.98 5.46 -24.80
C GLY B 116 17.20 6.37 -24.77
N THR B 117 17.07 7.53 -24.14
CA THR B 117 18.23 8.35 -23.83
C THR B 117 18.67 8.03 -22.41
N PHE B 118 17.87 8.48 -21.45
CA PHE B 118 18.11 8.11 -20.07
C PHE B 118 17.07 7.09 -19.64
N GLU B 119 15.79 7.42 -19.76
CA GLU B 119 14.72 6.46 -19.48
C GLU B 119 14.89 5.22 -20.34
N GLY B 120 14.48 4.08 -19.79
CA GLY B 120 14.51 2.85 -20.57
C GLY B 120 13.78 1.71 -19.90
N ASP B 121 14.01 0.52 -20.44
CA ASP B 121 13.11 -0.63 -20.25
C ASP B 121 13.38 -1.35 -18.94
N ALA B 122 12.45 -2.23 -18.55
CA ALA B 122 12.61 -2.99 -17.31
C ALA B 122 12.71 -2.10 -16.08
N SER B 123 11.98 -1.00 -16.07
CA SER B 123 11.82 -0.21 -14.86
C SER B 123 10.99 -1.03 -13.85
N MET B 124 11.11 -0.73 -12.56
CA MET B 124 10.46 -1.56 -11.53
C MET B 124 8.98 -1.25 -11.45
N THR B 125 8.63 0.05 -11.56
CA THR B 125 7.27 0.48 -11.30
C THR B 125 6.65 1.24 -12.46
N ARG B 126 7.39 1.41 -13.56
CA ARG B 126 6.88 2.01 -14.81
C ARG B 126 6.95 0.97 -15.92
N GLY B 127 6.01 1.02 -16.87
CA GLY B 127 6.06 0.09 -17.99
C GLY B 127 7.02 0.52 -19.11
N ASP B 128 7.46 -0.44 -19.91
CA ASP B 128 8.24 -0.14 -21.11
C ASP B 128 7.46 0.78 -22.10
N ALA B 129 8.17 1.72 -22.72
CA ALA B 129 7.55 2.63 -23.69
C ALA B 129 6.85 1.89 -24.82
N PHE B 130 7.39 0.77 -25.24
CA PHE B 130 6.66 -0.03 -26.23
C PHE B 130 5.16 -0.14 -25.88
N PHE B 131 4.84 -0.42 -24.63
CA PHE B 131 3.45 -0.61 -24.22
C PHE B 131 2.64 0.69 -24.07
N GLY B 132 3.30 1.83 -24.23
CA GLY B 132 2.66 3.11 -24.05
C GLY B 132 3.39 3.89 -22.97
N ASN B 133 2.66 4.30 -21.96
CA ASN B 133 3.13 5.14 -20.87
C ASN B 133 4.42 4.68 -20.18
N ASN B 134 5.48 5.47 -20.30
CA ASN B 134 6.78 5.06 -19.74
C ASN B 134 7.13 5.74 -18.41
N HIS B 135 6.18 6.44 -17.82
CA HIS B 135 6.50 7.33 -16.72
C HIS B 135 5.49 7.37 -15.57
N ASP B 136 4.24 6.98 -15.84
CA ASP B 136 3.26 6.93 -14.77
C ASP B 136 3.43 5.67 -13.93
N PHE B 137 3.14 5.82 -12.64
CA PHE B 137 3.17 4.71 -11.69
C PHE B 137 2.19 3.63 -12.14
N ASN B 138 2.65 2.38 -12.09
CA ASN B 138 1.90 1.24 -12.58
C ASN B 138 1.65 0.22 -11.47
N GLU B 139 0.38 0.02 -11.15
CA GLU B 139 -0.01 -0.67 -9.92
C GLU B 139 0.35 -2.14 -9.98
N THR B 140 0.12 -2.76 -11.13
CA THR B 140 0.49 -4.17 -11.32
C THR B 140 1.99 -4.38 -11.07
N LEU B 141 2.81 -3.47 -11.54
CA LEU B 141 4.24 -3.63 -11.38
C LEU B 141 4.62 -3.36 -9.94
N PHE B 142 3.95 -2.40 -9.32
CA PHE B 142 4.26 -2.11 -7.93
C PHE B 142 3.89 -3.33 -7.09
N GLU B 143 2.75 -3.90 -7.38
CA GLU B 143 2.31 -5.06 -6.62
C GLU B 143 3.22 -6.28 -6.82
N GLN B 144 3.84 -6.40 -7.99
CA GLN B 144 4.90 -7.39 -8.16
C GLN B 144 6.06 -7.05 -7.21
N LEU B 145 6.32 -5.76 -7.02
CA LEU B 145 7.41 -5.36 -6.13
C LEU B 145 7.13 -5.83 -4.68
N VAL B 146 5.91 -5.59 -4.21
CA VAL B 146 5.43 -6.08 -2.92
C VAL B 146 5.54 -7.62 -2.81
N ASP B 147 5.06 -8.33 -3.82
CA ASP B 147 5.09 -9.79 -3.78
CA ASP B 147 5.08 -9.79 -3.80
C ASP B 147 6.53 -10.33 -3.72
N TYR B 148 7.47 -9.67 -4.40
CA TYR B 148 8.88 -10.03 -4.28
C TYR B 148 9.49 -9.62 -2.92
N SER B 149 9.05 -8.48 -2.40
CA SER B 149 9.43 -8.12 -1.06
C SER B 149 8.95 -9.20 -0.07
N ASN B 150 7.66 -9.53 -0.14
CA ASN B 150 7.12 -10.68 0.61
C ASN B 150 7.92 -11.95 0.48
N ARG B 151 8.18 -12.38 -0.74
CA ARG B 151 8.95 -13.59 -0.99
C ARG B 151 10.39 -13.55 -0.44
N PHE B 152 11.11 -12.48 -0.74
CA PHE B 152 12.57 -12.54 -0.55
C PHE B 152 13.08 -11.57 0.50
N GLY B 153 12.20 -10.73 1.05
CA GLY B 153 12.67 -9.71 1.97
C GLY B 153 11.84 -9.65 3.24
N GLY B 154 11.19 -10.76 3.56
CA GLY B 154 10.28 -10.84 4.71
C GLY B 154 9.28 -9.70 4.80
N GLY B 155 8.77 -9.26 3.65
CA GLY B 155 7.83 -8.15 3.65
C GLY B 155 8.48 -6.80 3.37
N LYS B 156 9.80 -6.77 3.31
CA LYS B 156 10.46 -5.52 2.99
C LYS B 156 11.26 -5.54 1.69
N TYR B 157 11.40 -4.38 1.06
CA TYR B 157 12.35 -4.25 -0.02
C TYR B 157 13.78 -4.08 0.50
N ASN B 158 14.66 -4.99 0.10
CA ASN B 158 16.07 -4.84 0.41
C ASN B 158 16.89 -5.35 -0.76
N LEU B 159 18.21 -5.35 -0.64
CA LEU B 159 19.06 -5.60 -1.78
C LEU B 159 18.87 -7.00 -2.33
N THR B 160 18.49 -7.95 -1.48
CA THR B 160 18.23 -9.29 -1.93
C THR B 160 17.02 -9.29 -2.87
N VAL B 161 15.98 -8.59 -2.45
CA VAL B 161 14.79 -8.37 -3.26
C VAL B 161 15.09 -7.66 -4.58
N ALA B 162 15.90 -6.60 -4.47
CA ALA B 162 16.33 -5.84 -5.63
C ALA B 162 17.01 -6.74 -6.65
N GLY B 163 17.88 -7.64 -6.20
CA GLY B 163 18.47 -8.63 -7.10
C GLY B 163 17.47 -9.52 -7.82
N GLU B 164 16.41 -9.93 -7.13
CA GLU B 164 15.46 -10.85 -7.74
C GLU B 164 14.50 -10.09 -8.66
N LEU B 165 14.08 -8.92 -8.24
CA LEU B 165 13.14 -8.12 -9.01
C LEU B 165 13.80 -7.60 -10.29
N ARG B 166 15.06 -7.20 -10.20
CA ARG B 166 15.70 -6.59 -11.34
C ARG B 166 15.76 -7.61 -12.49
N PHE B 167 16.02 -8.86 -12.13
CA PHE B 167 16.06 -9.98 -13.07
C PHE B 167 14.67 -10.32 -13.60
N LYS B 168 13.71 -10.46 -12.70
CA LYS B 168 12.34 -10.62 -13.09
C LYS B 168 11.90 -9.62 -14.17
N ARG B 169 12.14 -8.34 -13.96
CA ARG B 169 11.71 -7.31 -14.91
C ARG B 169 12.39 -7.42 -16.28
N ILE B 170 13.63 -7.91 -16.29
CA ILE B 170 14.33 -8.12 -17.53
C ILE B 170 13.70 -9.31 -18.29
N GLN B 171 13.37 -10.38 -17.57
CA GLN B 171 12.69 -11.54 -18.13
CA GLN B 171 12.72 -11.52 -18.17
C GLN B 171 11.33 -11.17 -18.68
N ASP B 172 10.57 -10.38 -17.92
CA ASP B 172 9.27 -9.87 -18.36
C ASP B 172 9.36 -9.18 -19.73
N SER B 173 10.27 -8.20 -19.82
CA SER B 173 10.43 -7.43 -21.08
C SER B 173 10.89 -8.31 -22.26
N ILE B 174 11.82 -9.22 -22.00
CA ILE B 174 12.24 -10.17 -23.02
C ILE B 174 11.02 -10.94 -23.51
N ALA B 175 10.15 -11.38 -22.60
CA ALA B 175 9.05 -12.27 -23.00
C ALA B 175 7.92 -11.52 -23.70
N THR B 176 7.84 -10.20 -23.49
CA THR B 176 6.66 -9.42 -23.88
C THR B 176 6.93 -8.22 -24.80
N ASN B 177 8.13 -7.64 -24.72
CA ASN B 177 8.44 -6.43 -25.50
C ASN B 177 9.41 -6.68 -26.66
N PRO B 178 8.89 -6.74 -27.90
CA PRO B 178 9.68 -7.12 -29.09
C PRO B 178 10.74 -6.07 -29.40
N ASN B 179 10.63 -4.92 -28.73
CA ASN B 179 11.57 -3.82 -28.88
C ASN B 179 12.48 -3.65 -27.67
N PHE B 180 12.51 -4.65 -26.79
CA PHE B 180 13.28 -4.53 -25.56
C PHE B 180 14.72 -4.18 -25.89
N SER B 181 15.24 -3.16 -25.22
CA SER B 181 16.61 -2.75 -25.43
C SER B 181 17.20 -2.61 -24.05
N PHE B 182 18.38 -3.17 -23.85
CA PHE B 182 18.98 -3.20 -22.53
C PHE B 182 20.50 -3.19 -22.67
N VAL B 183 21.02 -2.13 -23.29
CA VAL B 183 22.45 -2.01 -23.51
C VAL B 183 23.03 -0.74 -22.92
N ASP B 184 24.36 -0.65 -22.93
CA ASP B 184 25.02 0.63 -22.67
C ASP B 184 24.41 1.39 -21.47
N PHE B 185 24.01 2.64 -21.68
CA PHE B 185 23.68 3.53 -20.57
C PHE B 185 22.50 2.99 -19.73
N ARG B 186 21.55 2.38 -20.41
CA ARG B 186 20.39 1.81 -19.74
C ARG B 186 20.75 0.55 -18.97
N PHE B 187 21.44 -0.38 -19.61
CA PHE B 187 22.08 -1.47 -18.88
C PHE B 187 22.74 -1.01 -17.58
N PHE B 188 23.45 0.11 -17.63
CA PHE B 188 24.20 0.53 -16.45
C PHE B 188 23.32 1.09 -15.36
N THR B 189 22.42 2.01 -15.72
CA THR B 189 21.62 2.71 -14.70
C THR B 189 20.51 1.81 -14.12
N ALA B 190 20.05 0.85 -14.92
CA ALA B 190 19.02 -0.10 -14.50
C ALA B 190 19.36 -0.88 -13.21
N TYR B 191 20.61 -1.32 -13.07
CA TYR B 191 21.07 -1.98 -11.83
C TYR B 191 21.16 -1.01 -10.64
N GLY B 192 21.80 0.14 -10.85
CA GLY B 192 21.98 1.13 -9.78
C GLY B 192 20.67 1.56 -9.15
N GLU B 193 19.68 1.82 -10.00
CA GLU B 193 18.35 2.26 -9.57
C GLU B 193 17.65 1.33 -8.61
N THR B 194 17.92 0.03 -8.70
CA THR B 194 17.21 -0.92 -7.87
C THR B 194 17.79 -0.95 -6.46
N THR B 195 19.01 -0.45 -6.30
CA THR B 195 19.56 -0.23 -4.97
C THR B 195 18.94 0.98 -4.26
N PHE B 196 18.55 2.02 -5.01
CA PHE B 196 18.27 3.34 -4.38
C PHE B 196 17.16 3.27 -3.34
N PRO B 197 16.13 2.44 -3.57
CA PRO B 197 15.06 2.47 -2.59
C PRO B 197 15.53 1.93 -1.24
N ALA B 198 16.45 0.98 -1.27
CA ALA B 198 16.96 0.42 -0.03
C ALA B 198 18.00 1.35 0.64
N ASN B 199 18.69 2.16 -0.16
CA ASN B 199 19.75 3.03 0.37
C ASN B 199 19.19 4.38 0.78
N LEU B 200 18.13 4.83 0.12
CA LEU B 200 17.77 6.25 0.21
C LEU B 200 16.32 6.52 0.63
N PHE B 201 15.44 5.53 0.47
CA PHE B 201 14.02 5.72 0.83
C PHE B 201 13.78 5.17 2.24
N VAL B 202 14.80 4.59 2.83
CA VAL B 202 14.70 4.07 4.21
C VAL B 202 15.06 5.18 5.21
N ASP B 203 14.11 5.54 6.07
CA ASP B 203 14.32 6.60 7.05
C ASP B 203 15.71 6.55 7.64
N GLY B 204 16.37 7.71 7.67
CA GLY B 204 17.77 7.78 8.08
C GLY B 204 18.07 7.44 9.53
N ARG B 205 17.07 7.48 10.40
CA ARG B 205 17.34 7.14 11.79
C ARG B 205 17.59 5.65 11.92
N ARG B 206 17.01 4.89 11.00
CA ARG B 206 17.16 3.43 10.92
C ARG B 206 18.31 3.02 10.00
N ASP B 207 18.33 3.57 8.79
CA ASP B 207 19.31 3.17 7.76
C ASP B 207 19.69 1.68 7.76
N ASP B 208 18.69 0.80 7.75
CA ASP B 208 18.96 -0.64 7.90
C ASP B 208 18.73 -1.42 6.60
N GLY B 209 18.54 -0.70 5.51
CA GLY B 209 18.39 -1.30 4.19
C GLY B 209 17.10 -2.09 3.97
N GLN B 210 16.12 -1.92 4.84
CA GLN B 210 14.79 -2.56 4.68
C GLN B 210 13.70 -1.51 4.53
N LEU B 211 13.14 -1.41 3.34
CA LEU B 211 12.12 -0.39 3.05
C LEU B 211 10.74 -1.03 3.17
N ASP B 212 9.84 -0.43 3.95
CA ASP B 212 8.51 -1.00 4.07
C ASP B 212 7.57 -0.54 2.96
N MET B 213 6.54 -1.34 2.70
CA MET B 213 5.68 -1.17 1.51
C MET B 213 4.83 0.11 1.57
N ASP B 214 4.55 0.60 2.76
CA ASP B 214 3.83 1.85 2.86
C ASP B 214 4.75 2.99 2.42
N ALA B 215 5.98 2.99 2.93
CA ALA B 215 6.98 3.94 2.47
C ALA B 215 7.25 3.81 0.96
N ALA B 216 7.41 2.59 0.47
CA ALA B 216 7.69 2.40 -0.95
C ALA B 216 6.60 3.02 -1.80
N ARG B 217 5.35 2.75 -1.43
CA ARG B 217 4.22 3.28 -2.22
C ARG B 217 4.16 4.81 -2.14
N SER B 218 4.43 5.35 -0.97
CA SER B 218 4.39 6.81 -0.82
C SER B 218 5.33 7.51 -1.81
N PHE B 219 6.56 7.01 -1.93
CA PHE B 219 7.52 7.57 -2.88
C PHE B 219 7.11 7.28 -4.32
N PHE B 220 6.93 6.01 -4.64
CA PHE B 220 6.78 5.56 -6.03
C PHE B 220 5.48 6.06 -6.67
N GLN B 221 4.43 6.21 -5.86
CA GLN B 221 3.09 6.52 -6.41
C GLN B 221 2.72 7.99 -6.27
N PHE B 222 2.97 8.54 -5.08
CA PHE B 222 2.48 9.88 -4.76
C PHE B 222 3.61 10.91 -4.71
N SER B 223 4.83 10.45 -4.94
CA SER B 223 5.99 11.33 -4.81
C SER B 223 5.95 12.02 -3.46
N ARG B 224 5.78 11.25 -2.39
CA ARG B 224 5.59 11.84 -1.07
C ARG B 224 6.49 11.13 -0.05
N MET B 225 7.29 11.91 0.67
CA MET B 225 8.05 11.43 1.80
C MET B 225 7.12 10.92 2.89
N PRO B 226 7.54 9.89 3.63
CA PRO B 226 6.69 9.53 4.76
C PRO B 226 6.64 10.68 5.75
N ASP B 227 5.58 10.76 6.55
CA ASP B 227 5.55 11.74 7.64
C ASP B 227 6.79 11.62 8.50
N ASP B 228 7.41 12.75 8.82
CA ASP B 228 8.57 12.77 9.70
C ASP B 228 9.77 12.07 9.10
N PHE B 229 9.83 11.98 7.77
CA PHE B 229 10.93 11.31 7.10
C PHE B 229 12.22 12.03 7.41
N PHE B 230 13.20 11.28 7.91
CA PHE B 230 14.59 11.74 7.99
C PHE B 230 15.37 11.17 6.79
N ARG B 231 16.18 12.00 6.18
CA ARG B 231 17.10 11.56 5.13
C ARG B 231 18.18 10.64 5.68
N ALA B 232 18.84 9.93 4.77
CA ALA B 232 19.94 9.07 5.14
C ALA B 232 21.06 9.83 5.90
N PRO B 233 21.86 9.10 6.73
CA PRO B 233 22.81 9.73 7.64
C PRO B 233 24.18 9.96 7.02
N SER B 234 24.31 9.65 5.73
CA SER B 234 25.50 10.02 4.98
C SER B 234 25.17 9.98 3.50
N PRO B 235 26.07 10.53 2.66
CA PRO B 235 25.75 10.50 1.23
C PRO B 235 25.94 9.09 0.68
N ARG B 236 24.99 8.61 -0.11
CA ARG B 236 25.26 7.39 -0.88
C ARG B 236 24.36 7.37 -2.09
N SER B 237 24.64 6.42 -2.98
CA SER B 237 23.75 6.18 -4.09
C SER B 237 23.59 4.68 -4.32
N GLY B 238 24.47 4.12 -5.15
CA GLY B 238 24.41 2.70 -5.51
C GLY B 238 25.21 1.68 -4.69
N THR B 239 25.48 1.96 -3.42
CA THR B 239 26.15 0.96 -2.58
C THR B 239 25.44 -0.38 -2.66
N GLY B 240 26.15 -1.44 -3.02
CA GLY B 240 25.58 -2.79 -3.03
C GLY B 240 25.04 -3.17 -4.39
N VAL B 241 25.39 -2.38 -5.40
CA VAL B 241 24.97 -2.72 -6.76
C VAL B 241 25.55 -4.06 -7.18
N GLU B 242 26.73 -4.41 -6.69
CA GLU B 242 27.36 -5.65 -7.09
C GLU B 242 26.55 -6.88 -6.59
N VAL B 243 25.80 -6.70 -5.52
CA VAL B 243 24.84 -7.70 -5.04
C VAL B 243 23.72 -7.99 -6.05
N VAL B 244 23.20 -6.93 -6.67
CA VAL B 244 22.13 -7.04 -7.66
C VAL B 244 22.69 -7.59 -8.98
N ILE B 245 23.86 -7.11 -9.35
CA ILE B 245 24.52 -7.60 -10.55
C ILE B 245 24.72 -9.13 -10.50
N GLN B 246 25.33 -9.59 -9.42
CA GLN B 246 25.70 -10.99 -9.23
C GLN B 246 24.52 -11.92 -8.94
N ALA B 247 23.45 -11.38 -8.38
CA ALA B 247 22.31 -12.22 -8.05
C ALA B 247 21.94 -13.04 -9.28
N HIS B 248 22.06 -12.41 -10.45
CA HIS B 248 21.51 -12.95 -11.69
C HIS B 248 22.28 -12.44 -12.91
N PRO B 249 23.47 -13.03 -13.18
CA PRO B 249 24.33 -12.52 -14.25
C PRO B 249 23.54 -12.30 -15.54
N MET B 250 23.75 -11.14 -16.16
CA MET B 250 23.15 -10.82 -17.46
C MET B 250 24.16 -10.08 -18.30
N GLN B 251 24.13 -10.27 -19.61
CA GLN B 251 24.80 -9.37 -20.53
C GLN B 251 23.78 -8.44 -21.19
N PRO B 252 24.25 -7.26 -21.58
CA PRO B 252 23.49 -6.29 -22.36
C PRO B 252 23.09 -6.87 -23.71
N GLY B 253 21.84 -6.63 -24.11
CA GLY B 253 21.37 -7.02 -25.43
C GLY B 253 20.01 -6.42 -25.71
N ARG B 254 19.32 -6.99 -26.69
CA ARG B 254 18.00 -6.54 -27.05
CA ARG B 254 18.06 -6.46 -27.20
C ARG B 254 17.24 -7.62 -27.78
N ASN B 255 15.92 -7.55 -27.69
CA ASN B 255 15.13 -8.31 -28.62
C ASN B 255 15.40 -7.77 -30.00
N VAL B 256 15.23 -8.61 -31.02
CA VAL B 256 15.55 -8.20 -32.39
C VAL B 256 14.34 -8.33 -33.27
N GLY B 257 13.30 -7.56 -32.93
CA GLY B 257 12.10 -7.47 -33.75
C GLY B 257 10.95 -8.35 -33.26
N LYS B 258 11.19 -9.16 -32.24
CA LYS B 258 10.19 -10.13 -31.77
C LYS B 258 10.49 -10.51 -30.33
N ILE B 259 9.49 -11.00 -29.60
CA ILE B 259 9.70 -11.40 -28.22
C ILE B 259 10.62 -12.61 -28.18
N ASN B 260 11.27 -12.80 -27.04
CA ASN B 260 12.08 -13.99 -26.83
C ASN B 260 13.09 -14.16 -27.92
N SER B 261 13.74 -13.05 -28.28
CA SER B 261 14.86 -13.14 -29.17
C SER B 261 16.03 -12.36 -28.63
N TYR B 262 16.26 -12.44 -27.32
CA TYR B 262 17.28 -11.60 -26.70
C TYR B 262 18.63 -11.89 -27.28
N THR B 263 19.21 -10.87 -27.90
CA THR B 263 20.50 -11.00 -28.54
C THR B 263 21.59 -10.19 -27.87
N VAL B 264 22.59 -10.90 -27.34
CA VAL B 264 23.66 -10.28 -26.62
C VAL B 264 24.58 -9.48 -27.54
N ASP B 265 24.90 -8.27 -27.11
CA ASP B 265 25.62 -7.31 -27.94
C ASP B 265 27.01 -7.10 -27.36
N PRO B 266 28.02 -7.77 -27.94
CA PRO B 266 29.40 -7.73 -27.43
C PRO B 266 30.08 -6.37 -27.61
N THR B 267 29.48 -5.47 -28.39
CA THR B 267 30.02 -4.11 -28.48
C THR B 267 29.50 -3.17 -27.38
N SER B 268 28.50 -3.60 -26.62
CA SER B 268 28.03 -2.81 -25.48
C SER B 268 29.11 -2.77 -24.41
N SER B 269 29.17 -1.69 -23.65
CA SER B 269 29.91 -1.75 -22.41
C SER B 269 29.16 -2.71 -21.48
N ASP B 270 29.82 -3.15 -20.42
CA ASP B 270 29.11 -3.70 -19.28
C ASP B 270 29.80 -3.24 -18.01
N PHE B 271 29.59 -3.97 -16.93
CA PHE B 271 30.04 -3.48 -15.64
C PHE B 271 31.54 -3.59 -15.48
N SER B 272 32.13 -4.45 -16.31
CA SER B 272 33.59 -4.56 -16.40
C SER B 272 34.23 -3.40 -17.17
N THR B 273 33.44 -2.66 -17.94
CA THR B 273 33.97 -1.58 -18.79
C THR B 273 33.27 -0.23 -18.62
N PRO B 274 33.34 0.34 -17.43
CA PRO B 274 32.69 1.63 -17.16
C PRO B 274 33.25 2.78 -18.01
N CYS B 275 34.51 2.69 -18.40
CA CYS B 275 35.11 3.82 -19.08
C CYS B 275 34.65 3.81 -20.51
N LEU B 276 34.37 2.62 -21.02
CA LEU B 276 33.84 2.45 -22.35
C LEU B 276 32.37 2.87 -22.41
N MET B 277 31.68 2.73 -21.29
CA MET B 277 30.32 3.21 -21.21
C MET B 277 30.30 4.73 -21.25
N TYR B 278 31.20 5.36 -20.50
CA TYR B 278 31.38 6.83 -20.57
C TYR B 278 31.71 7.29 -21.99
N GLU B 279 32.66 6.59 -22.63
CA GLU B 279 33.17 7.02 -23.92
C GLU B 279 32.06 6.97 -24.97
N LYS B 280 31.28 5.90 -24.93
CA LYS B 280 30.20 5.73 -25.90
C LYS B 280 29.08 6.76 -25.64
N PHE B 281 28.76 6.99 -24.38
CA PHE B 281 27.73 7.99 -24.08
C PHE B 281 28.14 9.33 -24.69
N VAL B 282 29.39 9.73 -24.49
CA VAL B 282 29.78 11.08 -24.86
C VAL B 282 30.01 11.18 -26.35
N ASN B 283 30.73 10.20 -26.91
CA ASN B 283 31.27 10.31 -28.25
C ASN B 283 30.44 9.58 -29.28
N ILE B 284 29.43 8.85 -28.83
CA ILE B 284 28.42 8.30 -29.75
C ILE B 284 27.01 8.84 -29.49
N THR B 285 26.58 8.86 -28.23
CA THR B 285 25.18 9.15 -27.93
C THR B 285 24.90 10.65 -27.99
N VAL B 286 25.61 11.40 -27.16
CA VAL B 286 25.57 12.86 -27.24
C VAL B 286 25.97 13.39 -28.63
N LYS B 287 27.06 12.87 -29.19
CA LYS B 287 27.55 13.31 -30.49
C LYS B 287 26.43 13.29 -31.53
N SER B 288 25.72 12.17 -31.61
CA SER B 288 24.67 11.97 -32.59
C SER B 288 23.47 12.92 -32.48
N LEU B 289 23.17 13.35 -31.25
CA LEU B 289 22.13 14.36 -31.04
C LEU B 289 22.61 15.73 -31.53
N TYR B 290 23.92 15.96 -31.42
CA TYR B 290 24.52 17.25 -31.70
C TYR B 290 25.77 17.12 -32.59
N PRO B 291 25.60 16.73 -33.85
CA PRO B 291 26.70 16.18 -34.64
C PRO B 291 27.68 17.23 -35.12
N ASN B 292 27.18 18.43 -35.40
CA ASN B 292 28.07 19.57 -35.40
C ASN B 292 27.41 20.88 -35.10
N PRO B 293 27.56 21.30 -33.84
CA PRO B 293 26.84 22.40 -33.24
C PRO B 293 27.49 23.73 -33.62
N THR B 294 26.68 24.79 -33.63
CA THR B 294 27.14 26.15 -33.80
C THR B 294 28.05 26.52 -32.65
N VAL B 295 28.80 27.60 -32.81
CA VAL B 295 29.77 28.03 -31.81
C VAL B 295 29.21 28.03 -30.37
N GLN B 296 28.00 28.54 -30.21
CA GLN B 296 27.44 28.75 -28.86
C GLN B 296 26.97 27.47 -28.20
N LEU B 297 26.37 26.60 -29.01
CA LEU B 297 25.94 25.27 -28.56
C LEU B 297 27.16 24.39 -28.24
N ARG B 298 28.23 24.53 -29.02
CA ARG B 298 29.46 23.79 -28.75
C ARG B 298 30.01 24.16 -27.39
N LYS B 299 30.14 25.46 -27.12
CA LYS B 299 30.56 25.93 -25.80
C LYS B 299 29.75 25.31 -24.66
N ALA B 300 28.41 25.30 -24.79
CA ALA B 300 27.52 24.78 -23.74
C ALA B 300 27.72 23.28 -23.60
N LEU B 301 27.77 22.57 -24.73
CA LEU B 301 28.05 21.15 -24.73
C LEU B 301 29.33 20.86 -23.97
N ASN B 302 30.38 21.60 -24.31
CA ASN B 302 31.69 21.37 -23.72
C ASN B 302 31.71 21.56 -22.22
N THR B 303 31.06 22.62 -21.76
CA THR B 303 30.95 22.92 -20.34
C THR B 303 30.20 21.79 -19.62
N ASN B 304 29.07 21.35 -20.18
CA ASN B 304 28.29 20.31 -19.53
C ASN B 304 28.97 18.94 -19.64
N LEU B 305 29.80 18.76 -20.68
CA LEU B 305 30.61 17.56 -20.82
C LEU B 305 31.72 17.47 -19.79
N ASP B 306 32.34 18.60 -19.46
CA ASP B 306 33.35 18.62 -18.42
C ASP B 306 32.69 18.23 -17.11
N PHE B 307 31.53 18.82 -16.83
CA PHE B 307 30.80 18.53 -15.61
C PHE B 307 30.41 17.06 -15.52
N PHE B 308 29.86 16.53 -16.60
CA PHE B 308 29.58 15.09 -16.68
C PHE B 308 30.82 14.31 -16.23
N PHE B 309 31.96 14.57 -16.87
CA PHE B 309 33.12 13.69 -16.70
C PHE B 309 33.55 13.72 -15.23
N GLN B 310 33.37 14.88 -14.61
CA GLN B 310 33.75 15.06 -13.23
C GLN B 310 33.00 14.07 -12.32
N GLY B 311 31.87 13.55 -12.81
CA GLY B 311 31.02 12.69 -11.99
C GLY B 311 31.30 11.23 -12.21
N VAL B 312 32.19 10.92 -13.15
CA VAL B 312 32.58 9.53 -13.39
C VAL B 312 33.49 9.01 -12.27
N ALA B 313 32.91 8.29 -11.32
CA ALA B 313 33.66 7.82 -10.15
C ALA B 313 34.75 6.76 -10.44
N ALA B 314 34.56 5.94 -11.46
CA ALA B 314 35.66 5.08 -11.92
C ALA B 314 36.97 5.86 -12.25
N GLY B 315 36.88 7.15 -12.50
CA GLY B 315 37.98 7.90 -13.09
C GLY B 315 37.90 8.02 -14.60
N CYS B 316 38.59 7.15 -15.32
CA CYS B 316 38.64 7.16 -16.78
C CYS B 316 39.45 8.33 -17.39
N THR B 317 39.73 8.23 -18.68
CA THR B 317 40.30 9.33 -19.44
C THR B 317 39.15 10.10 -20.10
N GLN B 318 39.15 11.42 -20.00
CA GLN B 318 38.11 12.24 -20.63
C GLN B 318 38.15 12.17 -22.16
N VAL B 319 36.99 12.10 -22.80
CA VAL B 319 36.94 12.21 -24.24
C VAL B 319 36.26 13.51 -24.70
N PHE B 320 36.56 13.92 -25.93
CA PHE B 320 36.17 15.26 -26.37
C PHE B 320 35.61 15.18 -27.77
N PRO B 321 34.27 15.11 -27.88
CA PRO B 321 33.65 14.96 -29.20
C PRO B 321 33.88 16.19 -30.06
N TYR B 322 34.05 17.35 -29.43
CA TYR B 322 34.23 18.57 -30.18
C TYR B 322 35.58 19.25 -29.88
N GLY B 323 36.56 18.47 -29.44
CA GLY B 323 37.85 19.02 -29.00
C GLY B 323 37.82 19.82 -27.70
N ARG B 324 38.90 20.53 -27.39
CA ARG B 324 38.97 21.33 -26.17
C ARG B 324 38.75 22.83 -26.42
N LEU C 1 -32.84 23.61 -2.69
CA LEU C 1 -32.14 22.35 -2.25
C LEU C 1 -33.17 21.32 -1.79
N PRO C 2 -32.84 20.02 -1.93
CA PRO C 2 -33.65 19.02 -1.25
C PRO C 2 -33.61 19.25 0.26
N PRO C 3 -34.66 18.80 0.96
CA PRO C 3 -34.66 18.84 2.40
C PRO C 3 -33.53 18.02 3.01
N GLY C 4 -33.07 18.44 4.18
CA GLY C 4 -32.22 17.59 5.00
C GLY C 4 -33.03 16.56 5.75
N PRO C 5 -32.35 15.60 6.38
CA PRO C 5 -33.03 14.59 7.21
C PRO C 5 -33.84 15.24 8.33
N LEU C 6 -34.82 14.53 8.86
CA LEU C 6 -35.60 15.00 10.01
C LEU C 6 -34.69 15.46 11.16
N GLU C 7 -35.07 16.52 11.84
CA GLU C 7 -34.40 16.88 13.09
C GLU C 7 -34.76 15.91 14.23
N ASN C 8 -36.04 15.61 14.36
CA ASN C 8 -36.49 14.62 15.33
C ASN C 8 -37.24 13.46 14.64
N SER C 9 -36.58 12.32 14.55
CA SER C 9 -37.07 11.21 13.73
C SER C 9 -37.69 10.07 14.53
N SER C 10 -38.10 10.37 15.76
CA SER C 10 -38.75 9.42 16.67
C SER C 10 -40.11 9.00 16.12
N ALA C 11 -40.69 7.94 16.68
CA ALA C 11 -42.03 7.53 16.30
C ALA C 11 -43.03 8.55 16.82
N LYS C 12 -44.07 8.82 16.04
CA LYS C 12 -45.17 9.59 16.55
C LYS C 12 -46.45 9.37 15.76
N LEU C 13 -47.58 9.64 16.41
CA LEU C 13 -48.86 9.76 15.76
C LEU C 13 -48.71 10.59 14.49
N VAL C 14 -49.02 9.98 13.34
CA VAL C 14 -49.08 10.74 12.11
C VAL C 14 -50.48 10.78 11.51
N ASN C 15 -51.33 9.83 11.91
CA ASN C 15 -52.76 9.97 11.66
C ASN C 15 -53.39 10.88 12.74
N ASP C 16 -53.06 12.17 12.66
CA ASP C 16 -53.45 13.12 13.68
C ASP C 16 -54.47 14.13 13.17
N GLU C 17 -54.54 15.22 13.91
CA GLU C 17 -55.62 16.19 13.83
C GLU C 17 -55.44 17.00 12.55
N ALA C 18 -54.19 17.35 12.27
CA ALA C 18 -53.87 18.23 11.15
C ALA C 18 -53.71 17.45 9.85
N HIS C 19 -53.76 16.12 9.94
CA HIS C 19 -53.61 15.27 8.76
C HIS C 19 -54.66 14.14 8.69
N PRO C 20 -55.93 14.52 8.66
CA PRO C 20 -57.06 13.61 8.55
C PRO C 20 -57.11 13.00 7.16
N TRP C 21 -57.60 11.77 7.06
CA TRP C 21 -57.95 11.20 5.77
C TRP C 21 -59.22 11.86 5.22
N LYS C 22 -59.24 12.07 3.91
CA LYS C 22 -60.45 12.55 3.24
C LYS C 22 -60.60 11.80 1.94
N PRO C 23 -61.86 11.53 1.54
CA PRO C 23 -62.11 10.86 0.28
C PRO C 23 -61.66 11.74 -0.86
N LEU C 24 -61.62 11.17 -2.06
CA LEU C 24 -61.18 11.90 -3.26
C LEU C 24 -62.27 12.83 -3.81
N ARG C 25 -61.96 14.11 -3.97
CA ARG C 25 -62.73 15.00 -4.84
C ARG C 25 -62.44 14.73 -6.31
N PRO C 26 -63.39 15.04 -7.21
CA PRO C 26 -63.06 14.93 -8.63
C PRO C 26 -61.80 15.73 -8.96
N GLY C 27 -60.98 15.21 -9.86
CA GLY C 27 -59.73 15.88 -10.20
C GLY C 27 -58.55 15.52 -9.32
N ASP C 28 -58.81 14.91 -8.16
CA ASP C 28 -57.73 14.40 -7.31
C ASP C 28 -57.02 13.18 -7.92
N ILE C 29 -55.70 13.25 -7.98
CA ILE C 29 -54.92 12.28 -8.73
C ILE C 29 -54.23 11.27 -7.80
N ARG C 30 -54.48 9.98 -8.01
CA ARG C 30 -53.73 8.95 -7.30
C ARG C 30 -53.12 7.96 -8.31
N GLY C 31 -52.00 7.37 -7.93
CA GLY C 31 -51.25 6.52 -8.85
C GLY C 31 -50.74 5.22 -8.27
N PRO C 32 -49.54 4.79 -8.72
CA PRO C 32 -49.17 3.40 -8.44
C PRO C 32 -48.44 3.21 -7.13
N CYS C 33 -48.25 4.29 -6.39
CA CYS C 33 -47.53 4.23 -5.12
C CYS C 33 -48.47 4.39 -3.92
N PRO C 34 -48.68 3.31 -3.15
CA PRO C 34 -49.57 3.44 -2.01
C PRO C 34 -48.96 4.39 -0.98
N GLY C 35 -47.64 4.45 -0.93
CA GLY C 35 -46.93 5.42 -0.09
C GLY C 35 -47.35 6.86 -0.33
N LEU C 36 -47.15 7.34 -1.56
CA LEU C 36 -47.47 8.73 -1.89
C LEU C 36 -49.00 8.94 -1.89
N ASN C 37 -49.73 7.94 -2.35
CA ASN C 37 -51.19 8.01 -2.31
C ASN C 37 -51.71 8.36 -0.90
N THR C 38 -51.20 7.66 0.12
CA THR C 38 -51.67 7.86 1.49
C THR C 38 -51.26 9.21 2.05
N LEU C 39 -50.06 9.65 1.70
CA LEU C 39 -49.60 10.96 2.14
C LEU C 39 -50.48 12.07 1.58
N ALA C 40 -50.99 11.86 0.37
CA ALA C 40 -51.80 12.86 -0.30
C ALA C 40 -53.18 12.84 0.35
N SER C 41 -53.68 11.64 0.57
CA SER C 41 -55.00 11.47 1.08
C SER C 41 -55.11 11.78 2.56
N HIS C 42 -53.97 11.95 3.22
CA HIS C 42 -53.91 12.56 4.56
C HIS C 42 -53.45 14.02 4.58
N GLY C 43 -53.22 14.62 3.41
CA GLY C 43 -52.80 16.03 3.32
C GLY C 43 -51.37 16.29 3.77
N TYR C 44 -50.53 15.27 3.75
CA TYR C 44 -49.10 15.53 3.89
C TYR C 44 -48.54 16.05 2.58
N LEU C 45 -49.13 15.59 1.49
CA LEU C 45 -48.97 16.20 0.17
C LEU C 45 -50.23 17.00 -0.15
N PRO C 46 -50.15 17.87 -1.16
CA PRO C 46 -51.37 18.46 -1.71
C PRO C 46 -52.36 17.36 -2.04
N ARG C 47 -53.63 17.60 -1.77
CA ARG C 47 -54.62 16.52 -1.87
C ARG C 47 -55.00 16.16 -3.29
N ASN C 48 -54.76 17.07 -4.22
CA ASN C 48 -54.96 16.77 -5.64
C ASN C 48 -53.88 15.89 -6.30
N GLY C 49 -52.81 15.59 -5.58
CA GLY C 49 -51.81 14.63 -6.06
C GLY C 49 -50.79 15.25 -7.01
N VAL C 50 -50.68 16.58 -6.97
CA VAL C 50 -49.70 17.28 -7.78
C VAL C 50 -48.80 18.10 -6.88
N ALA C 51 -47.48 17.86 -6.98
CA ALA C 51 -46.57 18.26 -5.93
C ALA C 51 -45.17 18.69 -6.41
N THR C 52 -44.45 19.49 -5.62
CA THR C 52 -43.01 19.67 -5.85
C THR C 52 -42.15 18.54 -5.25
N PRO C 53 -40.96 18.30 -5.83
CA PRO C 53 -40.08 17.32 -5.23
C PRO C 53 -39.83 17.60 -3.75
N VAL C 54 -39.64 18.86 -3.41
CA VAL C 54 -39.47 19.24 -2.02
C VAL C 54 -40.71 18.85 -1.18
N GLN C 55 -41.90 19.08 -1.71
CA GLN C 55 -43.10 18.75 -0.95
C GLN C 55 -43.12 17.24 -0.68
N ILE C 56 -42.73 16.48 -1.69
CA ILE C 56 -42.77 15.03 -1.67
C ILE C 56 -41.76 14.49 -0.66
N ILE C 57 -40.60 15.13 -0.58
CA ILE C 57 -39.57 14.66 0.33
C ILE C 57 -39.89 14.94 1.81
N ASN C 58 -40.29 16.16 2.12
CA ASN C 58 -40.86 16.47 3.42
C ASN C 58 -42.03 15.54 3.81
N ALA C 59 -42.91 15.26 2.86
CA ALA C 59 -44.00 14.30 3.12
C ALA C 59 -43.55 12.92 3.55
N VAL C 60 -42.70 12.28 2.72
CA VAL C 60 -42.31 10.91 3.01
C VAL C 60 -41.50 10.85 4.32
N GLN C 61 -40.67 11.87 4.54
CA GLN C 61 -40.00 12.00 5.82
C GLN C 61 -40.98 12.25 6.98
N GLU C 62 -41.82 13.28 6.88
CA GLU C 62 -42.67 13.67 8.02
C GLU C 62 -43.71 12.59 8.27
N GLY C 63 -44.39 12.18 7.23
CA GLY C 63 -45.52 11.27 7.35
C GLY C 63 -45.14 9.84 7.69
N LEU C 64 -43.97 9.39 7.23
CA LEU C 64 -43.68 7.96 7.24
C LEU C 64 -42.24 7.55 7.60
N ASN C 65 -41.39 8.54 7.82
CA ASN C 65 -40.00 8.32 8.18
C ASN C 65 -39.21 7.54 7.13
N PHE C 66 -39.53 7.77 5.86
CA PHE C 66 -38.66 7.35 4.76
C PHE C 66 -37.32 8.04 4.93
N ASP C 67 -36.21 7.30 4.79
CA ASP C 67 -34.92 7.92 4.97
C ASP C 67 -34.56 8.97 3.91
N ASN C 68 -33.64 9.87 4.24
CA ASN C 68 -33.37 11.04 3.40
C ASN C 68 -32.77 10.74 2.03
N GLN C 69 -31.73 9.91 2.00
CA GLN C 69 -31.10 9.55 0.74
C GLN C 69 -32.05 8.82 -0.20
N ALA C 70 -32.82 7.86 0.34
CA ALA C 70 -33.85 7.16 -0.42
C ALA C 70 -34.94 8.11 -0.95
N ALA C 71 -35.33 9.10 -0.14
CA ALA C 71 -36.36 10.03 -0.57
C ALA C 71 -35.83 10.94 -1.68
N VAL C 72 -34.59 11.40 -1.54
CA VAL C 72 -33.99 12.23 -2.57
C VAL C 72 -33.82 11.40 -3.87
N PHE C 73 -33.33 10.18 -3.72
CA PHE C 73 -33.05 9.33 -4.87
C PHE C 73 -34.35 9.11 -5.66
N ALA C 74 -35.41 8.70 -4.97
CA ALA C 74 -36.63 8.30 -5.67
C ALA C 74 -37.38 9.50 -6.23
N THR C 75 -37.37 10.59 -5.48
CA THR C 75 -38.14 11.77 -5.88
C THR C 75 -37.60 12.41 -7.13
N TYR C 76 -36.30 12.66 -7.14
CA TYR C 76 -35.68 13.32 -8.27
C TYR C 76 -35.53 12.41 -9.49
N ALA C 77 -35.46 11.09 -9.25
CA ALA C 77 -35.54 10.12 -10.35
C ALA C 77 -36.90 10.21 -11.03
N ALA C 78 -37.96 10.18 -10.23
CA ALA C 78 -39.31 10.26 -10.79
C ALA C 78 -39.53 11.59 -11.51
N HIS C 79 -39.08 12.67 -10.89
CA HIS C 79 -39.29 14.00 -11.42
C HIS C 79 -38.57 14.16 -12.77
N LEU C 80 -37.37 13.61 -12.84
CA LEU C 80 -36.57 13.67 -14.06
C LEU C 80 -37.25 12.97 -15.22
N VAL C 81 -37.80 11.78 -14.97
CA VAL C 81 -38.45 11.05 -16.07
C VAL C 81 -39.93 11.38 -16.24
N ASP C 82 -40.62 11.74 -15.16
CA ASP C 82 -42.10 11.80 -15.15
C ASP C 82 -42.63 13.22 -14.91
N GLY C 83 -41.80 14.12 -14.37
CA GLY C 83 -42.27 15.44 -13.95
C GLY C 83 -41.85 16.59 -14.87
N ASN C 84 -42.40 17.78 -14.63
CA ASN C 84 -42.05 18.97 -15.41
C ASN C 84 -40.99 19.81 -14.75
N LEU C 85 -39.86 19.95 -15.43
CA LEU C 85 -38.64 20.44 -14.81
C LEU C 85 -38.67 21.96 -14.67
N ILE C 86 -39.53 22.60 -15.47
CA ILE C 86 -39.66 24.06 -15.43
C ILE C 86 -40.63 24.55 -14.35
N THR C 87 -41.84 23.97 -14.32
CA THR C 87 -42.80 24.30 -13.26
C THR C 87 -42.45 23.60 -11.96
N ASP C 88 -41.56 22.61 -12.02
CA ASP C 88 -41.08 21.91 -10.83
C ASP C 88 -42.20 21.14 -10.19
N LEU C 89 -43.08 20.59 -11.04
CA LEU C 89 -44.27 19.91 -10.59
C LEU C 89 -44.31 18.48 -11.08
N LEU C 90 -44.73 17.57 -10.21
CA LEU C 90 -44.87 16.17 -10.62
C LEU C 90 -46.24 15.67 -10.21
N SER C 91 -46.91 14.95 -11.10
CA SER C 91 -48.14 14.26 -10.72
C SER C 91 -47.81 12.86 -10.19
N ILE C 92 -48.41 12.48 -9.07
CA ILE C 92 -48.18 11.15 -8.53
C ILE C 92 -49.04 10.11 -9.23
N GLY C 93 -49.71 10.51 -10.31
CA GLY C 93 -50.58 9.60 -11.06
C GLY C 93 -50.59 9.88 -12.56
N ARG C 94 -51.76 10.13 -13.11
CA ARG C 94 -51.92 10.24 -14.56
C ARG C 94 -51.29 11.52 -15.07
N LYS C 95 -51.00 11.56 -16.38
CA LYS C 95 -50.57 12.82 -17.01
C LYS C 95 -51.66 13.85 -16.76
N THR C 96 -51.26 15.05 -16.37
CA THR C 96 -52.22 16.13 -16.13
C THR C 96 -51.72 17.45 -16.68
N ARG C 97 -52.64 18.32 -17.08
CA ARG C 97 -52.30 19.67 -17.52
C ARG C 97 -51.84 20.61 -16.39
N LEU C 98 -52.04 20.18 -15.15
CA LEU C 98 -51.64 21.00 -14.01
C LEU C 98 -50.14 21.03 -13.78
N THR C 99 -49.37 20.22 -14.51
CA THR C 99 -47.92 20.35 -14.40
C THR C 99 -47.31 21.39 -15.38
N GLY C 100 -48.16 21.93 -16.26
CA GLY C 100 -47.81 23.11 -17.05
C GLY C 100 -47.38 22.84 -18.49
N PRO C 101 -46.81 23.85 -19.17
CA PRO C 101 -46.41 23.66 -20.57
C PRO C 101 -45.39 22.52 -20.69
N ASP C 102 -45.62 21.59 -21.61
CA ASP C 102 -44.74 20.47 -21.84
C ASP C 102 -43.45 20.84 -22.58
N PRO C 103 -42.38 20.11 -22.30
CA PRO C 103 -41.13 20.14 -23.06
C PRO C 103 -41.39 19.43 -24.39
N PRO C 104 -40.44 19.51 -25.33
CA PRO C 104 -40.54 18.73 -26.56
C PRO C 104 -40.48 17.22 -26.31
N PRO C 105 -41.07 16.44 -27.23
CA PRO C 105 -40.80 15.00 -27.29
C PRO C 105 -39.29 14.72 -27.38
N PRO C 106 -38.85 13.53 -26.92
CA PRO C 106 -39.71 12.46 -26.45
C PRO C 106 -40.08 12.51 -24.96
N ALA C 107 -39.58 13.50 -24.24
CA ALA C 107 -40.00 13.71 -22.85
C ALA C 107 -41.52 13.80 -22.87
N SER C 108 -42.18 13.16 -21.91
CA SER C 108 -43.64 13.15 -21.96
C SER C 108 -44.34 13.61 -20.68
N VAL C 109 -43.57 13.89 -19.63
CA VAL C 109 -44.16 14.39 -18.40
C VAL C 109 -45.48 13.69 -18.08
N GLY C 110 -45.44 12.35 -18.13
CA GLY C 110 -46.63 11.51 -17.94
C GLY C 110 -46.99 11.25 -16.49
N GLY C 111 -46.30 11.88 -15.56
CA GLY C 111 -46.53 11.57 -14.13
C GLY C 111 -46.19 10.13 -13.77
N LEU C 112 -46.49 9.73 -12.54
CA LEU C 112 -46.01 8.45 -12.04
C LEU C 112 -46.63 7.25 -12.75
N ASN C 113 -47.78 7.44 -13.42
CA ASN C 113 -48.40 6.37 -14.21
C ASN C 113 -47.63 6.00 -15.48
N GLU C 114 -46.83 6.92 -16.01
CA GLU C 114 -46.06 6.61 -17.22
C GLU C 114 -45.34 5.26 -17.06
N HIS C 115 -45.70 4.32 -17.91
CA HIS C 115 -45.14 2.99 -17.89
C HIS C 115 -43.73 2.99 -18.45
N GLY C 116 -42.80 2.30 -17.78
CA GLY C 116 -41.51 2.00 -18.37
C GLY C 116 -40.46 3.04 -17.99
N THR C 117 -40.89 4.06 -17.27
CA THR C 117 -39.94 5.03 -16.75
C THR C 117 -39.60 4.75 -15.28
N PHE C 118 -40.51 5.06 -14.37
CA PHE C 118 -40.44 4.55 -12.99
C PHE C 118 -41.34 3.31 -12.84
N GLU C 119 -42.65 3.47 -13.04
CA GLU C 119 -43.60 2.35 -13.00
C GLU C 119 -43.19 1.22 -13.95
N GLY C 120 -43.46 -0.02 -13.54
CA GLY C 120 -42.95 -1.18 -14.24
C GLY C 120 -43.72 -2.44 -13.88
N ASP C 121 -43.36 -3.55 -14.49
CA ASP C 121 -44.11 -4.78 -14.37
C ASP C 121 -43.91 -5.50 -13.02
N ALA C 122 -44.77 -6.48 -12.74
CA ALA C 122 -44.63 -7.30 -11.55
C ALA C 122 -44.82 -6.52 -10.25
N SER C 123 -45.63 -5.46 -10.31
CA SER C 123 -46.11 -4.83 -9.08
C SER C 123 -46.93 -5.83 -8.24
N MET C 124 -46.89 -5.65 -6.92
CA MET C 124 -47.52 -6.59 -5.97
C MET C 124 -49.05 -6.49 -6.05
N THR C 125 -49.54 -5.26 -6.06
CA THR C 125 -50.98 -5.00 -6.01
C THR C 125 -51.55 -4.26 -7.23
N ARG C 126 -50.73 -4.13 -8.28
CA ARG C 126 -51.12 -3.43 -9.51
C ARG C 126 -50.85 -4.33 -10.69
N GLY C 127 -51.71 -4.23 -11.71
CA GLY C 127 -51.49 -5.00 -12.93
C GLY C 127 -50.42 -4.39 -13.83
N ASP C 128 -49.81 -5.24 -14.66
CA ASP C 128 -48.87 -4.79 -15.67
C ASP C 128 -49.58 -3.89 -16.67
N ALA C 129 -48.87 -2.86 -17.15
CA ALA C 129 -49.44 -1.94 -18.15
C ALA C 129 -49.99 -2.67 -19.37
N PHE C 130 -49.33 -3.76 -19.76
CA PHE C 130 -49.75 -4.49 -20.96
C PHE C 130 -51.22 -4.91 -20.90
N PHE C 131 -51.76 -5.09 -19.69
CA PHE C 131 -53.12 -5.59 -19.52
C PHE C 131 -54.15 -4.47 -19.46
N GLY C 132 -53.70 -3.22 -19.28
CA GLY C 132 -54.61 -2.12 -19.46
C GLY C 132 -54.60 -1.06 -18.38
N ASN C 133 -54.44 -1.47 -17.14
CA ASN C 133 -54.45 -0.49 -16.05
C ASN C 133 -53.34 -0.76 -15.03
N ASN C 134 -52.45 0.20 -14.88
CA ASN C 134 -51.16 -0.05 -14.26
C ASN C 134 -51.07 0.63 -12.92
N HIS C 135 -52.16 1.27 -12.51
CA HIS C 135 -52.09 2.09 -11.31
C HIS C 135 -53.17 1.83 -10.27
N ASP C 136 -54.32 1.30 -10.68
CA ASP C 136 -55.37 1.04 -9.71
C ASP C 136 -55.13 -0.21 -8.88
N PHE C 137 -55.54 -0.17 -7.61
CA PHE C 137 -55.57 -1.34 -6.75
C PHE C 137 -56.32 -2.48 -7.42
N ASN C 138 -55.72 -3.67 -7.37
CA ASN C 138 -56.30 -4.86 -7.94
C ASN C 138 -56.56 -5.91 -6.85
N GLU C 139 -57.82 -6.34 -6.71
CA GLU C 139 -58.24 -7.18 -5.56
C GLU C 139 -57.69 -8.62 -5.64
N THR C 140 -57.73 -9.22 -6.82
CA THR C 140 -57.12 -10.53 -7.04
C THR C 140 -55.64 -10.57 -6.61
N LEU C 141 -54.86 -9.57 -7.03
CA LEU C 141 -53.44 -9.49 -6.68
C LEU C 141 -53.28 -9.31 -5.18
N PHE C 142 -54.11 -8.46 -4.60
CA PHE C 142 -54.06 -8.26 -3.16
C PHE C 142 -54.38 -9.54 -2.40
N GLU C 143 -55.36 -10.28 -2.87
CA GLU C 143 -55.70 -11.52 -2.18
C GLU C 143 -54.63 -12.59 -2.42
N GLN C 144 -53.85 -12.43 -3.49
CA GLN C 144 -52.63 -13.21 -3.61
C GLN C 144 -51.60 -12.76 -2.56
N LEU C 145 -51.51 -11.46 -2.30
CA LEU C 145 -50.66 -11.01 -1.21
C LEU C 145 -51.04 -11.67 0.12
N VAL C 146 -52.36 -11.83 0.33
CA VAL C 146 -52.86 -12.42 1.58
C VAL C 146 -52.51 -13.91 1.68
N ASP C 147 -52.84 -14.67 0.65
CA ASP C 147 -52.35 -16.05 0.55
C ASP C 147 -50.88 -16.17 0.96
N TYR C 148 -50.04 -15.29 0.45
CA TYR C 148 -48.62 -15.47 0.59
C TYR C 148 -48.21 -15.08 1.99
N SER C 149 -48.96 -14.13 2.55
CA SER C 149 -48.82 -13.82 3.96
C SER C 149 -49.21 -15.00 4.86
N ASN C 150 -50.29 -15.70 4.51
CA ASN C 150 -50.69 -16.92 5.20
C ASN C 150 -49.67 -18.03 5.10
N ARG C 151 -49.17 -18.30 3.89
CA ARG C 151 -48.25 -19.41 3.71
C ARG C 151 -46.89 -19.13 4.35
N PHE C 152 -46.46 -17.87 4.33
CA PHE C 152 -45.08 -17.57 4.60
C PHE C 152 -44.88 -16.64 5.79
N GLY C 153 -45.92 -15.93 6.21
CA GLY C 153 -45.77 -14.94 7.27
C GLY C 153 -46.60 -15.23 8.51
N GLY C 154 -47.03 -16.48 8.65
CA GLY C 154 -48.10 -16.84 9.58
C GLY C 154 -49.24 -15.83 9.61
N GLY C 155 -49.60 -15.30 8.44
CA GLY C 155 -50.75 -14.41 8.36
C GLY C 155 -50.41 -12.92 8.31
N LYS C 156 -49.16 -12.58 8.62
CA LYS C 156 -48.66 -11.21 8.46
C LYS C 156 -47.86 -11.09 7.16
N TYR C 157 -47.57 -9.84 6.76
CA TYR C 157 -46.62 -9.58 5.69
C TYR C 157 -45.26 -9.27 6.31
N ASN C 158 -44.25 -10.02 5.93
CA ASN C 158 -42.89 -9.73 6.38
C ASN C 158 -41.87 -10.04 5.27
N LEU C 159 -40.59 -9.82 5.56
CA LEU C 159 -39.58 -9.87 4.49
C LEU C 159 -39.48 -11.27 3.92
N THR C 160 -39.90 -12.27 4.67
CA THR C 160 -39.96 -13.63 4.12
C THR C 160 -41.03 -13.76 3.03
N VAL C 161 -42.21 -13.22 3.32
CA VAL C 161 -43.28 -13.05 2.34
C VAL C 161 -42.87 -12.22 1.11
N ALA C 162 -42.29 -11.05 1.36
CA ALA C 162 -41.77 -10.23 0.27
C ALA C 162 -40.94 -11.11 -0.68
N GLY C 163 -40.04 -11.91 -0.12
CA GLY C 163 -39.18 -12.75 -0.93
C GLY C 163 -39.98 -13.63 -1.85
N GLU C 164 -41.03 -14.24 -1.33
CA GLU C 164 -41.71 -15.27 -2.09
C GLU C 164 -42.59 -14.61 -3.14
N LEU C 165 -43.23 -13.51 -2.75
CA LEU C 165 -44.28 -12.90 -3.52
C LEU C 165 -43.64 -12.14 -4.67
N ARG C 166 -42.46 -11.58 -4.40
CA ARG C 166 -41.69 -10.87 -5.42
C ARG C 166 -41.34 -11.83 -6.55
N PHE C 167 -40.95 -13.06 -6.20
CA PHE C 167 -40.66 -14.08 -7.21
C PHE C 167 -41.93 -14.52 -7.97
N LYS C 168 -43.02 -14.71 -7.22
CA LYS C 168 -44.27 -15.14 -7.80
C LYS C 168 -44.80 -14.13 -8.85
N ARG C 169 -44.75 -12.85 -8.53
CA ARG C 169 -45.18 -11.82 -9.48
C ARG C 169 -44.30 -11.77 -10.74
N ILE C 170 -43.02 -12.08 -10.58
CA ILE C 170 -42.13 -12.23 -11.73
C ILE C 170 -42.55 -13.40 -12.62
N GLN C 171 -42.81 -14.55 -12.00
CA GLN C 171 -43.23 -15.74 -12.73
C GLN C 171 -44.57 -15.49 -13.44
N ASP C 172 -45.52 -14.90 -12.72
CA ASP C 172 -46.82 -14.52 -13.29
C ASP C 172 -46.62 -13.75 -14.60
N SER C 173 -45.76 -12.74 -14.57
CA SER C 173 -45.58 -11.85 -15.72
C SER C 173 -44.90 -12.57 -16.88
N ILE C 174 -43.89 -13.36 -16.57
CA ILE C 174 -43.25 -14.17 -17.61
C ILE C 174 -44.31 -15.01 -18.29
N ALA C 175 -45.29 -15.49 -17.52
CA ALA C 175 -46.24 -16.49 -18.02
C ALA C 175 -47.39 -15.88 -18.83
N THR C 176 -47.66 -14.59 -18.63
CA THR C 176 -48.87 -13.98 -19.18
C THR C 176 -48.62 -12.72 -19.99
N ASN C 177 -47.46 -12.10 -19.83
CA ASN C 177 -47.25 -10.78 -20.41
C ASN C 177 -46.13 -10.78 -21.44
N PRO C 178 -46.48 -10.83 -22.72
CA PRO C 178 -45.50 -10.97 -23.82
C PRO C 178 -44.59 -9.75 -23.91
N ASN C 179 -44.96 -8.68 -23.22
CA ASN C 179 -44.13 -7.47 -23.21
C ASN C 179 -43.38 -7.30 -21.87
N PHE C 180 -43.38 -8.36 -21.06
CA PHE C 180 -42.73 -8.29 -19.74
C PHE C 180 -41.32 -7.73 -19.85
N SER C 181 -41.04 -6.71 -19.05
CA SER C 181 -39.70 -6.11 -19.04
C SER C 181 -39.23 -5.96 -17.60
N PHE C 182 -37.99 -6.34 -17.32
CA PHE C 182 -37.52 -6.41 -15.95
C PHE C 182 -36.03 -6.19 -15.93
N VAL C 183 -35.61 -5.01 -16.37
CA VAL C 183 -34.22 -4.69 -16.50
C VAL C 183 -33.93 -3.35 -15.85
N ASP C 184 -32.66 -3.03 -15.66
CA ASP C 184 -32.23 -1.67 -15.34
C ASP C 184 -32.99 -1.09 -14.14
N PHE C 185 -33.65 0.06 -14.32
CA PHE C 185 -34.19 0.78 -13.16
C PHE C 185 -35.34 0.03 -12.49
N ARG C 186 -36.16 -0.61 -13.30
CA ARG C 186 -37.25 -1.38 -12.75
C ARG C 186 -36.80 -2.64 -12.02
N PHE C 187 -35.78 -3.33 -12.54
CA PHE C 187 -35.19 -4.43 -11.82
C PHE C 187 -34.79 -3.98 -10.42
N PHE C 188 -34.21 -2.79 -10.32
CA PHE C 188 -33.80 -2.25 -9.06
C PHE C 188 -34.98 -1.97 -8.11
N THR C 189 -35.91 -1.11 -8.53
CA THR C 189 -36.94 -0.62 -7.62
C THR C 189 -37.92 -1.73 -7.22
N ALA C 190 -38.03 -2.76 -8.04
CA ALA C 190 -39.06 -3.77 -7.80
C ALA C 190 -38.73 -4.58 -6.54
N TYR C 191 -37.44 -4.74 -6.22
CA TYR C 191 -37.06 -5.41 -5.00
C TYR C 191 -37.24 -4.57 -3.75
N GLY C 192 -36.71 -3.35 -3.75
CA GLY C 192 -36.82 -2.53 -2.53
C GLY C 192 -38.27 -2.30 -2.10
N GLU C 193 -39.13 -2.04 -3.07
CA GLU C 193 -40.50 -1.70 -2.78
C GLU C 193 -41.18 -2.80 -1.98
N THR C 194 -40.75 -4.06 -2.16
CA THR C 194 -41.41 -5.16 -1.45
C THR C 194 -41.02 -5.19 0.02
N THR C 195 -39.97 -4.47 0.39
CA THR C 195 -39.59 -4.30 1.79
C THR C 195 -40.39 -3.18 2.45
N PHE C 196 -40.93 -2.25 1.64
CA PHE C 196 -41.48 -1.03 2.21
C PHE C 196 -42.69 -1.30 3.12
N PRO C 197 -43.58 -2.22 2.72
CA PRO C 197 -44.72 -2.43 3.65
C PRO C 197 -44.28 -2.96 5.03
N ALA C 198 -43.27 -3.83 5.04
CA ALA C 198 -42.78 -4.38 6.29
C ALA C 198 -42.03 -3.35 7.14
N ASN C 199 -41.37 -2.39 6.49
CA ASN C 199 -40.47 -1.49 7.18
C ASN C 199 -41.16 -0.19 7.56
N LEU C 200 -42.28 0.12 6.92
CA LEU C 200 -42.88 1.49 6.96
C LEU C 200 -44.40 1.57 7.21
N PHE C 201 -45.12 0.54 6.79
CA PHE C 201 -46.57 0.47 7.04
C PHE C 201 -46.88 -0.26 8.38
N VAL C 202 -45.84 -0.80 9.02
CA VAL C 202 -45.98 -1.40 10.36
C VAL C 202 -45.91 -0.29 11.42
N ASP C 203 -46.89 -0.25 12.32
CA ASP C 203 -46.96 0.82 13.34
C ASP C 203 -45.67 0.91 14.14
N GLY C 204 -45.22 2.13 14.38
CA GLY C 204 -43.85 2.37 14.80
C GLY C 204 -43.57 2.16 16.28
N ARG C 205 -44.63 2.08 17.09
CA ARG C 205 -44.50 1.66 18.48
C ARG C 205 -44.11 0.19 18.55
N ARG C 206 -44.59 -0.60 17.59
CA ARG C 206 -44.17 -1.99 17.46
C ARG C 206 -42.87 -2.13 16.66
N ASP C 207 -42.83 -1.59 15.44
CA ASP C 207 -41.69 -1.73 14.52
C ASP C 207 -41.10 -3.14 14.45
N ASP C 208 -41.94 -4.15 14.23
CA ASP C 208 -41.53 -5.54 14.36
C ASP C 208 -41.54 -6.31 13.02
N GLY C 209 -41.75 -5.58 11.94
CA GLY C 209 -41.65 -6.15 10.60
C GLY C 209 -42.74 -7.14 10.23
N GLN C 210 -43.83 -7.16 11.01
CA GLN C 210 -44.99 -8.02 10.71
C GLN C 210 -46.23 -7.18 10.44
N LEU C 211 -46.58 -7.05 9.18
CA LEU C 211 -47.66 -6.15 8.81
C LEU C 211 -48.97 -6.91 8.69
N ASP C 212 -49.99 -6.46 9.41
CA ASP C 212 -51.29 -7.14 9.35
C ASP C 212 -52.12 -6.82 8.10
N MET C 213 -53.02 -7.72 7.76
CA MET C 213 -53.73 -7.64 6.50
C MET C 213 -54.77 -6.52 6.49
N ASP C 214 -55.09 -6.00 7.67
CA ASP C 214 -55.92 -4.80 7.75
C ASP C 214 -55.17 -3.52 7.39
N ALA C 215 -54.06 -3.29 8.08
CA ALA C 215 -53.15 -2.22 7.73
C ALA C 215 -52.70 -2.27 6.27
N ALA C 216 -52.46 -3.47 5.75
CA ALA C 216 -52.07 -3.62 4.36
C ALA C 216 -53.16 -3.13 3.41
N ARG C 217 -54.37 -3.66 3.56
CA ARG C 217 -55.45 -3.30 2.64
C ARG C 217 -55.72 -1.81 2.71
N SER C 218 -55.68 -1.29 3.93
CA SER C 218 -55.91 0.11 4.17
C SER C 218 -54.96 1.00 3.32
N PHE C 219 -53.66 0.76 3.44
CA PHE C 219 -52.65 1.45 2.63
C PHE C 219 -52.79 1.14 1.14
N PHE C 220 -52.75 -0.15 0.78
CA PHE C 220 -52.75 -0.51 -0.63
C PHE C 220 -54.00 -0.09 -1.40
N GLN C 221 -55.17 -0.20 -0.77
CA GLN C 221 -56.45 0.01 -1.47
C GLN C 221 -57.04 1.41 -1.27
N PHE C 222 -57.09 1.86 -0.02
CA PHE C 222 -57.79 3.12 0.28
C PHE C 222 -56.90 4.34 0.52
N SER C 223 -55.59 4.13 0.47
CA SER C 223 -54.62 5.20 0.78
C SER C 223 -54.84 5.78 2.18
N ARG C 224 -55.12 4.92 3.14
CA ARG C 224 -55.52 5.39 4.46
C ARG C 224 -54.64 4.82 5.56
N MET C 225 -54.08 5.66 6.41
CA MET C 225 -53.39 5.12 7.57
C MET C 225 -54.36 4.41 8.50
N PRO C 226 -53.86 3.47 9.29
CA PRO C 226 -54.69 2.93 10.37
C PRO C 226 -54.97 4.00 11.42
N ASP C 227 -56.04 3.83 12.18
CA ASP C 227 -56.37 4.71 13.29
C ASP C 227 -55.18 4.80 14.25
N ASP C 228 -54.84 6.01 14.67
CA ASP C 228 -53.82 6.18 15.72
C ASP C 228 -52.44 5.74 15.22
N PHE C 229 -52.31 5.51 13.92
CA PHE C 229 -51.04 5.03 13.31
C PHE C 229 -49.89 5.92 13.71
N PHE C 230 -48.88 5.33 14.34
CA PHE C 230 -47.59 5.99 14.52
C PHE C 230 -46.63 5.61 13.38
N ARG C 231 -45.85 6.58 12.92
CA ARG C 231 -44.80 6.32 11.96
C ARG C 231 -43.64 5.56 12.62
N ALA C 232 -42.76 4.97 11.81
CA ALA C 232 -41.65 4.20 12.33
C ALA C 232 -40.73 5.05 13.20
N PRO C 233 -39.99 4.41 14.13
CA PRO C 233 -39.28 5.13 15.18
C PRO C 233 -37.92 5.63 14.72
N SER C 234 -37.62 5.41 13.44
CA SER C 234 -36.38 5.93 12.84
C SER C 234 -36.50 6.00 11.32
N PRO C 235 -35.62 6.79 10.67
CA PRO C 235 -35.72 6.82 9.21
C PRO C 235 -35.28 5.49 8.58
N ARG C 236 -36.04 4.98 7.62
CA ARG C 236 -35.58 3.83 6.83
C ARG C 236 -36.31 3.70 5.49
N SER C 237 -35.85 2.77 4.68
CA SER C 237 -36.49 2.45 3.42
C SER C 237 -36.36 0.95 3.13
N GLY C 238 -35.34 0.57 2.38
CA GLY C 238 -35.27 -0.81 1.88
C GLY C 238 -34.32 -1.72 2.65
N THR C 239 -34.06 -1.38 3.91
CA THR C 239 -33.35 -2.30 4.82
C THR C 239 -33.93 -3.69 4.70
N GLY C 240 -33.06 -4.70 4.57
CA GLY C 240 -33.51 -6.09 4.39
C GLY C 240 -33.72 -6.52 2.95
N VAL C 241 -33.39 -5.66 1.99
CA VAL C 241 -33.68 -5.96 0.59
C VAL C 241 -32.88 -7.17 0.08
N GLU C 242 -31.77 -7.46 0.75
CA GLU C 242 -30.99 -8.65 0.42
C GLU C 242 -31.75 -9.94 0.70
N VAL C 243 -32.62 -9.90 1.71
CA VAL C 243 -33.52 -11.02 1.99
C VAL C 243 -34.40 -11.30 0.79
N VAL C 244 -34.90 -10.24 0.17
CA VAL C 244 -35.80 -10.42 -0.97
C VAL C 244 -35.03 -10.84 -2.23
N ILE C 245 -33.85 -10.26 -2.40
CA ILE C 245 -33.02 -10.60 -3.54
C ILE C 245 -32.57 -12.06 -3.49
N GLN C 246 -32.07 -12.48 -2.33
CA GLN C 246 -31.46 -13.80 -2.21
C GLN C 246 -32.49 -14.93 -2.11
N ALA C 247 -33.74 -14.59 -1.79
CA ALA C 247 -34.81 -15.61 -1.73
C ALA C 247 -34.99 -16.37 -3.02
N HIS C 248 -34.91 -15.67 -4.15
CA HIS C 248 -35.00 -16.28 -5.47
C HIS C 248 -34.18 -15.45 -6.48
N PRO C 249 -32.86 -15.67 -6.50
CA PRO C 249 -31.96 -14.85 -7.30
C PRO C 249 -32.42 -14.79 -8.76
N MET C 250 -32.65 -13.59 -9.27
CA MET C 250 -33.06 -13.39 -10.66
C MET C 250 -32.03 -12.63 -11.48
N GLN C 251 -31.90 -12.97 -12.76
CA GLN C 251 -31.16 -12.11 -13.70
C GLN C 251 -32.15 -11.19 -14.39
N PRO C 252 -31.72 -9.95 -14.66
CA PRO C 252 -32.61 -9.00 -15.34
C PRO C 252 -32.86 -9.46 -16.76
N GLY C 253 -34.00 -9.12 -17.31
CA GLY C 253 -34.37 -9.62 -18.62
C GLY C 253 -35.79 -9.29 -19.00
N ARG C 254 -36.25 -9.89 -20.10
CA ARG C 254 -37.55 -9.56 -20.64
C ARG C 254 -38.10 -10.69 -21.49
N ASN C 255 -39.42 -10.83 -21.53
CA ASN C 255 -40.08 -11.51 -22.64
C ASN C 255 -39.78 -10.84 -23.98
N VAL C 256 -39.62 -11.67 -25.00
CA VAL C 256 -39.27 -11.17 -26.32
C VAL C 256 -40.44 -11.34 -27.31
N GLY C 257 -41.54 -10.66 -27.04
CA GLY C 257 -42.65 -10.64 -27.98
C GLY C 257 -43.63 -11.79 -27.78
N LYS C 258 -43.40 -12.60 -26.76
CA LYS C 258 -44.35 -13.67 -26.40
C LYS C 258 -44.20 -14.19 -24.97
N ILE C 259 -45.25 -14.85 -24.46
CA ILE C 259 -45.19 -15.35 -23.09
C ILE C 259 -44.09 -16.39 -23.00
N ASN C 260 -43.56 -16.59 -21.80
CA ASN C 260 -42.54 -17.60 -21.61
C ASN C 260 -41.33 -17.55 -22.55
N SER C 261 -40.81 -16.35 -22.79
CA SER C 261 -39.57 -16.21 -23.54
C SER C 261 -38.62 -15.25 -22.82
N TYR C 262 -38.58 -15.36 -21.50
CA TYR C 262 -37.71 -14.53 -20.66
C TYR C 262 -36.26 -14.66 -21.06
N THR C 263 -35.70 -13.55 -21.46
CA THR C 263 -34.40 -13.56 -22.06
C THR C 263 -33.49 -12.59 -21.35
N VAL C 264 -32.36 -13.09 -20.85
CA VAL C 264 -31.46 -12.28 -20.04
C VAL C 264 -30.91 -11.09 -20.84
N ASP C 265 -30.94 -9.91 -20.24
CA ASP C 265 -30.38 -8.74 -20.89
C ASP C 265 -28.99 -8.45 -20.36
N PRO C 266 -27.95 -8.86 -21.11
CA PRO C 266 -26.60 -8.78 -20.58
C PRO C 266 -26.11 -7.33 -20.46
N THR C 267 -26.88 -6.38 -20.96
CA THR C 267 -26.50 -4.96 -20.84
C THR C 267 -27.19 -4.29 -19.65
N SER C 268 -28.17 -4.95 -19.04
CA SER C 268 -28.76 -4.40 -17.82
C SER C 268 -27.77 -4.35 -16.66
N SER C 269 -27.85 -3.31 -15.83
CA SER C 269 -27.25 -3.36 -14.51
C SER C 269 -27.94 -4.42 -13.67
N ASP C 270 -27.50 -4.58 -12.43
CA ASP C 270 -28.18 -5.44 -11.47
C ASP C 270 -27.64 -5.05 -10.12
N PHE C 271 -27.85 -5.87 -9.10
CA PHE C 271 -27.58 -5.43 -7.76
C PHE C 271 -26.09 -5.33 -7.46
N SER C 272 -25.27 -6.00 -8.24
CA SER C 272 -23.81 -5.86 -8.08
C SER C 272 -23.28 -4.59 -8.75
N THR C 273 -24.11 -3.89 -9.53
CA THR C 273 -23.65 -2.70 -10.26
C THR C 273 -24.56 -1.48 -10.14
N PRO C 274 -24.65 -0.89 -8.95
CA PRO C 274 -25.50 0.27 -8.73
C PRO C 274 -25.03 1.54 -9.45
N CYS C 275 -23.73 1.74 -9.56
CA CYS C 275 -23.24 2.91 -10.27
C CYS C 275 -23.49 2.81 -11.75
N LEU C 276 -23.48 1.59 -12.27
CA LEU C 276 -23.88 1.38 -13.68
C LEU C 276 -25.36 1.75 -13.88
N MET C 277 -26.17 1.41 -12.89
CA MET C 277 -27.59 1.72 -12.97
C MET C 277 -27.81 3.25 -12.92
N TYR C 278 -27.10 3.92 -12.01
CA TYR C 278 -27.16 5.38 -11.92
C TYR C 278 -26.74 5.99 -13.27
N GLU C 279 -25.68 5.44 -13.85
CA GLU C 279 -25.07 6.02 -15.06
C GLU C 279 -25.98 5.85 -16.27
N LYS C 280 -26.46 4.63 -16.45
CA LYS C 280 -27.53 4.37 -17.41
C LYS C 280 -28.74 5.28 -17.25
N PHE C 281 -29.20 5.49 -16.02
CA PHE C 281 -30.43 6.23 -15.79
C PHE C 281 -30.17 7.65 -16.28
N VAL C 282 -29.01 8.18 -15.94
CA VAL C 282 -28.64 9.53 -16.33
C VAL C 282 -28.33 9.65 -17.84
N ASN C 283 -27.41 8.83 -18.32
CA ASN C 283 -26.77 9.10 -19.59
C ASN C 283 -27.51 8.44 -20.74
N ILE C 284 -28.46 7.58 -20.42
CA ILE C 284 -29.33 6.98 -21.43
C ILE C 284 -30.80 7.36 -21.23
N THR C 285 -31.39 6.99 -20.09
CA THR C 285 -32.81 7.21 -19.89
C THR C 285 -33.22 8.70 -19.89
N VAL C 286 -32.65 9.48 -18.97
CA VAL C 286 -32.91 10.90 -18.95
C VAL C 286 -32.45 11.61 -20.25
N LYS C 287 -31.26 11.27 -20.73
CA LYS C 287 -30.71 11.88 -21.93
C LYS C 287 -31.60 11.65 -23.15
N SER C 288 -32.16 10.47 -23.29
CA SER C 288 -33.01 10.22 -24.43
C SER C 288 -34.33 10.99 -24.38
N LEU C 289 -34.81 11.27 -23.18
CA LEU C 289 -35.99 12.11 -23.03
C LEU C 289 -35.69 13.55 -23.40
N TYR C 290 -34.48 14.00 -23.10
CA TYR C 290 -34.09 15.41 -23.31
C TYR C 290 -32.73 15.48 -24.05
N PRO C 291 -32.69 15.05 -25.33
CA PRO C 291 -31.42 14.91 -26.06
C PRO C 291 -30.67 16.22 -26.31
N ASN C 292 -31.42 17.29 -26.60
CA ASN C 292 -30.81 18.57 -26.95
CA ASN C 292 -30.82 18.57 -26.97
C ASN C 292 -31.54 19.73 -26.29
N PRO C 293 -31.48 19.80 -24.95
CA PRO C 293 -32.38 20.76 -24.32
C PRO C 293 -31.97 22.18 -24.69
N THR C 294 -32.90 23.12 -24.61
CA THR C 294 -32.58 24.55 -24.64
C THR C 294 -31.79 24.93 -23.39
N VAL C 295 -31.20 26.12 -23.41
CA VAL C 295 -30.44 26.62 -22.25
C VAL C 295 -31.22 26.48 -20.94
N GLN C 296 -32.51 26.86 -20.94
CA GLN C 296 -33.29 26.88 -19.71
C GLN C 296 -33.48 25.45 -19.19
N LEU C 297 -33.83 24.56 -20.08
CA LEU C 297 -34.13 23.18 -19.74
C LEU C 297 -32.84 22.52 -19.26
N ARG C 298 -31.72 22.79 -19.94
CA ARG C 298 -30.41 22.29 -19.53
C ARG C 298 -30.09 22.62 -18.08
N LYS C 299 -30.30 23.87 -17.69
CA LYS C 299 -29.97 24.24 -16.33
C LYS C 299 -30.88 23.55 -15.30
N ALA C 300 -32.14 23.34 -15.67
CA ALA C 300 -33.07 22.62 -14.78
C ALA C 300 -32.69 21.15 -14.70
N LEU C 301 -32.41 20.55 -15.85
CA LEU C 301 -31.93 19.17 -15.87
C LEU C 301 -30.72 19.00 -14.95
N ASN C 302 -29.76 19.92 -15.05
CA ASN C 302 -28.50 19.79 -14.31
C ASN C 302 -28.72 19.93 -12.82
N THR C 303 -29.61 20.86 -12.46
CA THR C 303 -29.96 21.07 -11.05
C THR C 303 -30.58 19.80 -10.47
N ASN C 304 -31.64 19.31 -11.09
CA ASN C 304 -32.26 18.08 -10.64
C ASN C 304 -31.31 16.86 -10.69
N LEU C 305 -30.44 16.82 -11.70
CA LEU C 305 -29.48 15.70 -11.84
C LEU C 305 -28.45 15.74 -10.72
N ASP C 306 -28.13 16.95 -10.26
CA ASP C 306 -27.29 17.14 -9.09
C ASP C 306 -27.98 16.54 -7.89
N PHE C 307 -29.22 16.93 -7.67
CA PHE C 307 -29.96 16.48 -6.49
C PHE C 307 -30.13 14.96 -6.53
N PHE C 308 -30.48 14.42 -7.69
CA PHE C 308 -30.53 12.96 -7.86
C PHE C 308 -29.24 12.24 -7.46
N PHE C 309 -28.10 12.71 -7.99
CA PHE C 309 -26.80 12.14 -7.62
C PHE C 309 -26.61 12.07 -6.10
N GLN C 310 -27.04 13.12 -5.39
CA GLN C 310 -26.88 13.19 -3.94
C GLN C 310 -27.56 12.02 -3.22
N GLY C 311 -28.61 11.47 -3.84
CA GLY C 311 -29.41 10.42 -3.20
C GLY C 311 -28.91 9.02 -3.45
N VAL C 312 -27.89 8.91 -4.30
CA VAL C 312 -27.22 7.61 -4.60
C VAL C 312 -26.36 7.15 -3.40
N ALA C 313 -26.87 6.17 -2.65
CA ALA C 313 -26.29 5.81 -1.37
C ALA C 313 -24.98 5.03 -1.48
N ALA C 314 -24.84 4.29 -2.56
CA ALA C 314 -23.58 3.58 -2.85
C ALA C 314 -22.39 4.53 -3.08
N GLY C 315 -22.66 5.79 -3.38
CA GLY C 315 -21.59 6.74 -3.70
C GLY C 315 -21.54 7.00 -5.21
N CYS C 316 -20.68 6.25 -5.89
CA CYS C 316 -20.54 6.33 -7.34
C CYS C 316 -19.88 7.63 -7.78
N THR C 317 -19.64 7.77 -9.08
CA THR C 317 -19.05 8.99 -9.59
C THR C 317 -20.09 9.72 -10.41
N GLN C 318 -20.27 11.02 -10.18
CA GLN C 318 -21.27 11.76 -10.94
C GLN C 318 -20.95 11.72 -12.43
N VAL C 319 -21.97 11.51 -13.25
CA VAL C 319 -21.83 11.71 -14.68
C VAL C 319 -22.63 12.93 -15.13
N PHE C 320 -22.26 13.46 -16.30
CA PHE C 320 -22.70 14.77 -16.76
C PHE C 320 -23.14 14.71 -18.24
N PRO C 321 -24.43 14.52 -18.47
CA PRO C 321 -24.89 14.30 -19.83
C PRO C 321 -24.91 15.60 -20.63
N TYR C 322 -24.86 16.74 -19.93
CA TYR C 322 -24.84 18.04 -20.61
C TYR C 322 -23.55 18.84 -20.31
N GLY C 323 -22.51 18.12 -19.89
CA GLY C 323 -21.26 18.75 -19.52
C GLY C 323 -21.35 19.30 -18.11
N ARG C 324 -20.21 19.49 -17.49
CA ARG C 324 -20.14 20.12 -16.17
C ARG C 324 -20.52 21.60 -16.28
N ASP C 325 -20.78 22.23 -15.14
CA ASP C 325 -21.17 23.63 -15.13
C ASP C 325 -22.63 23.84 -15.54
N LEU D 1 31.25 3.42 22.21
CA LEU D 1 30.55 3.57 20.89
C LEU D 1 31.57 3.82 19.78
N PRO D 2 31.39 3.17 18.62
CA PRO D 2 32.22 3.50 17.47
C PRO D 2 32.05 4.96 17.13
N PRO D 3 33.15 5.61 16.72
CA PRO D 3 33.11 7.00 16.24
C PRO D 3 32.17 7.13 15.04
N GLY D 4 31.43 8.24 14.97
CA GLY D 4 30.61 8.56 13.80
C GLY D 4 31.40 9.08 12.62
N PRO D 5 30.71 9.34 11.50
CA PRO D 5 31.31 9.95 10.32
C PRO D 5 32.02 11.28 10.66
N LEU D 6 33.11 11.55 9.95
CA LEU D 6 33.75 12.87 9.93
C LEU D 6 32.72 13.98 9.80
N GLU D 7 32.97 15.10 10.49
CA GLU D 7 32.08 16.25 10.41
C GLU D 7 32.37 17.05 9.15
N ASN D 8 33.66 17.28 8.91
CA ASN D 8 34.12 17.90 7.70
C ASN D 8 34.97 16.92 6.88
N SER D 9 34.39 16.38 5.83
CA SER D 9 35.05 15.32 5.10
C SER D 9 35.69 15.82 3.82
N SER D 10 35.98 17.13 3.78
CA SER D 10 36.70 17.71 2.65
C SER D 10 38.08 17.10 2.48
N ALA D 11 38.62 17.17 1.27
CA ALA D 11 40.04 16.92 1.05
C ALA D 11 40.84 17.88 1.94
N LYS D 12 41.98 17.42 2.45
CA LYS D 12 42.89 18.30 3.19
C LYS D 12 44.29 17.68 3.29
N LEU D 13 45.27 18.52 3.65
CA LEU D 13 46.63 18.03 3.88
C LEU D 13 46.59 17.02 5.00
N VAL D 14 47.03 15.78 4.74
CA VAL D 14 47.19 14.83 5.83
C VAL D 14 48.63 14.44 6.10
N ASN D 15 49.48 14.57 5.08
CA ASN D 15 50.92 14.54 5.34
C ASN D 15 51.38 15.90 5.88
N ASP D 16 51.04 16.15 7.14
CA ASP D 16 51.14 17.46 7.74
C ASP D 16 51.98 17.44 9.03
N GLU D 17 52.14 18.62 9.61
CA GLU D 17 53.15 18.83 10.65
C GLU D 17 52.92 17.90 11.83
N ALA D 18 51.68 17.78 12.29
CA ALA D 18 51.36 16.92 13.42
C ALA D 18 51.39 15.42 13.09
N HIS D 19 51.75 15.08 11.86
CA HIS D 19 51.64 13.70 11.38
C HIS D 19 52.76 13.30 10.46
N PRO D 20 53.99 13.66 10.83
CA PRO D 20 55.16 13.32 10.05
C PRO D 20 55.41 11.81 10.08
N TRP D 21 55.85 11.27 8.94
CA TRP D 21 56.36 9.91 8.86
C TRP D 21 57.65 9.79 9.67
N LYS D 22 57.71 8.79 10.54
CA LYS D 22 58.97 8.43 11.19
C LYS D 22 59.32 6.98 10.88
N PRO D 23 60.62 6.66 10.84
CA PRO D 23 61.06 5.28 10.57
C PRO D 23 60.70 4.36 11.74
N LEU D 24 60.74 3.06 11.52
CA LEU D 24 60.44 2.10 12.57
C LEU D 24 61.53 2.08 13.67
N ARG D 25 61.09 2.16 14.92
CA ARG D 25 61.89 1.74 16.06
C ARG D 25 61.82 0.21 16.21
N PRO D 26 62.75 -0.37 16.98
CA PRO D 26 62.77 -1.83 17.03
C PRO D 26 61.50 -2.43 17.64
N GLY D 27 60.70 -1.60 18.31
CA GLY D 27 59.38 -2.05 18.79
C GLY D 27 58.32 -2.31 17.72
N ASP D 28 58.29 -1.46 16.69
CA ASP D 28 57.05 -1.11 16.00
C ASP D 28 56.51 -2.23 15.08
N ILE D 29 55.21 -2.48 15.15
CA ILE D 29 54.63 -3.59 14.39
C ILE D 29 53.91 -3.13 13.14
N ARG D 30 54.25 -3.75 12.01
CA ARG D 30 53.61 -3.46 10.74
C ARG D 30 53.17 -4.77 10.10
N GLY D 31 51.99 -4.76 9.47
CA GLY D 31 51.40 -5.97 8.93
C GLY D 31 51.04 -5.90 7.47
N PRO D 32 49.95 -6.59 7.10
CA PRO D 32 49.65 -6.86 5.70
C PRO D 32 48.76 -5.77 5.08
N CYS D 33 48.37 -4.76 5.86
CA CYS D 33 47.58 -3.63 5.34
C CYS D 33 48.43 -2.36 5.15
N PRO D 34 48.60 -1.93 3.89
CA PRO D 34 49.33 -0.71 3.61
C PRO D 34 48.58 0.50 4.10
N GLY D 35 47.26 0.39 4.20
CA GLY D 35 46.48 1.44 4.83
C GLY D 35 46.92 1.65 6.28
N LEU D 36 46.66 0.66 7.13
CA LEU D 36 46.89 0.83 8.56
C LEU D 36 48.39 1.04 8.86
N ASN D 37 49.23 0.47 8.01
CA ASN D 37 50.67 0.67 8.11
C ASN D 37 51.05 2.14 7.96
N THR D 38 50.45 2.83 7.00
CA THR D 38 50.79 4.25 6.75
C THR D 38 50.29 5.17 7.85
N LEU D 39 49.13 4.86 8.43
CA LEU D 39 48.61 5.71 9.49
C LEU D 39 49.39 5.59 10.81
N ALA D 40 49.97 4.40 11.03
CA ALA D 40 50.84 4.19 12.18
C ALA D 40 52.17 4.92 11.98
N SER D 41 52.73 4.86 10.78
CA SER D 41 54.01 5.48 10.55
C SER D 41 53.95 6.99 10.47
N HIS D 42 52.73 7.54 10.52
CA HIS D 42 52.53 8.98 10.52
C HIS D 42 51.92 9.45 11.82
N GLY D 43 51.59 8.53 12.72
CA GLY D 43 51.09 8.92 14.04
C GLY D 43 49.60 9.25 14.09
N TYR D 44 48.86 8.78 13.08
CA TYR D 44 47.41 8.75 13.22
C TYR D 44 47.02 7.61 14.16
N LEU D 45 47.78 6.52 14.08
CA LEU D 45 47.73 5.45 15.07
C LEU D 45 48.98 5.51 15.96
N PRO D 46 48.97 4.77 17.09
CA PRO D 46 50.24 4.59 17.81
C PRO D 46 51.28 3.96 16.90
N ARG D 47 52.50 4.51 16.95
CA ARG D 47 53.55 4.12 16.03
C ARG D 47 54.09 2.70 16.23
N ASN D 48 53.71 2.05 17.33
CA ASN D 48 54.13 0.67 17.60
C ASN D 48 53.19 -0.37 16.97
N GLY D 49 52.04 0.11 16.52
CA GLY D 49 51.17 -0.69 15.65
C GLY D 49 50.16 -1.42 16.47
N VAL D 50 49.89 -0.90 17.67
CA VAL D 50 48.93 -1.48 18.59
C VAL D 50 47.87 -0.46 19.00
N ALA D 51 46.63 -0.77 18.70
CA ALA D 51 45.58 0.23 18.70
C ALA D 51 44.30 -0.42 19.19
N THR D 52 43.41 0.39 19.75
CA THR D 52 42.04 0.00 19.95
C THR D 52 41.24 0.21 18.66
N PRO D 53 40.10 -0.47 18.53
CA PRO D 53 39.24 -0.30 17.38
C PRO D 53 38.92 1.17 17.14
N VAL D 54 38.60 1.88 18.22
CA VAL D 54 38.22 3.28 18.14
C VAL D 54 39.36 4.15 17.60
N GLN D 55 40.58 3.92 18.07
CA GLN D 55 41.74 4.62 17.50
C GLN D 55 41.82 4.34 16.01
N ILE D 56 41.55 3.10 15.63
CA ILE D 56 41.76 2.69 14.25
C ILE D 56 40.72 3.34 13.33
N ILE D 57 39.50 3.53 13.84
CA ILE D 57 38.43 4.07 13.03
C ILE D 57 38.60 5.56 12.85
N ASN D 58 38.94 6.24 13.94
CA ASN D 58 39.35 7.63 13.84
C ASN D 58 40.50 7.78 12.84
N ALA D 59 41.43 6.85 12.84
CA ALA D 59 42.64 6.97 12.03
C ALA D 59 42.34 6.87 10.55
N VAL D 60 41.57 5.86 10.15
CA VAL D 60 41.31 5.65 8.73
C VAL D 60 40.41 6.77 8.17
N GLN D 61 39.58 7.35 9.03
CA GLN D 61 38.71 8.43 8.57
C GLN D 61 39.49 9.74 8.38
N GLU D 62 40.15 10.20 9.45
CA GLU D 62 41.02 11.38 9.41
C GLU D 62 42.10 11.26 8.34
N GLY D 63 42.95 10.26 8.49
CA GLY D 63 44.11 10.16 7.64
C GLY D 63 43.79 10.00 6.17
N LEU D 64 42.77 9.21 5.85
CA LEU D 64 42.57 8.73 4.47
C LEU D 64 41.13 8.82 3.94
N ASN D 65 40.19 9.22 4.80
CA ASN D 65 38.81 9.44 4.40
C ASN D 65 38.05 8.17 4.07
N PHE D 66 38.42 7.07 4.75
CA PHE D 66 37.69 5.80 4.62
C PHE D 66 36.30 6.00 5.20
N ASP D 67 35.28 5.48 4.57
CA ASP D 67 33.95 5.76 5.09
C ASP D 67 33.60 4.99 6.35
N ASN D 68 32.70 5.56 7.13
CA ASN D 68 32.43 5.10 8.48
C ASN D 68 32.05 3.63 8.53
N GLN D 69 30.97 3.27 7.84
CA GLN D 69 30.47 1.91 7.87
C GLN D 69 31.54 0.91 7.45
N ALA D 70 32.30 1.23 6.41
CA ALA D 70 33.39 0.37 5.99
C ALA D 70 34.49 0.30 7.09
N ALA D 71 34.64 1.38 7.86
CA ALA D 71 35.65 1.40 8.91
C ALA D 71 35.17 0.54 10.07
N VAL D 72 33.91 0.72 10.42
CA VAL D 72 33.27 -0.07 11.46
C VAL D 72 33.30 -1.57 11.12
N PHE D 73 32.91 -1.90 9.91
CA PHE D 73 32.86 -3.28 9.45
C PHE D 73 34.21 -3.96 9.57
N ALA D 74 35.22 -3.36 8.96
CA ALA D 74 36.52 -3.99 8.83
C ALA D 74 37.23 -4.09 10.17
N THR D 75 37.11 -3.03 10.98
CA THR D 75 37.82 -2.95 12.23
C THR D 75 37.29 -3.98 13.23
N TYR D 76 35.98 -3.97 13.47
CA TYR D 76 35.43 -4.89 14.43
C TYR D 76 35.44 -6.34 13.95
N ALA D 77 35.34 -6.52 12.65
CA ALA D 77 35.65 -7.82 12.06
C ALA D 77 37.05 -8.24 12.51
N ALA D 78 38.03 -7.40 12.22
CA ALA D 78 39.42 -7.70 12.56
C ALA D 78 39.62 -7.95 14.06
N HIS D 79 39.03 -7.11 14.90
CA HIS D 79 39.24 -7.17 16.34
C HIS D 79 38.59 -8.45 16.90
N LEU D 80 37.41 -8.79 16.40
CA LEU D 80 36.72 -10.00 16.82
C LEU D 80 37.59 -11.25 16.63
N VAL D 81 38.24 -11.36 15.47
CA VAL D 81 38.99 -12.58 15.18
C VAL D 81 40.49 -12.47 15.48
N ASP D 82 41.03 -11.24 15.52
CA ASP D 82 42.48 -11.05 15.59
C ASP D 82 42.97 -10.29 16.85
N GLY D 83 42.04 -9.70 17.60
CA GLY D 83 42.40 -8.80 18.69
C GLY D 83 41.94 -9.27 20.06
N ASN D 84 42.36 -8.55 21.10
CA ASN D 84 42.01 -8.93 22.48
C ASN D 84 40.79 -8.22 23.02
N LEU D 85 39.74 -8.98 23.25
CA LEU D 85 38.44 -8.41 23.57
C LEU D 85 38.40 -7.80 24.96
N ILE D 86 39.27 -8.26 25.86
CA ILE D 86 39.28 -7.75 27.24
C ILE D 86 40.09 -6.47 27.37
N THR D 87 41.25 -6.43 26.75
CA THR D 87 42.09 -5.24 26.78
C THR D 87 41.74 -4.25 25.68
N ASP D 88 40.96 -4.69 24.71
CA ASP D 88 40.42 -3.83 23.66
C ASP D 88 41.51 -3.36 22.73
N LEU D 89 42.45 -4.26 22.46
CA LEU D 89 43.69 -3.93 21.76
C LEU D 89 43.90 -4.93 20.62
N LEU D 90 44.44 -4.45 19.51
CA LEU D 90 44.64 -5.30 18.35
C LEU D 90 45.95 -4.91 17.70
N SER D 91 46.68 -5.90 17.17
CA SER D 91 47.91 -5.59 16.48
C SER D 91 47.69 -5.58 14.99
N ILE D 92 48.38 -4.70 14.29
CA ILE D 92 48.12 -4.51 12.87
C ILE D 92 49.06 -5.41 12.08
N GLY D 93 49.84 -6.21 12.82
CA GLY D 93 50.77 -7.18 12.24
C GLY D 93 50.85 -8.45 13.07
N ARG D 94 52.03 -8.74 13.62
CA ARG D 94 52.30 -10.03 14.27
C ARG D 94 51.57 -10.17 15.60
N LYS D 95 51.37 -11.41 16.06
CA LYS D 95 50.99 -11.64 17.46
C LYS D 95 51.99 -10.95 18.37
N THR D 96 51.50 -10.33 19.43
CA THR D 96 52.37 -9.70 20.41
C THR D 96 51.80 -9.83 21.83
N ARG D 97 52.70 -9.83 22.81
CA ARG D 97 52.28 -9.94 24.19
C ARG D 97 51.74 -8.59 24.66
N LEU D 98 52.05 -7.54 23.91
CA LEU D 98 51.49 -6.22 24.17
C LEU D 98 49.95 -6.15 24.27
N THR D 99 49.24 -7.13 23.71
CA THR D 99 47.78 -7.13 23.79
C THR D 99 47.23 -7.91 25.00
N GLY D 100 48.10 -8.36 25.89
CA GLY D 100 47.67 -8.83 27.20
C GLY D 100 47.36 -10.31 27.25
N PRO D 101 46.76 -10.77 28.36
CA PRO D 101 46.57 -12.22 28.56
C PRO D 101 45.57 -12.83 27.59
N ASP D 102 45.98 -13.89 26.92
CA ASP D 102 45.12 -14.58 25.99
C ASP D 102 43.89 -15.24 26.61
N PRO D 103 42.78 -15.22 25.87
CA PRO D 103 41.63 -16.11 26.03
C PRO D 103 42.01 -17.58 25.86
N PRO D 104 41.21 -18.49 26.43
CA PRO D 104 41.30 -19.91 26.09
C PRO D 104 41.32 -20.10 24.59
N PRO D 105 41.80 -21.26 24.11
CA PRO D 105 41.72 -21.51 22.66
C PRO D 105 40.31 -21.99 22.30
N PRO D 106 39.98 -22.01 20.99
CA PRO D 106 40.93 -21.86 19.88
C PRO D 106 41.21 -20.42 19.52
N ALA D 107 40.52 -19.46 20.12
CA ALA D 107 40.84 -18.07 19.89
C ALA D 107 42.36 -17.94 19.97
N SER D 108 42.95 -17.10 19.13
CA SER D 108 44.40 -17.07 19.06
C SER D 108 45.00 -15.67 19.15
N VAL D 109 44.15 -14.65 19.06
CA VAL D 109 44.60 -13.26 19.08
C VAL D 109 45.91 -13.02 18.32
N GLY D 110 45.96 -13.49 17.07
CA GLY D 110 47.20 -13.44 16.27
C GLY D 110 47.64 -12.10 15.67
N GLY D 111 46.88 -11.04 15.84
CA GLY D 111 47.09 -9.84 15.01
C GLY D 111 46.73 -10.05 13.54
N LEU D 112 46.80 -8.98 12.75
CA LEU D 112 46.30 -9.02 11.39
C LEU D 112 47.07 -10.02 10.55
N ASN D 113 48.24 -10.41 11.06
CA ASN D 113 49.13 -11.39 10.39
C ASN D 113 48.55 -12.81 10.39
N GLU D 114 47.57 -13.05 11.24
CA GLU D 114 47.01 -14.37 11.42
C GLU D 114 46.32 -14.81 10.14
N HIS D 115 46.80 -15.92 9.59
CA HIS D 115 46.33 -16.37 8.31
C HIS D 115 44.96 -17.01 8.45
N GLY D 116 44.07 -16.72 7.50
CA GLY D 116 42.78 -17.40 7.41
C GLY D 116 41.70 -16.80 8.28
N THR D 117 42.04 -15.78 9.06
CA THR D 117 41.02 -15.02 9.76
C THR D 117 40.61 -13.81 8.92
N PHE D 118 41.47 -12.80 8.89
CA PHE D 118 41.27 -11.65 7.99
C PHE D 118 42.24 -11.78 6.81
N GLU D 119 43.54 -11.78 7.10
CA GLU D 119 44.57 -12.01 6.08
C GLU D 119 44.34 -13.29 5.25
N GLY D 120 44.73 -13.28 3.98
CA GLY D 120 44.45 -14.39 3.08
C GLY D 120 45.27 -14.42 1.81
N ASP D 121 45.05 -15.43 0.98
CA ASP D 121 45.77 -15.60 -0.28
C ASP D 121 45.44 -14.56 -1.36
N ALA D 122 46.26 -14.59 -2.41
CA ALA D 122 46.08 -13.75 -3.59
C ALA D 122 46.20 -12.27 -3.31
N SER D 123 46.92 -11.92 -2.26
CA SER D 123 47.18 -10.52 -1.97
C SER D 123 48.00 -9.91 -3.13
N MET D 124 47.87 -8.61 -3.35
CA MET D 124 48.56 -8.00 -4.50
C MET D 124 50.08 -7.90 -4.31
N THR D 125 50.49 -7.47 -3.12
CA THR D 125 51.90 -7.16 -2.87
C THR D 125 52.53 -7.95 -1.71
N ARG D 126 51.76 -8.87 -1.12
CA ARG D 126 52.26 -9.77 -0.08
C ARG D 126 52.09 -11.19 -0.59
N GLY D 127 52.89 -12.12 -0.06
CA GLY D 127 52.89 -13.50 -0.55
C GLY D 127 51.89 -14.31 0.25
N ASP D 128 51.46 -15.44 -0.28
CA ASP D 128 50.59 -16.34 0.48
C ASP D 128 51.31 -16.90 1.72
N ALA D 129 50.57 -17.09 2.80
CA ALA D 129 51.09 -17.65 4.05
C ALA D 129 51.82 -18.96 3.80
N PHE D 130 51.25 -19.79 2.93
CA PHE D 130 51.88 -21.07 2.63
C PHE D 130 53.38 -20.91 2.42
N PHE D 131 53.78 -19.84 1.74
CA PHE D 131 55.14 -19.74 1.21
C PHE D 131 56.07 -19.21 2.28
N GLY D 132 55.50 -18.77 3.38
CA GLY D 132 56.27 -18.59 4.61
C GLY D 132 56.21 -17.18 5.17
N ASN D 133 55.81 -16.23 4.34
CA ASN D 133 55.71 -14.85 4.81
C ASN D 133 54.61 -14.04 4.11
N ASN D 134 53.61 -13.64 4.90
CA ASN D 134 52.36 -13.10 4.37
C ASN D 134 52.13 -11.65 4.77
N HIS D 135 53.18 -10.95 5.16
CA HIS D 135 52.98 -9.60 5.69
C HIS D 135 53.99 -8.53 5.22
N ASP D 136 55.21 -8.94 4.92
CA ASP D 136 56.22 -8.01 4.43
C ASP D 136 55.95 -7.69 2.96
N PHE D 137 56.17 -6.43 2.58
CA PHE D 137 56.17 -6.03 1.17
C PHE D 137 57.03 -6.98 0.34
N ASN D 138 56.57 -7.32 -0.85
CA ASN D 138 57.30 -8.25 -1.70
C ASN D 138 57.58 -7.65 -3.06
N GLU D 139 58.86 -7.49 -3.41
CA GLU D 139 59.24 -6.72 -4.59
C GLU D 139 58.80 -7.34 -5.92
N THR D 140 59.04 -8.64 -6.10
CA THR D 140 58.56 -9.30 -7.30
C THR D 140 57.06 -9.03 -7.54
N LEU D 141 56.27 -9.02 -6.46
CA LEU D 141 54.83 -8.88 -6.62
C LEU D 141 54.49 -7.45 -7.01
N PHE D 142 55.13 -6.49 -6.34
CA PHE D 142 54.89 -5.09 -6.64
C PHE D 142 55.25 -4.75 -8.08
N GLU D 143 56.27 -5.39 -8.61
CA GLU D 143 56.67 -5.11 -9.99
C GLU D 143 55.77 -5.79 -11.00
N GLN D 144 55.06 -6.83 -10.58
CA GLN D 144 53.95 -7.34 -11.39
C GLN D 144 52.81 -6.31 -11.46
N LEU D 145 52.63 -5.52 -10.41
CA LEU D 145 51.56 -4.53 -10.32
C LEU D 145 51.89 -3.31 -11.19
N VAL D 146 53.13 -2.84 -11.06
CA VAL D 146 53.68 -1.92 -12.06
C VAL D 146 53.49 -2.43 -13.49
N ASP D 147 53.78 -3.70 -13.75
CA ASP D 147 53.62 -4.26 -15.08
C ASP D 147 52.16 -4.24 -15.53
N TYR D 148 51.28 -4.73 -14.67
CA TYR D 148 49.86 -4.70 -14.94
C TYR D 148 49.37 -3.26 -15.09
N SER D 149 49.96 -2.35 -14.32
CA SER D 149 49.65 -0.94 -14.46
C SER D 149 50.02 -0.39 -15.83
N ASN D 150 51.16 -0.84 -16.36
CA ASN D 150 51.62 -0.45 -17.67
C ASN D 150 50.77 -1.08 -18.75
N ARG D 151 50.44 -2.34 -18.56
CA ARG D 151 49.67 -3.06 -19.56
C ARG D 151 48.24 -2.53 -19.72
N PHE D 152 47.65 -2.07 -18.61
CA PHE D 152 46.20 -1.93 -18.54
C PHE D 152 45.75 -0.56 -18.05
N GLY D 153 46.67 0.20 -17.47
CA GLY D 153 46.31 1.51 -16.92
C GLY D 153 47.23 2.61 -17.41
N GLY D 154 47.77 2.46 -18.63
CA GLY D 154 48.70 3.44 -19.19
C GLY D 154 49.85 3.82 -18.25
N GLY D 155 50.26 2.88 -17.40
CA GLY D 155 51.34 3.14 -16.47
C GLY D 155 50.85 3.51 -15.09
N LYS D 156 49.56 3.79 -14.96
CA LYS D 156 48.98 4.07 -13.65
C LYS D 156 48.19 2.87 -13.11
N TYR D 157 47.87 2.89 -11.84
CA TYR D 157 47.01 1.85 -11.29
C TYR D 157 45.59 2.38 -11.23
N ASN D 158 44.68 1.73 -11.94
CA ASN D 158 43.28 2.11 -11.83
C ASN D 158 42.36 0.89 -11.81
N LEU D 159 41.05 1.13 -11.80
CA LEU D 159 40.10 0.07 -11.59
C LEU D 159 40.18 -1.04 -12.64
N THR D 160 40.54 -0.69 -13.88
CA THR D 160 40.79 -1.70 -14.90
C THR D 160 42.02 -2.56 -14.57
N VAL D 161 43.06 -1.94 -14.03
CA VAL D 161 44.24 -2.69 -13.57
C VAL D 161 43.85 -3.68 -12.48
N ALA D 162 43.13 -3.18 -11.49
CA ALA D 162 42.59 -3.98 -10.39
C ALA D 162 41.93 -5.27 -10.86
N GLY D 163 41.07 -5.15 -11.85
CA GLY D 163 40.33 -6.31 -12.34
C GLY D 163 41.26 -7.36 -12.91
N GLU D 164 42.29 -6.91 -13.60
CA GLU D 164 43.20 -7.81 -14.29
C GLU D 164 44.13 -8.48 -13.29
N LEU D 165 44.56 -7.70 -12.30
CA LEU D 165 45.62 -8.10 -11.40
C LEU D 165 45.05 -9.03 -10.32
N ARG D 166 43.85 -8.71 -9.85
CA ARG D 166 43.14 -9.57 -8.92
C ARG D 166 42.90 -10.95 -9.55
N PHE D 167 42.57 -10.99 -10.84
CA PHE D 167 42.46 -12.29 -11.48
C PHE D 167 43.84 -12.95 -11.59
N LYS D 168 44.84 -12.16 -11.93
CA LYS D 168 46.18 -12.69 -12.08
C LYS D 168 46.63 -13.36 -10.78
N ARG D 169 46.41 -12.68 -9.65
CA ARG D 169 46.83 -13.22 -8.38
C ARG D 169 46.10 -14.52 -8.04
N ILE D 170 44.81 -14.57 -8.34
CA ILE D 170 44.08 -15.80 -8.14
C ILE D 170 44.71 -16.95 -8.92
N GLN D 171 44.95 -16.73 -10.22
CA GLN D 171 45.61 -17.73 -11.08
C GLN D 171 47.01 -18.13 -10.57
N ASP D 172 47.75 -17.18 -10.02
CA ASP D 172 49.09 -17.46 -9.48
C ASP D 172 48.97 -18.48 -8.35
N SER D 173 48.09 -18.20 -7.38
CA SER D 173 47.94 -19.04 -6.21
C SER D 173 47.37 -20.43 -6.56
N ILE D 174 46.47 -20.48 -7.54
CA ILE D 174 45.91 -21.76 -7.97
C ILE D 174 47.03 -22.65 -8.50
N ALA D 175 47.99 -22.05 -9.20
CA ALA D 175 48.97 -22.81 -9.96
C ALA D 175 50.12 -23.29 -9.07
N THR D 176 50.40 -22.55 -8.00
CA THR D 176 51.59 -22.78 -7.21
C THR D 176 51.32 -23.17 -5.76
N ASN D 177 50.18 -22.75 -5.21
CA ASN D 177 49.92 -22.98 -3.81
C ASN D 177 48.83 -24.00 -3.53
N PRO D 178 49.23 -25.16 -2.95
CA PRO D 178 48.35 -26.31 -2.83
C PRO D 178 47.43 -26.20 -1.62
N ASN D 179 47.68 -25.20 -0.77
CA ASN D 179 46.74 -24.83 0.29
C ASN D 179 45.87 -23.60 -0.04
N PHE D 180 45.91 -23.14 -1.29
CA PHE D 180 45.18 -21.92 -1.70
C PHE D 180 43.75 -21.99 -1.27
N SER D 181 43.33 -21.02 -0.49
CA SER D 181 41.94 -20.94 -0.05
C SER D 181 41.35 -19.58 -0.45
N PHE D 182 40.16 -19.57 -1.02
CA PHE D 182 39.58 -18.33 -1.52
C PHE D 182 38.05 -18.37 -1.36
N VAL D 183 37.59 -18.44 -0.11
CA VAL D 183 36.17 -18.62 0.15
C VAL D 183 35.69 -17.58 1.14
N ASP D 184 34.37 -17.41 1.24
CA ASP D 184 33.80 -16.77 2.42
C ASP D 184 34.37 -15.36 2.63
N PHE D 185 34.82 -15.07 3.84
CA PHE D 185 35.26 -13.70 4.16
C PHE D 185 36.40 -13.20 3.28
N ARG D 186 37.29 -14.10 2.89
CA ARG D 186 38.46 -13.70 2.11
C ARG D 186 38.12 -13.48 0.65
N PHE D 187 37.22 -14.31 0.14
CA PHE D 187 36.69 -14.10 -1.20
C PHE D 187 36.18 -12.66 -1.31
N PHE D 188 35.49 -12.22 -0.27
CA PHE D 188 34.90 -10.89 -0.23
C PHE D 188 35.94 -9.77 -0.14
N THR D 189 36.81 -9.82 0.86
CA THR D 189 37.72 -8.70 1.14
C THR D 189 38.76 -8.53 0.03
N ALA D 190 39.15 -9.64 -0.59
CA ALA D 190 40.15 -9.61 -1.64
C ALA D 190 39.77 -8.78 -2.86
N TYR D 191 38.47 -8.67 -3.12
CA TYR D 191 38.01 -7.83 -4.22
C TYR D 191 38.00 -6.35 -3.90
N GLY D 192 37.33 -5.96 -2.81
CA GLY D 192 37.31 -4.58 -2.38
C GLY D 192 38.70 -3.97 -2.23
N GLU D 193 39.61 -4.71 -1.61
CA GLU D 193 40.97 -4.21 -1.38
C GLU D 193 41.67 -3.71 -2.65
N THR D 194 41.40 -4.34 -3.79
CA THR D 194 42.07 -3.94 -5.01
C THR D 194 41.57 -2.59 -5.52
N THR D 195 40.44 -2.13 -4.99
CA THR D 195 39.98 -0.83 -5.41
C THR D 195 40.55 0.26 -4.52
N PHE D 196 40.96 -0.11 -3.30
CA PHE D 196 41.36 0.90 -2.30
C PHE D 196 42.48 1.82 -2.80
N PRO D 197 43.50 1.26 -3.48
CA PRO D 197 44.57 2.13 -4.00
C PRO D 197 44.02 3.18 -5.00
N ALA D 198 43.20 2.74 -5.94
CA ALA D 198 42.62 3.67 -6.91
C ALA D 198 41.69 4.72 -6.27
N ASN D 199 41.07 4.36 -5.15
CA ASN D 199 40.02 5.19 -4.53
C ASN D 199 40.56 6.08 -3.41
N LEU D 200 41.67 5.65 -2.80
CA LEU D 200 42.12 6.22 -1.52
C LEU D 200 43.63 6.64 -1.46
N PHE D 201 44.45 6.08 -2.35
CA PHE D 201 45.87 6.43 -2.36
C PHE D 201 46.15 7.55 -3.36
N VAL D 202 45.15 7.84 -4.20
CA VAL D 202 45.22 8.98 -5.12
C VAL D 202 44.97 10.27 -4.35
N ASP D 203 45.85 11.26 -4.55
CA ASP D 203 45.70 12.58 -3.93
C ASP D 203 44.33 13.21 -4.18
N GLY D 204 43.72 13.68 -3.10
CA GLY D 204 42.33 14.15 -3.11
C GLY D 204 42.06 15.44 -3.86
N ARG D 205 43.09 16.23 -4.14
CA ARG D 205 42.93 17.38 -5.04
C ARG D 205 42.70 16.94 -6.50
N ARG D 206 42.96 15.68 -6.78
CA ARG D 206 42.79 15.16 -8.13
C ARG D 206 41.67 14.10 -8.20
N ASP D 207 41.68 13.16 -7.24
CA ASP D 207 40.66 12.12 -7.17
C ASP D 207 40.21 11.63 -8.54
N ASP D 208 41.17 11.26 -9.41
CA ASP D 208 40.86 10.79 -10.76
C ASP D 208 40.97 9.29 -10.91
N GLY D 209 41.28 8.62 -9.80
CA GLY D 209 41.36 7.15 -9.78
C GLY D 209 42.53 6.57 -10.56
N GLN D 210 43.54 7.39 -10.82
CA GLN D 210 44.76 6.89 -11.46
C GLN D 210 45.97 7.04 -10.53
N LEU D 211 46.51 5.91 -10.07
CA LEU D 211 47.55 5.97 -9.05
C LEU D 211 48.91 5.81 -9.70
N ASP D 212 49.82 6.76 -9.46
CA ASP D 212 51.16 6.69 -10.02
C ASP D 212 52.04 5.68 -9.26
N MET D 213 53.08 5.17 -9.92
CA MET D 213 53.85 4.07 -9.36
C MET D 213 54.80 4.52 -8.25
N ASP D 214 55.01 5.83 -8.13
CA ASP D 214 55.83 6.35 -7.06
C ASP D 214 55.06 6.30 -5.74
N ALA D 215 53.84 6.85 -5.76
CA ALA D 215 52.99 6.92 -4.57
C ALA D 215 52.53 5.53 -4.13
N ALA D 216 52.39 4.63 -5.10
CA ALA D 216 52.04 3.26 -4.85
C ALA D 216 53.13 2.55 -4.05
N ARG D 217 54.38 2.69 -4.50
CA ARG D 217 55.53 2.24 -3.71
C ARG D 217 55.62 2.92 -2.33
N SER D 218 55.53 4.24 -2.33
CA SER D 218 55.57 4.95 -1.06
C SER D 218 54.64 4.26 -0.04
N PHE D 219 53.43 3.99 -0.50
CA PHE D 219 52.37 3.47 0.35
C PHE D 219 52.61 2.02 0.70
N PHE D 220 52.84 1.19 -0.32
CA PHE D 220 52.82 -0.25 -0.15
C PHE D 220 54.05 -0.72 0.64
N GLN D 221 55.23 -0.23 0.22
CA GLN D 221 56.50 -0.64 0.81
C GLN D 221 56.83 0.10 2.10
N PHE D 222 56.84 1.43 2.03
CA PHE D 222 57.46 2.23 3.08
C PHE D 222 56.46 2.84 4.05
N SER D 223 55.17 2.67 3.74
CA SER D 223 54.12 3.17 4.63
C SER D 223 54.16 4.68 4.77
N ARG D 224 54.52 5.36 3.69
CA ARG D 224 54.74 6.80 3.72
C ARG D 224 53.78 7.46 2.73
N MET D 225 53.05 8.47 3.17
CA MET D 225 52.21 9.26 2.26
C MET D 225 53.13 10.11 1.39
N PRO D 226 52.81 10.25 0.10
CA PRO D 226 53.54 11.15 -0.80
C PRO D 226 53.66 12.53 -0.18
N ASP D 227 54.69 13.26 -0.59
CA ASP D 227 54.90 14.60 -0.08
C ASP D 227 53.68 15.48 -0.34
N ASP D 228 53.20 16.15 0.71
CA ASP D 228 52.10 17.11 0.56
C ASP D 228 50.80 16.38 0.15
N PHE D 229 50.59 15.20 0.74
CA PHE D 229 49.45 14.34 0.36
C PHE D 229 48.15 14.89 0.93
N PHE D 230 47.18 15.08 0.04
CA PHE D 230 45.80 15.33 0.44
C PHE D 230 44.96 14.06 0.46
N ARG D 231 44.15 13.88 1.49
CA ARG D 231 43.21 12.76 1.51
C ARG D 231 42.12 12.98 0.46
N ALA D 232 41.45 11.90 0.09
CA ALA D 232 40.33 11.99 -0.84
C ALA D 232 39.30 13.03 -0.38
N PRO D 233 38.61 13.67 -1.34
CA PRO D 233 37.66 14.77 -1.11
C PRO D 233 36.35 14.34 -0.48
N SER D 234 36.21 13.05 -0.17
CA SER D 234 34.99 12.53 0.46
C SER D 234 35.16 11.08 0.93
N PRO D 235 34.34 10.67 1.90
CA PRO D 235 34.45 9.31 2.47
C PRO D 235 34.08 8.27 1.41
N ARG D 236 34.96 7.29 1.22
CA ARG D 236 34.66 6.18 0.33
C ARG D 236 35.48 4.98 0.77
N SER D 237 35.06 3.81 0.34
CA SER D 237 35.87 2.60 0.47
C SER D 237 35.93 1.82 -0.86
N GLY D 238 35.00 0.91 -1.07
CA GLY D 238 35.09 -0.01 -2.21
C GLY D 238 34.27 0.39 -3.43
N THR D 239 34.03 1.68 -3.61
CA THR D 239 33.29 2.11 -4.80
C THR D 239 33.94 1.53 -6.06
N GLY D 240 33.13 0.96 -6.93
CA GLY D 240 33.67 0.38 -8.15
C GLY D 240 34.12 -1.06 -8.02
N VAL D 241 33.84 -1.70 -6.89
CA VAL D 241 34.23 -3.10 -6.75
C VAL D 241 33.61 -3.99 -7.83
N GLU D 242 32.43 -3.61 -8.36
CA GLU D 242 31.76 -4.44 -9.37
C GLU D 242 32.54 -4.57 -10.68
N VAL D 243 33.37 -3.57 -10.98
CA VAL D 243 34.28 -3.61 -12.14
C VAL D 243 35.31 -4.72 -11.98
N VAL D 244 35.97 -4.75 -10.82
CA VAL D 244 36.86 -5.84 -10.45
C VAL D 244 36.18 -7.20 -10.48
N ILE D 245 35.03 -7.31 -9.83
CA ILE D 245 34.32 -8.56 -9.79
C ILE D 245 33.92 -9.02 -11.22
N GLN D 246 33.52 -8.07 -12.08
CA GLN D 246 32.97 -8.45 -13.38
C GLN D 246 34.02 -8.70 -14.46
N ALA D 247 35.22 -8.19 -14.24
CA ALA D 247 36.30 -8.34 -15.24
C ALA D 247 36.63 -9.82 -15.48
N HIS D 248 36.71 -10.58 -14.38
CA HIS D 248 36.98 -12.01 -14.46
C HIS D 248 36.15 -12.72 -13.41
N PRO D 249 34.91 -13.06 -13.76
CA PRO D 249 33.97 -13.62 -12.79
C PRO D 249 34.50 -14.89 -12.15
N MET D 250 34.69 -14.87 -10.84
CA MET D 250 35.24 -16.01 -10.11
C MET D 250 34.19 -16.65 -9.20
N GLN D 251 34.21 -17.97 -9.12
CA GLN D 251 33.49 -18.68 -8.06
C GLN D 251 34.41 -18.98 -6.88
N PRO D 252 33.89 -18.83 -5.66
CA PRO D 252 34.69 -19.10 -4.46
C PRO D 252 35.08 -20.58 -4.37
N GLY D 253 36.25 -20.83 -3.77
CA GLY D 253 36.79 -22.19 -3.66
C GLY D 253 38.26 -22.23 -3.26
N ARG D 254 38.89 -23.39 -3.40
CA ARG D 254 40.23 -23.60 -2.85
C ARG D 254 40.95 -24.72 -3.58
N ASN D 255 42.28 -24.74 -3.50
CA ASN D 255 42.99 -25.95 -3.94
C ASN D 255 42.74 -27.06 -2.92
N VAL D 256 42.82 -28.30 -3.37
CA VAL D 256 42.46 -29.45 -2.55
C VAL D 256 43.70 -30.27 -2.16
N GLY D 257 44.77 -29.58 -1.74
CA GLY D 257 46.00 -30.25 -1.31
C GLY D 257 47.10 -30.29 -2.36
N LYS D 258 46.76 -29.90 -3.59
CA LYS D 258 47.73 -29.84 -4.67
C LYS D 258 47.51 -28.60 -5.54
N ILE D 259 48.58 -28.11 -6.15
CA ILE D 259 48.46 -27.08 -7.15
C ILE D 259 47.46 -27.50 -8.22
N ASN D 260 46.83 -26.51 -8.87
CA ASN D 260 45.90 -26.76 -9.96
C ASN D 260 44.81 -27.80 -9.67
N SER D 261 44.18 -27.66 -8.49
CA SER D 261 43.03 -28.48 -8.13
C SER D 261 41.88 -27.61 -7.59
N TYR D 262 41.67 -26.46 -8.22
CA TYR D 262 40.68 -25.51 -7.74
C TYR D 262 39.29 -26.09 -7.75
N THR D 263 38.74 -26.27 -6.57
CA THR D 263 37.44 -26.89 -6.41
C THR D 263 36.50 -25.86 -5.80
N VAL D 264 35.38 -25.60 -6.46
CA VAL D 264 34.37 -24.71 -5.94
C VAL D 264 33.83 -25.20 -4.61
N ASP D 265 33.49 -24.26 -3.74
CA ASP D 265 32.94 -24.58 -2.43
C ASP D 265 31.53 -24.03 -2.36
N PRO D 266 30.54 -24.91 -2.47
CA PRO D 266 29.17 -24.42 -2.73
C PRO D 266 28.54 -23.91 -1.46
N THR D 267 29.21 -24.10 -0.32
CA THR D 267 28.70 -23.59 0.94
C THR D 267 29.23 -22.18 1.22
N SER D 268 30.16 -21.70 0.41
CA SER D 268 30.69 -20.35 0.59
C SER D 268 29.61 -19.33 0.22
N SER D 269 29.62 -18.20 0.92
CA SER D 269 28.96 -17.01 0.41
C SER D 269 29.66 -16.49 -0.86
N ASP D 270 29.01 -15.57 -1.57
CA ASP D 270 29.65 -14.78 -2.61
C ASP D 270 29.00 -13.42 -2.65
N PHE D 271 29.20 -12.67 -3.72
CA PHE D 271 28.84 -11.27 -3.68
C PHE D 271 27.35 -11.07 -3.75
N SER D 272 26.61 -12.08 -4.19
CA SER D 272 25.14 -12.05 -4.19
C SER D 272 24.56 -12.42 -2.84
N THR D 273 25.41 -12.85 -1.91
CA THR D 273 24.92 -13.20 -0.58
C THR D 273 25.73 -12.55 0.55
N PRO D 274 25.69 -11.22 0.62
CA PRO D 274 26.41 -10.53 1.69
C PRO D 274 25.90 -10.90 3.07
N CYS D 275 24.59 -11.06 3.22
CA CYS D 275 24.04 -11.42 4.53
C CYS D 275 24.47 -12.80 4.99
N LEU D 276 24.60 -13.73 4.06
CA LEU D 276 25.10 -15.07 4.41
C LEU D 276 26.58 -15.01 4.79
N MET D 277 27.30 -14.11 4.16
CA MET D 277 28.67 -13.84 4.55
C MET D 277 28.77 -13.28 5.96
N TYR D 278 27.89 -12.35 6.31
CA TYR D 278 27.81 -11.85 7.68
C TYR D 278 27.45 -12.97 8.68
N GLU D 279 26.43 -13.77 8.39
CA GLU D 279 26.00 -14.82 9.32
C GLU D 279 27.08 -15.85 9.59
N LYS D 280 27.80 -16.27 8.55
CA LYS D 280 28.83 -17.27 8.70
C LYS D 280 30.01 -16.74 9.50
N PHE D 281 30.43 -15.50 9.21
CA PHE D 281 31.49 -14.89 9.95
C PHE D 281 31.16 -14.91 11.44
N VAL D 282 29.93 -14.53 11.77
CA VAL D 282 29.52 -14.37 13.14
C VAL D 282 29.31 -15.73 13.77
N ASN D 283 28.37 -16.50 13.21
CA ASN D 283 27.89 -17.71 13.83
C ASN D 283 28.78 -18.91 13.60
N ILE D 284 29.83 -18.73 12.81
CA ILE D 284 30.77 -19.81 12.57
C ILE D 284 32.21 -19.42 12.89
N THR D 285 32.70 -18.37 12.22
CA THR D 285 34.08 -17.96 12.38
C THR D 285 34.39 -17.42 13.79
N VAL D 286 33.58 -16.49 14.27
CA VAL D 286 33.72 -15.96 15.62
C VAL D 286 33.30 -17.00 16.68
N LYS D 287 32.06 -17.47 16.60
CA LYS D 287 31.59 -18.55 17.48
C LYS D 287 32.67 -19.61 17.70
N SER D 288 33.30 -20.04 16.62
CA SER D 288 34.24 -21.14 16.71
C SER D 288 35.41 -20.79 17.60
N LEU D 289 35.87 -19.54 17.50
CA LEU D 289 37.07 -19.11 18.24
C LEU D 289 36.73 -18.92 19.72
N TYR D 290 35.46 -18.75 20.01
CA TYR D 290 35.02 -18.49 21.37
C TYR D 290 33.78 -19.33 21.66
N PRO D 291 33.95 -20.66 21.71
CA PRO D 291 32.79 -21.55 21.54
C PRO D 291 31.86 -21.54 22.76
N ASN D 292 32.40 -21.14 23.90
CA ASN D 292 31.56 -20.51 24.91
C ASN D 292 32.32 -19.80 26.00
N PRO D 293 32.35 -18.47 25.91
CA PRO D 293 33.28 -17.70 26.70
C PRO D 293 32.78 -17.64 28.14
N THR D 294 33.66 -17.23 29.05
CA THR D 294 33.20 -16.80 30.37
C THR D 294 32.23 -15.62 30.29
N VAL D 295 31.65 -15.25 31.43
CA VAL D 295 30.68 -14.16 31.47
C VAL D 295 31.24 -12.86 30.89
N GLN D 296 32.40 -12.44 31.36
CA GLN D 296 32.97 -11.15 30.93
C GLN D 296 33.36 -11.16 29.45
N LEU D 297 33.93 -12.26 28.98
CA LEU D 297 34.25 -12.41 27.58
C LEU D 297 33.00 -12.43 26.69
N ARG D 298 31.94 -13.04 27.20
CA ARG D 298 30.64 -13.00 26.55
C ARG D 298 30.15 -11.57 26.36
N LYS D 299 30.28 -10.73 27.39
CA LYS D 299 29.86 -9.34 27.28
C LYS D 299 30.69 -8.52 26.28
N ALA D 300 31.99 -8.77 26.25
CA ALA D 300 32.85 -8.14 25.26
C ALA D 300 32.52 -8.59 23.84
N LEU D 301 32.22 -9.87 23.68
CA LEU D 301 31.92 -10.43 22.38
C LEU D 301 30.62 -9.82 21.83
N ASN D 302 29.61 -9.76 22.68
CA ASN D 302 28.34 -9.17 22.29
C ASN D 302 28.43 -7.69 21.95
N THR D 303 29.27 -6.96 22.67
CA THR D 303 29.44 -5.52 22.44
C THR D 303 30.09 -5.26 21.08
N ASN D 304 31.18 -5.96 20.81
CA ASN D 304 31.84 -5.83 19.53
C ASN D 304 31.02 -6.38 18.34
N LEU D 305 30.29 -7.48 18.56
CA LEU D 305 29.37 -7.98 17.54
C LEU D 305 28.31 -6.95 17.20
N ASP D 306 27.77 -6.29 18.23
CA ASP D 306 26.83 -5.21 18.02
C ASP D 306 27.41 -4.14 17.11
N PHE D 307 28.64 -3.74 17.39
CA PHE D 307 29.26 -2.68 16.65
C PHE D 307 29.49 -3.16 15.22
N PHE D 308 30.02 -4.38 15.10
CA PHE D 308 30.27 -5.02 13.82
C PHE D 308 29.04 -4.98 12.90
N PHE D 309 27.90 -5.38 13.45
CA PHE D 309 26.68 -5.45 12.67
C PHE D 309 26.32 -4.07 12.13
N GLN D 310 26.70 -3.03 12.86
CA GLN D 310 26.42 -1.63 12.51
CA GLN D 310 26.30 -1.70 12.44
C GLN D 310 27.09 -1.25 11.20
N GLY D 311 28.18 -1.94 10.92
CA GLY D 311 28.99 -1.61 9.77
C GLY D 311 28.59 -2.34 8.50
N VAL D 312 27.64 -3.27 8.60
CA VAL D 312 27.25 -4.06 7.44
C VAL D 312 26.32 -3.26 6.54
N ALA D 313 26.83 -2.83 5.39
CA ALA D 313 26.16 -1.81 4.58
C ALA D 313 24.92 -2.36 3.85
N ALA D 314 24.94 -3.64 3.53
CA ALA D 314 23.80 -4.29 2.88
C ALA D 314 22.52 -4.30 3.71
N GLY D 315 22.65 -4.20 5.02
CA GLY D 315 21.49 -4.29 5.88
C GLY D 315 21.58 -5.58 6.68
N CYS D 316 20.82 -6.59 6.26
CA CYS D 316 20.89 -7.91 6.88
C CYS D 316 20.20 -7.92 8.24
N THR D 317 20.05 -9.09 8.83
CA THR D 317 19.35 -9.25 10.11
C THR D 317 20.43 -9.69 11.08
N GLN D 318 20.51 -9.05 12.25
CA GLN D 318 21.59 -9.34 13.17
C GLN D 318 21.42 -10.76 13.66
N VAL D 319 22.52 -11.52 13.70
CA VAL D 319 22.48 -12.82 14.33
C VAL D 319 23.26 -12.87 15.65
N PHE D 320 22.85 -13.78 16.53
CA PHE D 320 23.17 -13.67 17.95
C PHE D 320 23.74 -14.99 18.49
N PRO D 321 25.04 -15.23 18.23
CA PRO D 321 25.64 -16.51 18.58
C PRO D 321 25.62 -16.82 20.07
N TYR D 322 25.34 -15.83 20.92
CA TYR D 322 25.31 -16.05 22.38
C TYR D 322 23.99 -15.57 23.01
N GLY D 323 23.00 -15.28 22.16
CA GLY D 323 21.76 -14.66 22.63
C GLY D 323 21.82 -13.14 22.70
C1 NAG E . -0.97 -11.87 7.65
C2 NAG E . -0.07 -12.89 8.34
C3 NAG E . 0.62 -13.75 7.30
C4 NAG E . -0.43 -14.46 6.45
C5 NAG E . -1.45 -13.45 5.93
C6 NAG E . -2.60 -14.15 5.20
C7 NAG E . 0.90 -12.67 10.55
C8 NAG E . -0.09 -13.70 10.99
N2 NAG E . 0.88 -12.29 9.26
O3 NAG E . 1.42 -14.70 7.97
O4 NAG E . 0.23 -15.09 5.37
O5 NAG E . -1.96 -12.60 6.94
O6 NAG E . -3.52 -14.69 6.13
O7 NAG E . 1.65 -12.20 11.39
C1 NAG E . -0.34 -16.39 5.10
C2 NAG E . 0.01 -16.77 3.67
C3 NAG E . -0.59 -18.10 3.28
C4 NAG E . -0.12 -19.15 4.28
C5 NAG E . -0.43 -18.68 5.69
C6 NAG E . 0.03 -19.70 6.72
C7 NAG E . 0.42 -14.86 2.20
C8 NAG E . 1.83 -14.81 2.74
N2 NAG E . -0.41 -15.77 2.70
O3 NAG E . -0.24 -18.40 1.94
O4 NAG E . -0.80 -20.37 4.09
O5 NAG E . 0.17 -17.42 5.94
O6 NAG E . 1.35 -20.10 6.43
O7 NAG E . 0.04 -14.06 1.35
C1 BMA E . -0.07 -21.27 3.25
C2 BMA E . -0.44 -22.70 3.62
C3 BMA E . 0.26 -23.70 2.69
C4 BMA E . 0.06 -23.32 1.23
C5 BMA E . 0.43 -21.85 0.98
C6 BMA E . 0.05 -21.41 -0.44
O2 BMA E . -1.84 -22.91 3.63
O3 BMA E . -0.24 -25.00 2.92
O4 BMA E . 0.84 -24.20 0.45
O5 BMA E . -0.29 -21.02 1.87
O6 BMA E . 1.01 -20.57 -1.03
C1 MAN E . 0.57 -25.66 3.92
C2 MAN E . 0.37 -27.16 3.78
C3 MAN E . -1.11 -27.45 4.01
C4 MAN E . -1.45 -26.99 5.43
C5 MAN E . -1.11 -25.50 5.57
C6 MAN E . -1.45 -24.91 6.93
O2 MAN E . 1.09 -27.80 4.82
O3 MAN E . -1.38 -28.82 3.79
O4 MAN E . -2.80 -27.22 5.74
O5 MAN E . 0.25 -25.28 5.26
O6 MAN E . -0.60 -25.44 7.93
C1 MAN E . 2.35 -28.33 4.36
C2 MAN E . 2.44 -29.78 4.83
C3 MAN E . 3.60 -29.99 5.80
C4 MAN E . 3.63 -28.93 6.89
C5 MAN E . 3.37 -27.53 6.31
C6 MAN E . 4.39 -26.52 6.84
O2 MAN E . 2.57 -30.66 3.74
O3 MAN E . 4.81 -29.94 5.08
O4 MAN E . 2.67 -29.25 7.88
O5 MAN E . 3.42 -27.58 4.89
O6 MAN E . 4.03 -25.21 6.44
C1 MAN E . 0.38 -19.39 -1.59
C2 MAN E . -0.45 -19.69 -2.84
C3 MAN E . -1.35 -18.48 -3.09
C4 MAN E . -0.99 -17.45 -2.01
C5 MAN E . 0.50 -17.11 -2.07
C6 MAN E . 0.88 -16.05 -1.04
O2 MAN E . -1.23 -20.85 -2.66
O3 MAN E . -2.72 -18.82 -3.09
O4 MAN E . -1.78 -16.29 -2.11
O5 MAN E . 1.24 -18.31 -1.87
O6 MAN E . 2.23 -15.68 -1.16
C1 NAG F . -15.65 2.87 -6.82
C2 NAG F . -17.01 3.02 -7.50
C3 NAG F . -17.00 2.50 -8.94
C4 NAG F . -15.84 3.12 -9.74
C5 NAG F . -14.55 3.22 -8.91
C6 NAG F . -13.57 4.12 -9.64
C7 NAG F . -18.90 2.96 -5.97
C8 NAG F . -19.97 2.13 -5.35
N2 NAG F . -18.07 2.32 -6.80
O3 NAG F . -18.27 2.70 -9.58
O4 NAG F . -15.53 2.27 -10.83
O5 NAG F . -14.71 3.63 -7.55
O6 NAG F . -13.88 5.48 -9.41
O7 NAG F . -18.76 4.14 -5.66
C1 NAG F . -16.09 2.73 -12.07
C2 NAG F . -15.10 2.50 -13.22
C3 NAG F . -15.71 2.71 -14.61
C4 NAG F . -17.17 2.25 -14.73
C5 NAG F . -17.95 2.48 -13.44
C6 NAG F . -19.28 1.76 -13.49
C7 NAG F . -12.76 2.71 -12.67
C8 NAG F . -11.51 3.56 -12.61
N2 NAG F . -13.89 3.30 -13.11
O3 NAG F . -14.92 2.05 -15.59
O4 NAG F . -17.80 2.98 -15.76
O5 NAG F . -17.24 1.97 -12.34
O6 NAG F . -20.25 2.76 -13.29
O7 NAG F . -12.77 1.55 -12.27
C1 BMA F . -17.83 2.23 -17.01
C2 BMA F . -19.07 2.63 -17.82
C3 BMA F . -19.09 1.97 -19.20
C4 BMA F . -17.75 2.26 -19.88
C5 BMA F . -16.64 1.72 -18.99
C6 BMA F . -15.27 1.77 -19.64
O2 BMA F . -19.07 4.03 -17.99
O3 BMA F . -20.18 2.45 -19.97
O4 BMA F . -17.66 1.70 -21.18
O5 BMA F . -16.65 2.45 -17.77
O6 BMA F . -14.39 0.91 -18.94
C1 MAN F . -13.02 1.13 -19.34
C2 MAN F . -12.07 0.68 -18.23
C3 MAN F . -11.85 1.74 -17.15
C4 MAN F . -11.63 3.13 -17.76
C5 MAN F . -12.72 3.44 -18.79
C6 MAN F . -12.56 4.81 -19.43
O2 MAN F . -10.84 0.29 -18.78
O3 MAN F . -10.74 1.39 -16.33
O4 MAN F . -11.69 4.09 -16.73
O5 MAN F . -12.72 2.44 -19.80
O6 MAN F . -11.41 5.47 -18.95
C1 MAN F . -11.37 6.84 -19.41
C2 MAN F . -10.61 6.92 -20.71
C3 MAN F . -9.21 6.34 -20.50
C4 MAN F . -8.51 7.04 -19.33
C5 MAN F . -9.43 7.29 -18.13
C6 MAN F . -8.82 8.33 -17.19
O2 MAN F . -10.51 8.27 -21.12
O3 MAN F . -8.45 6.48 -21.68
O4 MAN F . -7.45 6.23 -18.90
O5 MAN F . -10.73 7.72 -18.51
O6 MAN F . -9.83 9.08 -16.57
C1 NAG G . -8.50 -27.18 13.32
C2 NAG G . -7.75 -26.73 14.58
C3 NAG G . -7.57 -27.94 15.49
C4 NAG G . -8.89 -28.62 15.82
C5 NAG G . -9.51 -28.98 14.48
C6 NAG G . -10.78 -29.81 14.59
C7 NAG G . -5.82 -25.21 14.71
C8 NAG G . -4.40 -25.00 14.28
N2 NAG G . -6.42 -26.29 14.21
O3 NAG G . -6.80 -27.57 16.61
O4 NAG G . -8.65 -29.85 16.48
O5 NAG G . -9.71 -27.84 13.68
O6 NAG G . -11.90 -28.97 14.80
O7 NAG G . -6.40 -24.37 15.40
C1 NAG G . -8.78 -29.73 17.91
C2 NAG G . -9.76 -30.75 18.51
C3 NAG G . -9.92 -30.50 20.00
C4 NAG G . -8.61 -30.18 20.73
C5 NAG G . -7.57 -29.44 19.88
C6 NAG G . -6.19 -29.54 20.55
C7 NAG G . -11.53 -31.75 17.15
C8 NAG G . -12.96 -31.67 16.67
N2 NAG G . -11.08 -30.75 17.92
O3 NAG G . -10.49 -31.61 20.64
O4 NAG G . -8.95 -29.41 21.87
O5 NAG G . -7.54 -29.94 18.56
O6 NAG G . -5.19 -29.73 19.57
O7 NAG G . -10.83 -32.68 16.77
C1 NAG H . -35.08 -23.40 21.08
C2 NAG H . -36.38 -23.96 20.49
C3 NAG H . -37.37 -24.42 21.55
C4 NAG H . -36.67 -25.32 22.55
C5 NAG H . -35.45 -24.63 23.14
C6 NAG H . -34.66 -25.61 24.01
C7 NAG H . -37.11 -23.21 18.35
C8 NAG H . -37.79 -22.20 17.48
N2 NAG H . -37.03 -22.97 19.66
O3 NAG H . -38.41 -25.16 20.94
O4 NAG H . -37.60 -25.55 23.56
O5 NAG H . -34.58 -24.23 22.11
O6 NAG H . -33.57 -24.92 24.60
O7 NAG H . -36.56 -24.20 17.88
C1 NAG H . -37.69 -26.95 23.82
C2 NAG H . -38.28 -27.15 25.22
C3 NAG H . -38.50 -28.63 25.51
C4 NAG H . -39.06 -29.38 24.29
C5 NAG H . -38.29 -28.99 23.04
C6 NAG H . -38.77 -29.72 21.80
C7 NAG H . -37.64 -25.31 26.74
C8 NAG H . -36.63 -24.79 27.73
N2 NAG H . -37.41 -26.52 26.20
O3 NAG H . -39.37 -28.76 26.62
O4 NAG H . -38.94 -30.79 24.45
O5 NAG H . -38.48 -27.61 22.86
O6 NAG H . -40.03 -29.21 21.46
O7 NAG H . -38.64 -24.63 26.49
C1 BMA H . -40.19 -31.38 24.81
C2 BMA H . -40.24 -32.78 24.20
C3 BMA H . -41.34 -33.66 24.79
C4 BMA H . -41.35 -33.52 26.31
C5 BMA H . -41.53 -32.06 26.67
C6 BMA H . -41.67 -31.91 28.17
O2 BMA H . -38.99 -33.41 24.40
O3 BMA H . -41.18 -35.01 24.42
O4 BMA H . -42.44 -34.20 26.85
O5 BMA H . -40.38 -31.36 26.21
O6 BMA H . -41.35 -30.58 28.48
C1 MAN H . -42.10 -35.34 23.36
C2 MAN H . -42.41 -36.83 23.36
C3 MAN H . -41.08 -37.56 23.24
C4 MAN H . -40.46 -37.17 21.90
C5 MAN H . -40.33 -35.65 21.85
C6 MAN H . -39.73 -35.14 20.54
O2 MAN H . -43.14 -37.12 22.18
O3 MAN H . -41.24 -38.96 23.34
O4 MAN H . -39.19 -37.75 21.79
O5 MAN H . -41.57 -35.02 22.08
O6 MAN H . -39.53 -33.75 20.67
C1 MAN H . -44.57 -37.09 22.41
C2 MAN H . -45.27 -37.68 21.19
C3 MAN H . -45.11 -36.71 20.01
C4 MAN H . -45.78 -35.40 20.42
C5 MAN H . -45.10 -34.86 21.67
C6 MAN H . -45.80 -33.58 22.12
O2 MAN H . -46.64 -37.85 21.50
O3 MAN H . -45.68 -37.23 18.83
O4 MAN H . -45.72 -34.44 19.38
O5 MAN H . -45.11 -35.81 22.72
O6 MAN H . -45.05 -33.03 23.18
C1 MAN H . -41.56 -30.34 29.88
C2 MAN H . -41.77 -28.83 30.06
C3 MAN H . -40.48 -28.06 29.81
C4 MAN H . -39.31 -28.69 30.56
C5 MAN H . -39.22 -30.20 30.34
C6 MAN H . -38.16 -30.77 31.26
O2 MAN H . -42.28 -28.56 31.36
O3 MAN H . -40.62 -26.72 30.22
O4 MAN H . -38.09 -28.05 30.22
O5 MAN H . -40.47 -30.80 30.66
O6 MAN H . -38.16 -30.02 32.46
C1 MAN H . -40.42 -25.85 29.09
C2 MAN H . -40.27 -24.41 29.57
C3 MAN H . -41.59 -23.99 30.19
C4 MAN H . -42.69 -24.10 29.14
C5 MAN H . -42.71 -25.51 28.53
C6 MAN H . -43.70 -25.57 27.36
O2 MAN H . -40.02 -23.63 28.43
O3 MAN H . -41.53 -22.66 30.67
O4 MAN H . -43.91 -23.87 29.79
O5 MAN H . -41.41 -25.88 28.09
O6 MAN H . -44.20 -26.89 27.20
C1 MAN H . -36.81 -29.54 32.73
C2 MAN H . -35.90 -30.61 32.16
C3 MAN H . -36.32 -31.89 32.84
C4 MAN H . -36.17 -31.72 34.36
C5 MAN H . -36.99 -30.52 34.83
C6 MAN H . -36.78 -30.29 36.32
O2 MAN H . -34.56 -30.27 32.45
O3 MAN H . -35.64 -33.02 32.34
O4 MAN H . -36.59 -32.88 35.03
O5 MAN H . -36.57 -29.38 34.11
O6 MAN H . -37.70 -29.34 36.81
C1 NAG I . -27.55 19.25 15.62
C2 NAG I . -28.05 20.53 16.29
C3 NAG I . -27.68 21.69 15.38
C4 NAG I . -26.16 21.77 15.39
C5 NAG I . -25.47 20.42 15.13
C6 NAG I . -24.10 20.42 15.81
C7 NAG I . -30.46 20.80 15.91
C8 NAG I . -31.83 20.68 16.52
N2 NAG I . -29.44 20.46 16.69
O3 NAG I . -28.20 22.93 15.82
O4 NAG I . -25.79 22.72 14.40
O5 NAG I . -26.14 19.26 15.59
O6 NAG I . -23.30 19.38 15.25
O7 NAG I . -30.33 21.22 14.76
C1 NAG I . -24.60 22.27 13.73
C2 NAG I . -24.74 22.53 12.23
C3 NAG I . -23.70 23.54 11.77
C4 NAG I . -23.69 24.72 12.74
C5 NAG I . -23.35 24.26 14.16
C6 NAG I . -24.22 24.95 15.22
C7 NAG I . -25.62 20.87 10.66
C8 NAG I . -26.85 21.73 10.57
N2 NAG I . -24.63 21.30 11.45
O3 NAG I . -24.05 23.98 10.47
O4 NAG I . -22.73 25.67 12.31
O5 NAG I . -23.44 22.85 14.28
O6 NAG I . -25.05 25.90 14.58
O7 NAG I . -25.56 19.81 10.01
C1 NAG J . 1.34 -2.06 -16.09
C2 NAG J . 0.49 -1.85 -17.33
C3 NAG J . 0.05 -3.15 -17.99
C4 NAG J . 1.23 -4.08 -18.20
C5 NAG J . 2.02 -4.19 -16.89
C6 NAG J . 3.27 -5.05 -17.10
C7 NAG J . -0.92 0.03 -17.70
C8 NAG J . -2.17 0.78 -17.34
N2 NAG J . -0.69 -1.09 -17.03
O3 NAG J . -0.54 -2.82 -19.22
O4 NAG J . 0.72 -5.36 -18.56
O5 NAG J . 2.42 -2.91 -16.47
O6 NAG J . 4.11 -4.38 -18.02
O7 NAG J . -0.15 0.44 -18.58
C1 NAG J . 1.55 -6.04 -19.55
C2 NAG J . 1.23 -7.54 -19.52
C3 NAG J . 2.06 -8.32 -20.51
C4 NAG J . 1.68 -7.78 -21.89
C5 NAG J . 2.00 -6.28 -21.90
C6 NAG J . 1.66 -5.65 -23.24
C7 NAG J . -0.05 -8.07 -17.61
C8 NAG J . -0.19 -8.64 -16.23
N2 NAG J . 1.14 -8.12 -18.19
O3 NAG J . 1.75 -9.69 -20.40
O4 NAG J . 2.42 -8.42 -22.94
O5 NAG J . 1.32 -5.57 -20.87
O6 NAG J . 0.25 -5.60 -23.40
O7 NAG J . -1.01 -7.54 -18.17
C1 BMA J . 1.80 -9.61 -23.49
C2 BMA J . 2.01 -9.63 -25.01
C3 BMA J . 1.57 -10.93 -25.67
C4 BMA J . 2.11 -12.12 -24.90
C5 BMA J . 1.84 -12.01 -23.40
C6 BMA J . 2.49 -13.17 -22.63
O2 BMA J . 3.38 -9.40 -25.31
O3 BMA J . 2.13 -11.02 -26.96
O4 BMA J . 1.57 -13.30 -25.44
O5 BMA J . 2.36 -10.78 -22.93
O6 BMA J . 2.05 -13.26 -21.29
C1 MAN J . 1.28 -10.44 -27.98
C2 MAN J . 1.58 -11.12 -29.32
C3 MAN J . 2.89 -10.65 -29.96
C4 MAN J . 3.20 -9.16 -29.74
C5 MAN J . 2.77 -8.67 -28.36
C6 MAN J . 2.93 -7.16 -28.22
O2 MAN J . 0.49 -11.10 -30.23
O3 MAN J . 2.88 -10.96 -31.33
O4 MAN J . 4.59 -8.96 -29.91
O5 MAN J . 1.43 -9.03 -28.10
O6 MAN J . 3.29 -6.62 -29.47
C1 MAN J . 0.44 -9.86 -30.99
C2 MAN J . -0.52 -8.84 -30.37
C3 MAN J . -1.91 -9.42 -30.29
C4 MAN J . -2.34 -10.16 -31.57
C5 MAN J . -1.24 -10.51 -32.60
C6 MAN J . -1.65 -10.07 -34.00
O2 MAN J . -0.55 -7.66 -31.14
O3 MAN J . -2.83 -8.39 -29.97
O4 MAN J . -3.01 -11.34 -31.20
O5 MAN J . 0.07 -10.02 -32.35
O6 MAN J . -1.81 -11.18 -34.86
C1 NAG K . 16.24 -9.15 2.93
C2 NAG K . 17.64 -9.56 3.39
C3 NAG K . 17.80 -11.06 3.62
C4 NAG K . 16.69 -11.64 4.49
C5 NAG K . 15.32 -11.04 4.11
C6 NAG K . 14.33 -11.37 5.22
C7 NAG K . 19.39 -8.01 2.85
C8 NAG K . 20.57 -7.62 2.03
N2 NAG K . 18.73 -9.13 2.52
O3 NAG K . 19.08 -11.36 4.10
O4 NAG K . 16.58 -13.02 4.18
O5 NAG K . 15.32 -9.63 3.90
O6 NAG K . 14.57 -10.50 6.33
O7 NAG K . 19.01 -7.30 3.78
C1 NAG K . 17.38 -13.89 4.99
C2 NAG K . 16.66 -15.24 5.11
C3 NAG K . 17.42 -16.19 6.05
C4 NAG K . 18.92 -16.20 5.74
C5 NAG K . 19.43 -14.79 5.43
C6 NAG K . 20.90 -14.80 5.05
C7 NAG K . 14.29 -14.98 4.62
C8 NAG K . 12.90 -14.91 5.19
N2 NAG K . 15.27 -15.11 5.52
O3 NAG K . 16.90 -17.49 5.94
O4 NAG K . 19.64 -16.73 6.84
O5 NAG K . 18.63 -14.22 4.43
O6 NAG K . 21.06 -15.60 3.90
O7 NAG K . 14.49 -14.89 3.39
C1 NAG L . 9.42 -0.82 -32.06
C2 NAG L . 8.51 0.40 -32.20
C3 NAG L . 8.41 0.94 -33.62
C4 NAG L . 9.78 0.93 -34.31
C5 NAG L . 10.41 -0.45 -34.10
C6 NAG L . 11.71 -0.63 -34.86
C7 NAG L . 6.62 0.93 -30.85
C8 NAG L . 5.23 0.60 -30.39
N2 NAG L . 7.17 0.11 -31.72
O3 NAG L . 7.89 2.24 -33.53
O4 NAG L . 9.67 1.06 -35.71
O5 NAG L . 10.63 -0.55 -32.72
O6 NAG L . 12.56 0.46 -34.59
O7 NAG L . 7.19 1.94 -30.44
C1 NAG L . 8.95 2.25 -36.07
C2 NAG L . 9.75 2.91 -37.20
C3 NAG L . 8.93 3.97 -37.95
C4 NAG L . 7.54 3.44 -38.27
C5 NAG L . 6.90 2.98 -36.97
C6 NAG L . 5.46 2.54 -37.16
C7 NAG L . 12.16 2.98 -37.03
C8 NAG L . 13.37 3.67 -36.50
N2 NAG L . 10.97 3.49 -36.70
O3 NAG L . 9.63 4.28 -39.14
O4 NAG L . 6.74 4.42 -38.92
O5 NAG L . 7.66 1.89 -36.52
O6 NAG L . 5.45 1.13 -37.27
O7 NAG L . 12.26 1.97 -37.73
C1 NAG M . 35.78 11.49 -29.75
C2 NAG M . 37.11 10.76 -30.00
C3 NAG M . 38.12 11.65 -30.72
C4 NAG M . 37.50 12.34 -31.94
C5 NAG M . 36.11 12.91 -31.69
C6 NAG M . 35.47 13.09 -33.06
C7 NAG M . 38.13 9.00 -28.65
C8 NAG M . 38.86 8.58 -27.40
N2 NAG M . 37.75 10.28 -28.77
O3 NAG M . 39.21 10.85 -31.14
O4 NAG M . 38.31 13.41 -32.37
O5 NAG M . 35.26 12.08 -30.92
O6 NAG M . 34.24 13.71 -32.85
O7 NAG M . 37.92 8.15 -29.51
C1 NAG M . 38.56 13.29 -33.79
C2 NAG M . 39.04 14.63 -34.37
C3 NAG M . 39.35 14.44 -35.87
C4 NAG M . 40.19 13.21 -36.15
C5 NAG M . 39.46 12.03 -35.47
C6 NAG M . 40.07 10.67 -35.73
C7 NAG M . 38.00 16.48 -33.20
C8 NAG M . 36.85 17.44 -33.12
N2 NAG M . 38.01 15.62 -34.22
O3 NAG M . 39.99 15.58 -36.37
O4 NAG M . 40.23 13.00 -37.54
O5 NAG M . 39.47 12.26 -34.09
O6 NAG M . 41.32 10.70 -35.11
O7 NAG M . 38.90 16.52 -32.35
C1 BMA M . 41.51 13.25 -38.16
C2 BMA M . 41.69 12.28 -39.33
C3 BMA M . 42.89 12.66 -40.21
C4 BMA M . 42.84 14.13 -40.58
C5 BMA M . 42.67 14.99 -39.34
C6 BMA M . 42.46 16.45 -39.69
O2 BMA M . 40.52 12.30 -40.14
O3 BMA M . 42.90 11.94 -41.42
O4 BMA M . 44.04 14.48 -41.24
O5 BMA M . 41.52 14.57 -38.65
O6 BMA M . 42.16 17.12 -38.50
C1 MAN M . 43.71 10.77 -41.24
C2 MAN M . 44.17 10.30 -42.62
C3 MAN M . 42.93 10.03 -43.44
C4 MAN M . 42.19 8.89 -42.75
C5 MAN M . 41.85 9.32 -41.32
C6 MAN M . 41.14 8.21 -40.56
O2 MAN M . 44.85 9.07 -42.48
O3 MAN M . 43.32 9.62 -44.74
O4 MAN M . 41.06 8.49 -43.49
O5 MAN M . 43.02 9.71 -40.63
O6 MAN M . 41.49 8.27 -39.18
C1 MAN M . 46.27 9.25 -42.39
C2 MAN M . 46.95 7.87 -42.44
C3 MAN M . 47.01 7.25 -41.06
C4 MAN M . 47.70 8.22 -40.12
C5 MAN M . 46.87 9.49 -40.02
C6 MAN M . 47.54 10.45 -39.05
O2 MAN M . 48.22 7.95 -43.04
O3 MAN M . 47.68 6.01 -41.08
O4 MAN M . 47.85 7.66 -38.83
O5 MAN M . 46.74 10.08 -41.31
O6 MAN M . 46.60 11.27 -38.40
C1 MAN M . 42.27 18.55 -38.64
C2 MAN M . 42.34 19.17 -37.25
C3 MAN M . 41.01 18.93 -36.53
C4 MAN M . 39.89 19.46 -37.40
C5 MAN M . 39.92 19.12 -38.90
C6 MAN M . 39.15 20.26 -39.57
O2 MAN M . 42.57 20.58 -37.32
O3 MAN M . 41.00 19.74 -35.37
O4 MAN M . 38.64 19.13 -36.85
O5 MAN M . 41.24 19.10 -39.44
O6 MAN M . 38.27 19.80 -40.57
C1 MAN M . 40.76 18.96 -34.19
C2 MAN M . 40.39 19.92 -33.07
C3 MAN M . 41.59 20.79 -32.72
C4 MAN M . 42.78 19.90 -32.41
C5 MAN M . 43.05 18.91 -33.54
C6 MAN M . 44.21 17.97 -33.19
O2 MAN M . 40.03 19.18 -31.92
O3 MAN M . 41.33 21.58 -31.59
O4 MAN M . 43.90 20.76 -32.23
O5 MAN M . 41.88 18.17 -33.83
O6 MAN M . 44.74 17.43 -34.41
C1 MAN M . 37.44 20.89 -41.05
C2 MAN M . 37.91 22.30 -40.62
C3 MAN M . 37.43 22.73 -39.24
C4 MAN M . 36.02 22.23 -38.94
C5 MAN M . 35.86 20.78 -39.37
C6 MAN M . 34.50 20.20 -39.04
O2 MAN M . 37.40 23.29 -41.50
O3 MAN M . 37.43 24.14 -39.20
O4 MAN M . 35.84 22.36 -37.54
O5 MAN M . 36.08 20.70 -40.76
O6 MAN M . 34.41 20.06 -37.64
C1 NAG N . 24.76 18.76 11.54
C2 NAG N . 25.07 19.45 12.88
C3 NAG N . 24.36 18.76 14.03
C4 NAG N . 22.89 18.54 13.70
C5 NAG N . 22.84 17.75 12.39
C6 NAG N . 21.42 17.27 12.06
C7 NAG N . 27.25 20.56 12.97
C8 NAG N . 28.73 20.41 13.19
N2 NAG N . 26.51 19.45 13.09
O3 NAG N . 24.48 19.48 15.23
O4 NAG N . 22.27 17.80 14.74
O5 NAG N . 23.36 18.57 11.39
O6 NAG N . 20.58 18.37 11.80
O7 NAG N . 26.77 21.66 12.70
C1 NAG N . 20.95 18.32 14.99
C2 NAG N . 20.41 17.72 16.29
C3 NAG N . 18.97 18.20 16.51
C4 NAG N . 18.90 19.72 16.45
C5 NAG N . 19.63 20.27 15.21
C6 NAG N . 19.77 21.79 15.25
C7 NAG N . 21.20 15.62 17.21
C8 NAG N . 21.90 16.44 18.25
N2 NAG N . 20.51 16.27 16.27
O3 NAG N . 18.47 17.72 17.74
O4 NAG N . 17.56 20.16 16.45
O5 NAG N . 20.94 19.73 15.13
O6 NAG N . 18.49 22.39 15.14
O7 NAG N . 21.28 14.39 17.23
C1 NAG O . -56.27 -7.92 -11.65
C2 NAG O . -56.99 -7.75 -12.98
C3 NAG O . -57.46 -9.11 -13.50
C4 NAG O . -56.34 -10.15 -13.47
C5 NAG O . -55.53 -10.07 -12.16
C6 NAG O . -54.28 -10.94 -12.20
C7 NAG O . -58.23 -5.80 -13.65
C8 NAG O . -57.24 -5.70 -14.77
N2 NAG O . -58.09 -6.83 -12.82
O3 NAG O . -57.96 -8.97 -14.81
O4 NAG O . -56.94 -11.43 -13.57
O5 NAG O . -55.15 -8.76 -11.84
O6 NAG O . -53.87 -11.10 -13.53
O7 NAG O . -59.15 -4.98 -13.55
C1 NAG O . -56.86 -12.00 -14.89
C2 NAG O . -56.98 -13.52 -14.80
C3 NAG O . -56.89 -14.15 -16.19
C4 NAG O . -57.83 -13.48 -17.19
C5 NAG O . -57.64 -11.97 -17.10
C6 NAG O . -58.55 -11.25 -18.11
C7 NAG O . -56.22 -14.44 -12.67
C8 NAG O . -55.07 -15.01 -11.88
N2 NAG O . -55.97 -14.09 -13.92
O3 NAG O . -57.18 -15.53 -16.07
O4 NAG O . -57.46 -13.86 -18.51
O5 NAG O . -57.85 -11.50 -15.78
O6 NAG O . -59.43 -10.37 -17.44
O7 NAG O . -57.32 -14.29 -12.12
C1 BMA O . -58.37 -14.83 -19.11
C2 BMA O . -58.38 -14.48 -20.60
C3 BMA O . -58.75 -15.63 -21.53
C4 BMA O . -57.92 -16.84 -21.11
C5 BMA O . -58.33 -17.20 -19.69
C6 BMA O . -57.69 -18.53 -19.27
O2 BMA O . -57.09 -14.04 -20.96
O3 BMA O . -58.43 -15.29 -22.86
O4 BMA O . -58.11 -17.92 -21.98
O5 BMA O . -57.92 -16.15 -18.82
O6 BMA O . -57.99 -18.86 -17.93
C1 NAG P . -42.30 -14.05 8.77
C2 NAG P . -40.92 -14.18 9.40
C3 NAG P . -40.54 -15.65 9.47
C4 NAG P . -41.62 -16.56 10.07
C5 NAG P . -43.01 -16.14 9.60
C6 NAG P . -44.04 -16.84 10.48
C7 NAG P . -39.42 -12.34 9.15
C8 NAG P . -38.27 -11.69 8.42
N2 NAG P . -39.86 -13.49 8.68
O3 NAG P . -39.33 -15.82 10.15
O4 NAG P . -41.41 -17.80 9.46
O5 NAG P . -43.18 -14.74 9.62
O6 NAG P . -44.17 -16.13 11.70
O7 NAG P . -39.94 -11.78 10.10
C1 NAG P . -41.14 -18.87 10.34
C2 NAG P . -41.72 -20.03 9.55
C3 NAG P . -40.70 -21.10 9.15
C4 NAG P . -39.80 -21.47 10.33
C5 NAG P . -39.45 -20.25 11.18
C6 NAG P . -37.97 -20.22 11.53
C7 NAG P . -44.04 -20.65 9.43
C8 NAG P . -45.28 -21.16 10.11
N2 NAG P . -42.93 -20.55 10.16
O3 NAG P . -39.89 -20.64 8.08
O4 NAG P . -40.53 -22.44 11.07
O5 NAG P . -39.75 -19.05 10.50
O6 NAG P . -37.36 -19.14 10.86
O7 NAG P . -44.05 -20.35 8.23
C1 NAG Q . -22.28 10.81 -20.41
C2 NAG Q . -20.78 10.52 -20.53
C3 NAG Q . -20.00 11.74 -21.03
C4 NAG Q . -20.59 12.24 -22.33
C5 NAG Q . -22.01 12.64 -21.99
C6 NAG Q . -22.71 13.23 -23.21
C7 NAG Q . -19.78 8.90 -19.08
C8 NAG Q . -19.08 8.58 -17.79
N2 NAG Q . -20.18 10.15 -19.27
O3 NAG Q . -18.63 11.44 -21.16
O4 NAG Q . -19.87 13.39 -22.69
O5 NAG Q . -22.76 11.52 -21.54
O6 NAG Q . -22.94 12.15 -24.09
O7 NAG Q . -20.01 8.02 -19.90
C1 NAG Q . -19.44 13.34 -24.07
C2 NAG Q . -19.12 14.77 -24.50
C3 NAG Q . -18.45 14.86 -25.86
C4 NAG Q . -17.28 13.88 -25.92
C5 NAG Q . -17.77 12.49 -25.55
C6 NAG Q . -16.65 11.46 -25.64
C7 NAG Q . -20.51 16.52 -23.50
C8 NAG Q . -19.48 16.61 -22.42
N2 NAG Q . -20.30 15.62 -24.47
O3 NAG Q . -17.99 16.17 -26.08
O4 NAG Q . -16.70 13.90 -27.22
O5 NAG Q . -18.29 12.51 -24.23
O6 NAG Q . -15.64 11.78 -24.70
O7 NAG Q . -21.51 17.24 -23.49
C1 NAG R . -38.99 14.07 19.63
C2 NAG R . -38.97 14.74 21.01
C3 NAG R . -39.61 13.89 22.11
C4 NAG R . -40.93 13.31 21.63
C5 NAG R . -40.76 12.65 20.26
C6 NAG R . -42.06 12.00 19.78
C7 NAG R . -37.19 16.30 21.43
C8 NAG R . -35.76 16.55 21.85
N2 NAG R . -37.61 15.05 21.41
O3 NAG R . -39.84 14.70 23.24
O4 NAG R . -41.39 12.36 22.57
O5 NAG R . -40.30 13.61 19.34
O6 NAG R . -42.93 12.99 19.27
O7 NAG R . -37.90 17.25 21.11
C1 NAG R . -42.78 12.65 22.82
C2 NAG R . -43.23 12.02 24.13
C3 NAG R . -44.67 12.37 24.45
C4 NAG R . -45.02 13.84 24.16
C5 NAG R . -44.42 14.30 22.83
C6 NAG R . -44.64 15.79 22.60
C7 NAG R . -42.32 9.82 24.76
C8 NAG R . -41.46 10.53 25.76
N2 NAG R . -43.13 10.57 24.03
O3 NAG R . -44.94 12.10 25.81
O4 NAG R . -46.42 13.98 24.13
O5 NAG R . -43.04 14.04 22.83
O6 NAG R . -45.39 15.97 21.42
O7 NAG R . -42.26 8.60 24.65
C1 NAG S . 57.81 -12.74 -3.35
C2 NAG S . 58.64 -13.82 -2.68
C3 NAG S . 59.28 -14.71 -3.73
C4 NAG S . 58.27 -15.22 -4.75
C5 NAG S . 57.20 -14.18 -5.14
C6 NAG S . 55.94 -14.89 -5.62
C7 NAG S . 59.90 -13.66 -0.61
C8 NAG S . 61.03 -13.00 0.14
N2 NAG S . 59.69 -13.25 -1.87
O3 NAG S . 59.85 -15.82 -3.08
O4 NAG S . 58.99 -15.62 -5.90
O5 NAG S . 56.78 -13.38 -4.05
O6 NAG S . 56.17 -15.52 -6.86
O7 NAG S . 59.21 -14.52 -0.08
C1 NAG S . 59.01 -17.07 -6.01
C2 NAG S . 59.25 -17.48 -7.47
C3 NAG S . 59.28 -19.01 -7.61
C4 NAG S . 60.21 -19.63 -6.57
C5 NAG S . 59.89 -19.09 -5.17
C6 NAG S . 60.84 -19.65 -4.13
C7 NAG S . 58.53 -15.90 -9.18
C8 NAG S . 57.39 -15.41 -10.03
N2 NAG S . 58.25 -16.90 -8.35
O3 NAG S . 59.65 -19.37 -8.92
O4 NAG S . 60.15 -21.05 -6.59
O5 NAG S . 59.97 -17.68 -5.17
O6 NAG S . 62.14 -19.14 -4.35
O7 NAG S . 59.64 -15.39 -9.26
C1 NAG T . 42.89 2.85 -16.76
C2 NAG T . 41.47 3.25 -17.19
C3 NAG T . 41.23 2.77 -18.61
C4 NAG T . 42.26 3.32 -19.59
C5 NAG T . 43.67 3.31 -18.96
C6 NAG T . 44.64 4.19 -19.77
C7 NAG T . 39.89 3.39 -15.36
C8 NAG T . 38.78 2.73 -14.58
N2 NAG T . 40.43 2.69 -16.35
O3 NAG T . 39.91 3.07 -19.00
O4 NAG T . 42.30 2.40 -20.67
O5 NAG T . 43.77 3.60 -17.57
O6 NAG T . 44.84 5.45 -19.15
O7 NAG T . 40.27 4.52 -15.06
C1 NAG T . 41.61 2.79 -21.88
C2 NAG T . 42.28 2.07 -23.04
C3 NAG T . 41.62 2.39 -24.37
C4 NAG T . 40.10 2.26 -24.31
C5 NAG T . 39.58 2.93 -23.02
C6 NAG T . 38.07 2.76 -22.82
C7 NAG T . 44.66 1.64 -22.67
C8 NAG T . 46.06 2.16 -22.80
N2 NAG T . 43.69 2.44 -23.10
O3 NAG T . 42.12 1.51 -25.37
O4 NAG T . 39.54 2.92 -25.44
O5 NAG T . 40.25 2.40 -21.90
O6 NAG T . 37.71 1.39 -22.88
O7 NAG T . 44.45 0.52 -22.19
C1 BMA T . 39.17 2.02 -26.52
C2 BMA T . 37.88 2.58 -27.10
C3 BMA T . 37.34 1.71 -28.22
C4 BMA T . 38.42 1.49 -29.27
C5 BMA T . 39.79 1.17 -28.68
C6 BMA T . 40.86 1.23 -29.78
O2 BMA T . 38.21 3.85 -27.64
O3 BMA T . 36.22 2.33 -28.83
O4 BMA T . 38.00 0.43 -30.12
O5 BMA T . 40.13 2.00 -27.57
O6 BMA T . 42.11 1.67 -29.29
CHA HEM U . -15.07 -6.46 12.70
CHB HEM U . -17.59 -6.35 16.82
CHC HEM U . -19.25 -1.97 15.81
CHD HEM U . -16.26 -1.79 11.99
C1A HEM U . -15.66 -6.80 13.89
C2A HEM U . -15.37 -8.01 14.61
C3A HEM U . -16.00 -7.94 15.78
C4A HEM U . -16.75 -6.70 15.82
CMA HEM U . -16.02 -9.03 16.89
CAA HEM U . -14.39 -9.12 14.18
CBA HEM U . -14.94 -9.98 13.04
CGA HEM U . -13.79 -10.44 12.15
O1A HEM U . -13.20 -11.53 12.37
O2A HEM U . -13.42 -9.67 11.21
C1B HEM U . -18.33 -5.22 16.87
C2B HEM U . -19.26 -4.85 17.93
C3B HEM U . -19.71 -3.64 17.66
C4B HEM U . -19.11 -3.20 16.40
CMB HEM U . -19.67 -5.70 19.18
CAB HEM U . -20.74 -2.87 18.50
CBB HEM U . -21.79 -2.30 17.91
C1C HEM U . -18.52 -1.52 14.74
C2C HEM U . -18.56 -0.17 14.21
C3C HEM U . -17.74 -0.14 13.16
C4C HEM U . -17.14 -1.45 13.00
CMC HEM U . -19.36 1.07 14.73
CAC HEM U . -17.45 1.12 12.32
CBC HEM U . -17.01 0.98 11.07
C1D HEM U . -15.79 -3.06 11.74
C2D HEM U . -15.03 -3.45 10.56
C3D HEM U . -14.62 -4.90 10.80
C4D HEM U . -15.15 -5.23 12.10
CMD HEM U . -14.68 -2.62 9.31
CAD HEM U . -13.86 -5.78 9.80
CBD HEM U . -12.40 -5.93 10.21
CGD HEM U . -11.61 -6.68 9.15
O1D HEM U . -12.20 -7.51 8.40
O2D HEM U . -10.39 -6.43 9.00
NA HEM U . -16.46 -5.98 14.67
NB HEM U . -18.21 -4.16 16.01
NC HEM U . -17.61 -2.27 14.02
ND HEM U . -15.81 -4.12 12.64
FE HEM U . -17.00 -4.11 14.37
MG MG V . -11.50 -12.39 11.87
C ACT W . -20.11 -6.01 13.17
O ACT W . -18.86 -6.05 13.09
OXT ACT W . -20.77 -6.91 12.58
CH3 ACT W . -20.78 -4.90 13.92
S SO4 X . -5.18 -10.33 32.02
O1 SO4 X . -6.33 -11.08 32.56
O2 SO4 X . -4.69 -10.98 30.80
O3 SO4 X . -5.58 -8.94 31.72
O4 SO4 X . -4.11 -10.33 33.02
S SO4 Y . -2.96 -8.77 23.40
O1 SO4 Y . -4.15 -7.93 23.26
O2 SO4 Y . -2.03 -8.48 22.32
O3 SO4 Y . -2.36 -8.48 24.70
O4 SO4 Y . -3.32 -10.19 23.32
S SO4 Z . -5.44 -11.48 -7.71
O1 SO4 Z . -6.81 -11.56 -8.23
O2 SO4 Z . -4.56 -11.01 -8.79
O3 SO4 Z . -5.37 -10.57 -6.58
O4 SO4 Z . -5.02 -12.83 -7.31
S SO4 AA . -36.52 -16.82 7.91
O1 SO4 AA . -37.65 -16.69 8.84
O2 SO4 AA . -37.07 -17.04 6.58
O3 SO4 AA . -35.71 -15.60 7.93
O4 SO4 AA . -35.66 -17.95 8.33
CHA HEM BA . 14.67 6.16 -12.30
CHB HEM BA . 16.87 10.27 -13.57
CHC HEM BA . 18.17 10.96 -8.95
CHD HEM BA . 15.62 7.07 -7.66
C1A HEM BA . 15.11 7.25 -13.02
C2A HEM BA . 14.86 7.47 -14.42
C3A HEM BA . 15.45 8.62 -14.77
C4A HEM BA . 16.16 9.11 -13.62
CMA HEM BA . 15.42 9.26 -16.18
CAA HEM BA . 14.00 6.54 -15.31
CBA HEM BA . 14.78 5.34 -15.85
CGA HEM BA . 13.83 4.17 -16.07
O1A HEM BA . 13.20 4.00 -17.16
O2A HEM BA . 13.64 3.38 -15.12
C1B HEM BA . 17.48 10.78 -12.45
C2B HEM BA . 18.35 11.94 -12.39
C3B HEM BA . 18.73 12.12 -11.12
C4B HEM BA . 18.15 11.06 -10.32
CMB HEM BA . 18.77 12.81 -13.60
CAB HEM BA . 19.65 13.26 -10.63
CBB HEM BA . 20.39 13.15 -9.52
C1C HEM BA . 17.49 10.04 -8.21
C2C HEM BA . 17.41 10.00 -6.75
C3C HEM BA . 16.70 8.93 -6.44
C4C HEM BA . 16.34 8.23 -7.64
CMC HEM BA . 18.05 11.01 -5.75
CAC HEM BA . 16.34 8.45 -5.00
CBC HEM BA . 17.29 8.52 -4.07
C1D HEM BA . 15.26 6.37 -8.79
C2D HEM BA . 14.61 5.08 -8.81
C3D HEM BA . 14.34 4.79 -10.27
C4D HEM BA . 14.75 5.99 -10.95
CMD HEM BA . 14.32 4.16 -7.60
CAD HEM BA . 13.72 3.52 -10.90
CBD HEM BA . 12.19 3.66 -10.84
CGD HEM BA . 11.56 2.36 -11.31
O1D HEM BA . 12.27 1.55 -12.00
O2D HEM BA . 10.35 2.14 -11.01
NA HEM BA . 15.84 8.31 -12.54
NB HEM BA . 17.28 10.37 -11.15
NC HEM BA . 16.71 9.01 -8.71
ND HEM BA . 15.28 6.89 -10.05
FE HEM BA . 16.23 8.67 -10.59
MG MG CA . 11.59 3.05 -17.79
C ACT DA . 19.58 7.22 -11.68
O ACT DA . 18.33 7.21 -11.72
OXT ACT DA . 20.19 6.35 -12.35
CH3 ACT DA . 20.30 8.19 -10.79
S SO4 EA . 3.68 22.86 -22.81
O1 SO4 EA . 2.74 21.79 -23.15
O2 SO4 EA . 4.73 22.86 -23.84
O3 SO4 EA . 2.93 24.12 -22.80
O4 SO4 EA . 4.26 22.67 -21.47
S SO4 FA . 2.17 13.85 -18.54
O1 SO4 FA . 1.58 12.71 -17.83
O2 SO4 FA . 1.82 13.72 -19.95
O3 SO4 FA . 1.67 15.12 -18.00
O4 SO4 FA . 3.64 13.85 -18.42
S SO4 GA . 37.28 0.47 -19.26
O1 SO4 GA . 36.50 0.89 -18.09
O2 SO4 GA . 38.13 1.58 -19.69
O3 SO4 GA . 38.13 -0.66 -18.90
O4 SO4 GA . 36.37 0.11 -20.35
CHA HEM HA . -44.48 1.66 -5.89
CHB HEM HA . -42.79 6.13 -6.55
CHC HEM HA . -42.03 6.73 -1.81
CHD HEM HA . -44.23 2.41 -1.13
C1A HEM HA . -44.13 2.86 -6.48
C2A HEM HA . -44.24 3.15 -7.91
C3A HEM HA . -43.76 4.38 -8.06
C4A HEM HA . -43.36 4.91 -6.76
CMA HEM HA . -43.62 5.12 -9.41
CAA HEM HA . -44.76 2.19 -9.02
CBA HEM HA . -43.76 1.03 -9.28
CGA HEM HA . -44.47 -0.21 -9.79
O1A HEM HA . -44.71 -0.36 -11.02
O2A HEM HA . -44.90 -1.06 -8.97
C1B HEM HA . -42.38 6.65 -5.35
C2B HEM HA . -41.73 7.94 -5.18
C3B HEM HA . -41.49 8.09 -3.88
C4B HEM HA . -42.02 6.94 -3.17
CMB HEM HA . -41.39 8.96 -6.29
CAB HEM HA . -40.88 9.36 -3.24
CBB HEM HA . -39.93 9.26 -2.31
C1C HEM HA . -42.66 5.65 -1.24
C2C HEM HA . -42.93 5.48 0.18
C3C HEM HA . -43.56 4.30 0.32
C4C HEM HA . -43.70 3.67 -0.97
CMC HEM HA . -42.57 6.49 1.29
CAC HEM HA . -44.07 3.65 1.62
CBC HEM HA . -43.50 4.01 2.78
C1D HEM HA . -44.36 1.74 -2.32
C2D HEM HA . -44.77 0.37 -2.46
C3D HEM HA . -44.83 0.14 -3.97
C4D HEM HA . -44.45 1.41 -4.56
CMD HEM HA . -45.01 -0.71 -1.39
CAD HEM HA . -45.16 -1.17 -4.71
CBD HEM HA . -46.67 -1.19 -4.89
CGD HEM HA . -47.09 -2.54 -5.39
O1D HEM HA . -46.24 -3.27 -5.95
O2D HEM HA . -48.29 -2.89 -5.26
NA HEM HA . -43.64 3.97 -5.80
NB HEM HA . -42.57 6.08 -4.10
NC HEM HA . -43.17 4.54 -1.91
ND HEM HA . -44.26 2.35 -3.57
FE HEM HA . -43.43 4.28 -3.83
MG MG IA . -46.12 -1.44 -11.84
C1 NAG JA . -46.03 -4.34 -26.56
C2 NAG JA . -47.05 -3.26 -26.93
C3 NAG JA . -47.01 -2.78 -28.39
C4 NAG JA . -46.34 -3.73 -29.39
C5 NAG JA . -45.47 -4.82 -28.76
C6 NAG JA . -44.29 -5.15 -29.66
C7 NAG JA . -49.06 -3.23 -25.62
C8 NAG JA . -50.43 -3.79 -25.35
N2 NAG JA . -48.36 -3.77 -26.60
O3 NAG JA . -46.42 -1.51 -28.50
O4 NAG JA . -47.34 -4.35 -30.20
O5 NAG JA . -44.99 -4.38 -27.50
O6 NAG JA . -43.26 -4.24 -29.39
O7 NAG JA . -48.63 -2.30 -24.95
C ACT KA . -39.70 3.38 -4.75
O ACT KA . -40.94 3.17 -4.78
OXT ACT KA . -38.99 2.62 -5.46
CH3 ACT KA . -39.12 4.48 -3.89
S SO4 LA . -56.24 17.30 -16.62
O1 SO4 LA . -57.38 18.20 -16.71
O2 SO4 LA . -55.10 17.87 -17.34
O3 SO4 LA . -55.90 17.08 -15.21
O4 SO4 LA . -56.58 16.04 -17.27
S SO4 MA . -57.29 8.18 -13.55
O1 SO4 MA . -58.39 8.64 -14.38
O2 SO4 MA . -56.08 8.05 -14.37
O3 SO4 MA . -57.06 9.16 -12.49
O4 SO4 MA . -57.60 6.88 -12.95
S SO4 NA . -20.59 -0.35 -10.26
O1 SO4 NA . -21.40 -0.51 -11.48
O2 SO4 NA . -19.68 0.78 -10.41
O3 SO4 NA . -21.48 -0.13 -9.13
O4 SO4 NA . -19.78 -1.55 -10.04
S SO4 OA . -60.28 -7.93 -9.99
O1 SO4 OA . -60.69 -6.86 -10.89
O2 SO4 OA . -59.32 -7.41 -9.03
O3 SO4 OA . -61.45 -8.45 -9.28
O4 SO4 OA . -59.67 -9.01 -10.77
C ACT PA . -51.89 24.69 -15.57
O ACT PA . -50.67 24.86 -15.79
OXT ACT PA . -52.22 24.58 -14.36
CH3 ACT PA . -52.90 24.65 -16.68
CHA HEM QA . 44.91 -5.54 2.94
CHB HEM QA . 42.95 -4.85 7.28
CHC HEM QA . 41.77 -0.21 6.41
CHD HEM QA . 44.13 -0.78 2.24
C1A HEM QA . 44.48 -5.76 4.22
C2A HEM QA . 44.64 -7.00 4.98
C3A HEM QA . 44.16 -6.77 6.20
C4A HEM QA . 43.61 -5.42 6.23
CMA HEM QA . 44.01 -7.81 7.33
CAA HEM QA . 45.30 -8.31 4.51
CBA HEM QA . 44.49 -9.02 3.42
CGA HEM QA . 45.43 -9.74 2.49
O1A HEM QA . 45.77 -10.93 2.74
O2A HEM QA . 45.88 -9.10 1.49
C1B HEM QA . 42.38 -3.59 7.37
C2B HEM QA . 41.62 -3.12 8.51
C3B HEM QA . 41.27 -1.87 8.28
C4B HEM QA . 41.87 -1.45 7.02
CMB HEM QA . 41.25 -3.95 9.76
CAB HEM QA . 40.44 -1.01 9.26
CBB HEM QA . 39.58 -0.10 8.82
C1C HEM QA . 42.38 0.07 5.22
C2C HEM QA . 42.47 1.36 4.55
C3C HEM QA . 43.15 1.15 3.41
C4C HEM QA . 43.46 -0.24 3.30
CMC HEM QA . 41.95 2.72 5.07
CAC HEM QA . 43.49 2.20 2.35
CBC HEM QA . 43.00 3.44 2.55
C1D HEM QA . 44.44 -2.08 2.01
C2D HEM QA . 44.96 -2.57 0.76
C3D HEM QA . 45.25 -4.05 0.97
C4D HEM QA . 44.87 -4.31 2.34
CMD HEM QA . 45.25 -1.75 -0.51
CAD HEM QA . 45.77 -5.03 -0.07
CBD HEM QA . 47.24 -5.35 0.17
CGD HEM QA . 47.67 -6.25 -0.96
O1D HEM QA . 46.78 -6.98 -1.54
O2D HEM QA . 48.87 -6.22 -1.30
NA HEM QA . 43.90 -4.80 5.02
NB HEM QA . 42.51 -2.55 6.47
NC HEM QA . 43.00 -0.89 4.42
ND HEM QA . 44.37 -3.13 2.92
FE HEM QA . 43.46 -2.83 4.71
MG MG RA . 47.36 -11.95 2.23
C1 NAG SA . 48.72 -26.96 4.29
C2 NAG SA . 49.46 -26.74 5.63
C3 NAG SA . 49.67 -28.03 6.42
C4 NAG SA . 48.44 -28.94 6.39
C5 NAG SA . 48.00 -29.10 4.94
C6 NAG SA . 46.86 -30.10 4.74
C7 NAG SA . 51.00 -24.82 5.69
C8 NAG SA . 52.38 -24.31 5.39
N2 NAG SA . 50.75 -26.10 5.38
O3 NAG SA . 50.00 -27.74 7.76
O4 NAG SA . 48.73 -30.20 6.96
O5 NAG SA . 47.61 -27.83 4.45
O6 NAG SA . 45.69 -29.63 5.37
O7 NAG SA . 50.16 -24.07 6.20
C1 NAG TA . 23.44 -18.43 15.61
C2 NAG TA . 21.96 -18.77 15.34
C3 NAG TA . 21.15 -18.81 16.63
C4 NAG TA . 21.83 -19.79 17.56
C5 NAG TA . 23.20 -19.21 17.89
C6 NAG TA . 23.92 -20.03 18.95
C7 NAG TA . 21.16 -18.21 13.11
C8 NAG TA . 20.37 -17.23 12.28
N2 NAG TA . 21.30 -17.90 14.40
O3 NAG TA . 19.84 -19.22 16.36
O4 NAG TA . 21.04 -20.03 18.70
O5 NAG TA . 23.97 -19.19 16.71
O6 NAG TA . 24.51 -21.17 18.36
O7 NAG TA . 21.66 -19.20 12.59
C1 NAG UA . 36.55 21.79 5.81
C2 NAG UA . 36.25 23.24 6.21
C3 NAG UA . 36.94 24.27 5.32
C4 NAG UA . 38.37 23.86 5.01
C5 NAG UA . 38.38 22.42 4.51
C6 NAG UA . 39.75 21.97 4.00
C7 NAG UA . 34.14 24.00 7.15
C8 NAG UA . 32.64 24.08 6.95
N2 NAG UA . 34.82 23.42 6.16
O3 NAG UA . 36.95 25.51 5.96
O4 NAG UA . 38.90 24.74 4.05
O5 NAG UA . 37.93 21.59 5.56
O6 NAG UA . 40.64 21.82 5.08
O7 NAG UA . 34.67 24.47 8.15
C ACT VA . 39.80 -4.27 4.14
O ACT VA . 40.94 -4.63 3.77
OXT ACT VA . 38.83 -4.91 3.67
CH3 ACT VA . 39.63 -3.12 5.09
S SO4 WA . 56.06 -9.85 22.35
O1 SO4 WA . 54.70 -10.39 22.38
O2 SO4 WA . 56.38 -9.32 21.03
O3 SO4 WA . 56.17 -8.77 23.33
O4 SO4 WA . 56.98 -10.94 22.67
S SO4 XA . 21.58 -12.84 1.51
O1 SO4 XA . 20.77 -13.14 0.33
O2 SO4 XA . 22.34 -11.61 1.29
O3 SO4 XA . 20.67 -12.66 2.64
O4 SO4 XA . 22.49 -13.96 1.79
#